data_8XRZ
#
_entry.id   8XRZ
#
_cell.length_a   81.566
_cell.length_b   81.566
_cell.length_c   667.529
_cell.angle_alpha   90.00
_cell.angle_beta   90.00
_cell.angle_gamma   120.00
#
_symmetry.space_group_name_H-M   'P 61'
#
loop_
_entity.id
_entity.type
_entity.pdbx_description
1 polymer 'Carboxylic ester hydrolase'
2 non-polymer 'SULFATE ION'
3 non-polymer '4-oxidanylbutyl ~{N}-[4-[(4-aminophenyl)methyl]phenyl]carbamate'
4 water water
#
_entity_poly.entity_id   1
_entity_poly.type   'polypeptide(L)'
_entity_poly.pdbx_seq_one_letter_code
;MHHHHHHENLYFQGAGAGAGAGAMATARELHDVIVETRYGAVRGRSDGTVCVWKGVPFARPPVGPLRFRPPEPPEPWSGV
RDATRFGPASVQPEDRLISNLTGGATLPQDEDCLYLNIWSPSPDGRRPVMVWIHGGAYLTGAGSIPWYDGTALAREGDVV
VVTLNYRLGALGFLYLEDAFGPEFTGSGNLGILDQIAALRWVRENIAAFGGDPDRVTIFGEAAGAGSVGVLLAAPAARGL
FHRAILQSGSGALGVRTAASAARVAARVLQHAGVEPGDREALRSLPARAWANAVAALGPGLPLGPVVDGTVLPEHPMAAL
ARGAARDVAVLVGVNKDEYNLFALQDPAWLGDDEAALRQRVEAVVGPAAGRLIEFYRSRGEGSLGRRLLPLMSYAVFVRG
MLATADAQARVGAPVWAYRFDFETPVLGGVLGACHALEIPFVFNTLDRAGADRFTGTAPERYAVAQAMHRAWIAFAREGN
PQHDGLPEWPRYDLEERAVMVFAVEPRVERDPWRAEREVWAAAGVGA
;
_entity_poly.pdbx_strand_id   A,B,C,D
#
loop_
_chem_comp.id
_chem_comp.type
_chem_comp.name
_chem_comp.formula
A1D5F non-polymer '4-oxidanylbutyl ~{N}-[4-[(4-aminophenyl)methyl]phenyl]carbamate' 'C18 H22 N2 O3'
SO4 non-polymer 'SULFATE ION' 'O4 S -2'
#
# COMPACT_ATOMS: atom_id res chain seq x y z
N LEU A 30 -70.07 6.07 -7.87
CA LEU A 30 -69.24 6.34 -9.09
C LEU A 30 -70.04 7.14 -10.11
N HIS A 31 -69.61 8.37 -10.42
CA HIS A 31 -70.16 9.15 -11.52
C HIS A 31 -69.05 9.62 -12.45
N ASP A 32 -69.40 9.76 -13.74
CA ASP A 32 -68.44 10.17 -14.76
C ASP A 32 -68.12 11.64 -14.58
N VAL A 33 -66.89 12.02 -14.92
CA VAL A 33 -66.46 13.40 -14.95
C VAL A 33 -65.72 13.59 -16.25
N ILE A 34 -66.12 14.61 -17.03
CA ILE A 34 -65.43 14.91 -18.26
C ILE A 34 -64.64 16.20 -18.11
N VAL A 35 -63.35 16.19 -18.46
CA VAL A 35 -62.52 17.40 -18.38
C VAL A 35 -61.95 17.71 -19.77
N GLU A 36 -61.62 19.00 -20.01
CA GLU A 36 -60.93 19.41 -21.23
C GLU A 36 -59.45 19.69 -20.97
N THR A 37 -58.60 18.97 -21.70
CA THR A 37 -57.18 19.27 -21.83
C THR A 37 -57.01 20.21 -23.01
N ARG A 38 -55.79 20.69 -23.23
CA ARG A 38 -55.53 21.54 -24.37
C ARG A 38 -55.76 20.76 -25.65
N TYR A 39 -55.57 19.41 -25.60
CA TYR A 39 -55.56 18.61 -26.80
C TYR A 39 -56.94 18.00 -27.02
N GLY A 40 -57.74 17.85 -25.97
CA GLY A 40 -59.08 17.30 -26.12
C GLY A 40 -59.74 17.15 -24.77
N ALA A 41 -61.03 16.75 -24.82
CA ALA A 41 -61.80 16.35 -23.65
C ALA A 41 -61.42 14.94 -23.21
N VAL A 42 -61.42 14.69 -21.90
CA VAL A 42 -61.13 13.35 -21.39
C VAL A 42 -62.19 13.00 -20.36
N ARG A 43 -62.57 11.69 -20.29
CA ARG A 43 -63.64 11.24 -19.43
C ARG A 43 -63.09 10.44 -18.25
N GLY A 44 -63.32 10.90 -17.04
CA GLY A 44 -62.85 10.23 -15.82
C GLY A 44 -63.99 9.80 -14.90
N ARG A 45 -63.63 9.30 -13.70
CA ARG A 45 -64.56 8.66 -12.79
C ARG A 45 -64.43 9.28 -11.40
N SER A 46 -65.55 9.42 -10.70
CA SER A 46 -65.59 9.98 -9.35
C SER A 46 -66.56 9.19 -8.49
N ASP A 47 -66.16 8.94 -7.24
CA ASP A 47 -67.02 8.28 -6.26
C ASP A 47 -67.73 9.29 -5.35
N GLY A 48 -67.61 10.60 -5.66
CA GLY A 48 -68.22 11.63 -4.87
C GLY A 48 -67.25 12.20 -3.83
N THR A 49 -66.12 11.51 -3.61
CA THR A 49 -65.12 11.98 -2.68
C THR A 49 -63.88 12.45 -3.46
N VAL A 50 -63.44 11.62 -4.41
CA VAL A 50 -62.27 11.85 -5.20
C VAL A 50 -62.61 11.50 -6.64
N CYS A 51 -62.00 12.24 -7.59
CA CYS A 51 -62.08 11.94 -9.01
C CYS A 51 -60.73 11.41 -9.47
N VAL A 52 -60.76 10.38 -10.32
CA VAL A 52 -59.53 9.82 -10.85
C VAL A 52 -59.62 9.86 -12.38
N TRP A 53 -58.57 10.39 -13.00
CA TRP A 53 -58.34 10.32 -14.42
C TRP A 53 -57.06 9.55 -14.68
N LYS A 54 -57.16 8.52 -15.55
CA LYS A 54 -56.07 7.57 -15.75
C LYS A 54 -55.78 7.46 -17.24
N GLY A 55 -54.50 7.17 -17.55
CA GLY A 55 -54.05 7.04 -18.92
C GLY A 55 -54.39 8.25 -19.81
N VAL A 56 -54.27 9.45 -19.25
CA VAL A 56 -54.34 10.69 -19.98
C VAL A 56 -52.99 10.89 -20.67
N PRO A 57 -52.95 11.02 -22.01
CA PRO A 57 -51.68 11.07 -22.74
C PRO A 57 -51.13 12.48 -22.72
N PHE A 58 -49.85 12.61 -22.33
CA PHE A 58 -49.20 13.92 -22.29
C PHE A 58 -48.24 14.10 -23.47
N ALA A 59 -48.05 13.09 -24.29
CA ALA A 59 -47.09 13.22 -25.39
C ALA A 59 -47.49 12.31 -26.53
N ARG A 60 -46.97 12.64 -27.70
CA ARG A 60 -47.15 11.82 -28.87
C ARG A 60 -46.40 10.50 -28.67
N PRO A 61 -46.93 9.38 -29.22
CA PRO A 61 -46.24 8.09 -29.16
C PRO A 61 -44.85 8.10 -29.80
N PRO A 62 -43.78 7.71 -29.07
CA PRO A 62 -42.42 7.74 -29.60
C PRO A 62 -42.15 6.45 -30.37
N VAL A 63 -42.82 6.32 -31.51
CA VAL A 63 -42.76 5.11 -32.29
C VAL A 63 -42.42 5.46 -33.73
N GLY A 64 -41.88 4.48 -34.48
CA GLY A 64 -41.44 4.67 -35.84
C GLY A 64 -40.39 5.78 -35.92
N PRO A 65 -40.64 6.84 -36.71
CA PRO A 65 -39.72 7.98 -36.80
C PRO A 65 -39.43 8.64 -35.45
N LEU A 66 -40.47 8.74 -34.59
CA LEU A 66 -40.37 9.41 -33.30
C LEU A 66 -39.56 8.56 -32.31
N ARG A 67 -39.41 7.26 -32.58
CA ARG A 67 -38.62 6.42 -31.68
C ARG A 67 -37.18 6.96 -31.55
N PHE A 68 -36.65 6.90 -30.32
CA PHE A 68 -35.31 7.39 -29.98
C PHE A 68 -35.20 8.89 -30.24
N ARG A 69 -36.32 9.63 -30.13
CA ARG A 69 -36.31 11.07 -30.37
C ARG A 69 -37.03 11.79 -29.25
N PRO A 70 -36.77 13.09 -29.04
CA PRO A 70 -37.45 13.83 -27.99
C PRO A 70 -38.96 13.74 -28.09
N PRO A 71 -39.64 13.87 -26.94
CA PRO A 71 -41.09 13.72 -26.84
C PRO A 71 -41.82 14.80 -27.61
N GLU A 72 -42.95 14.42 -28.20
CA GLU A 72 -43.75 15.32 -29.03
C GLU A 72 -45.14 15.46 -28.42
N PRO A 73 -45.83 16.60 -28.60
CA PRO A 73 -47.16 16.80 -28.04
C PRO A 73 -48.14 15.79 -28.62
N PRO A 74 -49.14 15.35 -27.84
CA PRO A 74 -50.08 14.34 -28.34
C PRO A 74 -50.92 14.90 -29.48
N GLU A 75 -51.37 14.01 -30.36
CA GLU A 75 -52.21 14.42 -31.47
C GLU A 75 -53.61 14.70 -30.97
N PRO A 76 -54.23 15.83 -31.37
CA PRO A 76 -55.60 16.14 -30.98
C PRO A 76 -56.60 15.11 -31.50
N TRP A 77 -57.60 14.82 -30.70
CA TRP A 77 -58.70 13.94 -31.03
C TRP A 77 -60.04 14.70 -30.94
N SER A 78 -60.91 14.39 -31.92
CA SER A 78 -62.32 14.67 -31.82
C SER A 78 -62.94 13.66 -30.86
N GLY A 79 -63.98 14.08 -30.19
CA GLY A 79 -64.65 13.19 -29.29
C GLY A 79 -64.13 13.35 -27.88
N VAL A 80 -64.74 12.59 -27.00
CA VAL A 80 -64.37 12.55 -25.61
C VAL A 80 -63.52 11.29 -25.47
N ARG A 81 -62.25 11.46 -25.09
CA ARG A 81 -61.33 10.33 -24.99
C ARG A 81 -61.51 9.74 -23.60
N ASP A 82 -61.52 8.42 -23.52
CA ASP A 82 -61.61 7.73 -22.25
C ASP A 82 -60.35 8.00 -21.43
N ALA A 83 -60.56 8.36 -20.14
CA ALA A 83 -59.47 8.41 -19.16
C ALA A 83 -59.77 7.49 -17.97
N THR A 84 -60.57 6.44 -18.21
CA THR A 84 -60.91 5.48 -17.17
C THR A 84 -59.86 4.38 -16.98
N ARG A 85 -59.10 4.02 -18.03
CA ARG A 85 -58.19 2.88 -17.97
C ARG A 85 -56.73 3.30 -18.09
N PHE A 86 -55.85 2.61 -17.36
CA PHE A 86 -54.41 2.91 -17.40
C PHE A 86 -53.87 2.55 -18.79
N GLY A 87 -52.89 3.33 -19.27
CA GLY A 87 -52.17 3.04 -20.48
C GLY A 87 -51.17 1.90 -20.27
N PRO A 88 -50.63 1.32 -21.35
CA PRO A 88 -49.59 0.30 -21.23
C PRO A 88 -48.31 0.88 -20.64
N ALA A 89 -47.61 0.03 -19.87
CA ALA A 89 -46.31 0.38 -19.29
C ALA A 89 -45.23 0.32 -20.37
N SER A 90 -44.08 0.90 -20.05
CA SER A 90 -42.90 0.79 -20.89
C SER A 90 -42.43 -0.65 -20.92
N VAL A 91 -41.83 -1.05 -22.03
CA VAL A 91 -41.41 -2.43 -22.20
C VAL A 91 -40.29 -2.66 -21.19
N GLN A 92 -40.36 -3.75 -20.45
CA GLN A 92 -39.43 -3.99 -19.36
C GLN A 92 -39.12 -5.47 -19.26
N PRO A 93 -37.93 -5.83 -18.70
CA PRO A 93 -37.68 -7.22 -18.33
C PRO A 93 -38.47 -7.55 -17.07
N GLU A 94 -38.68 -8.83 -16.78
CA GLU A 94 -39.31 -9.22 -15.52
C GLU A 94 -38.30 -9.13 -14.39
N ASP A 95 -38.31 -8.03 -13.61
CA ASP A 95 -37.40 -7.91 -12.48
C ASP A 95 -37.79 -8.84 -11.34
N ARG A 96 -39.05 -8.78 -10.92
CA ARG A 96 -39.57 -9.73 -9.94
C ARG A 96 -38.86 -9.71 -8.55
N LEU A 97 -38.04 -8.71 -8.23
CA LEU A 97 -37.31 -8.67 -6.96
C LEU A 97 -38.30 -8.65 -5.80
N ILE A 98 -39.27 -7.71 -5.83
CA ILE A 98 -40.29 -7.61 -4.81
C ILE A 98 -41.54 -8.35 -5.25
N SER A 99 -41.72 -8.49 -6.56
CA SER A 99 -42.90 -9.15 -7.10
C SER A 99 -42.93 -10.64 -6.72
N ASN A 100 -41.75 -11.23 -6.52
CA ASN A 100 -41.68 -12.64 -6.16
C ASN A 100 -42.15 -12.80 -4.72
N LEU A 101 -41.85 -11.81 -3.88
CA LEU A 101 -42.33 -11.84 -2.50
C LEU A 101 -43.80 -11.47 -2.49
N THR A 102 -44.12 -10.42 -3.26
CA THR A 102 -45.39 -9.71 -3.22
C THR A 102 -46.39 -10.42 -4.15
N GLY A 103 -47.66 -10.01 -4.10
CA GLY A 103 -48.60 -10.59 -5.05
C GLY A 103 -48.42 -10.02 -6.46
N GLY A 104 -47.53 -9.01 -6.57
CA GLY A 104 -47.36 -8.18 -7.76
C GLY A 104 -47.19 -9.02 -9.03
N ALA A 105 -47.76 -8.54 -10.14
CA ALA A 105 -47.76 -9.27 -11.39
C ALA A 105 -47.31 -8.35 -12.51
N THR A 106 -47.08 -8.91 -13.70
CA THR A 106 -46.37 -8.20 -14.75
C THR A 106 -47.32 -7.15 -15.32
N LEU A 107 -46.79 -5.96 -15.62
CA LEU A 107 -47.60 -4.90 -16.17
C LEU A 107 -47.74 -5.14 -17.67
N PRO A 108 -48.93 -4.95 -18.32
CA PRO A 108 -49.00 -4.78 -19.77
C PRO A 108 -48.11 -3.62 -20.28
N GLN A 109 -47.44 -3.87 -21.40
CA GLN A 109 -46.36 -3.01 -21.82
C GLN A 109 -46.47 -2.70 -23.32
N ASP A 110 -46.11 -1.46 -23.65
CA ASP A 110 -46.00 -0.99 -25.02
C ASP A 110 -45.05 0.21 -25.06
N GLU A 111 -44.52 0.49 -26.27
CA GLU A 111 -43.64 1.63 -26.44
C GLU A 111 -44.47 2.91 -26.39
N ASP A 112 -45.71 2.84 -26.86
CA ASP A 112 -46.66 3.93 -26.68
C ASP A 112 -47.17 3.87 -25.24
N CYS A 113 -46.40 4.49 -24.33
CA CYS A 113 -46.64 4.35 -22.90
C CYS A 113 -46.68 5.70 -22.19
N LEU A 114 -46.57 6.78 -22.94
CA LEU A 114 -46.37 8.10 -22.37
C LEU A 114 -47.69 8.68 -21.90
N TYR A 115 -48.08 8.29 -20.68
CA TYR A 115 -49.36 8.66 -20.10
C TYR A 115 -49.15 9.06 -18.65
N LEU A 116 -50.06 9.91 -18.17
CA LEU A 116 -50.08 10.31 -16.77
C LEU A 116 -51.51 10.09 -16.26
N ASN A 117 -51.64 10.02 -14.94
CA ASN A 117 -52.88 9.72 -14.25
C ASN A 117 -53.10 10.76 -13.15
N ILE A 118 -54.34 11.25 -13.03
CA ILE A 118 -54.68 12.34 -12.12
C ILE A 118 -55.80 11.86 -11.20
N TRP A 119 -55.59 12.05 -9.89
CA TRP A 119 -56.66 12.01 -8.91
C TRP A 119 -56.85 13.42 -8.33
N SER A 120 -58.09 13.87 -8.26
CA SER A 120 -58.44 15.19 -7.76
C SER A 120 -59.82 15.11 -7.11
N PRO A 121 -60.09 15.85 -6.03
CA PRO A 121 -61.45 15.91 -5.49
C PRO A 121 -62.46 16.44 -6.51
N SER A 122 -62.12 17.50 -7.24
CA SER A 122 -63.03 18.04 -8.24
C SER A 122 -62.23 18.84 -9.24
N PRO A 123 -62.62 18.91 -10.53
CA PRO A 123 -61.88 19.71 -11.51
C PRO A 123 -61.80 21.19 -11.18
N ASP A 124 -62.76 21.71 -10.43
CA ASP A 124 -62.72 23.13 -10.02
C ASP A 124 -61.60 23.36 -9.01
N GLY A 125 -60.92 24.52 -9.08
CA GLY A 125 -59.93 24.84 -8.03
C GLY A 125 -58.51 24.94 -8.48
N ARG A 126 -57.62 25.37 -7.58
CA ARG A 126 -56.18 25.48 -7.88
C ARG A 126 -55.45 24.85 -6.69
N ARG A 127 -55.55 23.52 -6.56
CA ARG A 127 -54.93 22.79 -5.42
C ARG A 127 -53.42 22.61 -5.58
N PRO A 128 -52.66 22.39 -4.49
CA PRO A 128 -51.26 22.08 -4.61
C PRO A 128 -51.13 20.76 -5.36
N VAL A 129 -50.11 20.63 -6.20
CA VAL A 129 -50.00 19.41 -7.05
C VAL A 129 -48.79 18.55 -6.65
N MET A 130 -49.00 17.24 -6.43
CA MET A 130 -47.90 16.32 -6.18
C MET A 130 -47.64 15.43 -7.40
N VAL A 131 -46.45 15.54 -7.99
CA VAL A 131 -46.13 14.81 -9.20
C VAL A 131 -45.12 13.76 -8.83
N TRP A 132 -45.47 12.51 -9.11
CA TRP A 132 -44.76 11.36 -8.59
C TRP A 132 -43.92 10.72 -9.69
N ILE A 133 -42.62 10.50 -9.39
CA ILE A 133 -41.74 9.79 -10.28
C ILE A 133 -41.41 8.45 -9.62
N HIS A 134 -41.81 7.35 -10.26
CA HIS A 134 -41.65 6.03 -9.68
C HIS A 134 -40.20 5.52 -9.84
N GLY A 135 -39.83 4.58 -8.94
CA GLY A 135 -38.51 3.99 -8.97
C GLY A 135 -38.51 2.70 -9.78
N GLY A 136 -37.49 1.88 -9.55
CA GLY A 136 -37.25 0.72 -10.39
C GLY A 136 -35.95 0.81 -11.19
N ALA A 137 -35.06 1.70 -10.78
CA ALA A 137 -33.68 1.63 -11.24
C ALA A 137 -33.53 2.09 -12.68
N TYR A 138 -34.50 2.90 -13.16
CA TYR A 138 -34.54 3.41 -14.51
C TYR A 138 -34.91 2.32 -15.52
N LEU A 139 -35.26 1.10 -15.07
CA LEU A 139 -35.49 0.01 -15.99
C LEU A 139 -36.89 -0.58 -15.88
N THR A 140 -37.57 -0.42 -14.74
CA THR A 140 -38.88 -1.03 -14.52
C THR A 140 -39.81 -0.11 -13.73
N GLY A 141 -41.09 -0.55 -13.61
CA GLY A 141 -42.13 0.22 -12.94
C GLY A 141 -43.00 1.03 -13.91
N ALA A 142 -44.11 1.57 -13.39
CA ALA A 142 -45.05 2.41 -14.13
C ALA A 142 -45.89 3.23 -13.16
N GLY A 143 -46.49 4.31 -13.65
CA GLY A 143 -47.44 5.05 -12.84
C GLY A 143 -48.69 4.24 -12.50
N SER A 144 -48.99 3.24 -13.34
CA SER A 144 -50.16 2.40 -13.21
C SER A 144 -50.04 1.44 -12.02
N ILE A 145 -48.86 1.29 -11.44
CA ILE A 145 -48.71 0.42 -10.28
C ILE A 145 -49.65 0.88 -9.17
N PRO A 146 -50.51 0.00 -8.59
CA PRO A 146 -51.48 0.38 -7.56
C PRO A 146 -50.91 1.09 -6.36
N TRP A 147 -49.65 0.81 -6.01
CA TRP A 147 -49.02 1.50 -4.89
C TRP A 147 -48.96 3.01 -5.06
N TYR A 148 -49.01 3.51 -6.31
CA TYR A 148 -48.91 4.94 -6.58
C TYR A 148 -50.29 5.57 -6.77
N ASP A 149 -51.35 4.90 -6.32
CA ASP A 149 -52.68 5.46 -6.45
C ASP A 149 -52.83 6.75 -5.61
N GLY A 150 -53.30 7.83 -6.22
CA GLY A 150 -53.35 9.13 -5.54
C GLY A 150 -54.61 9.37 -4.70
N THR A 151 -55.51 8.40 -4.52
CA THR A 151 -56.78 8.69 -3.87
C THR A 151 -56.54 9.17 -2.44
N ALA A 152 -55.73 8.43 -1.68
CA ALA A 152 -55.48 8.72 -0.29
C ALA A 152 -54.77 10.05 -0.16
N LEU A 153 -53.72 10.28 -0.98
CA LEU A 153 -53.03 11.56 -0.91
C LEU A 153 -54.01 12.69 -1.20
N ALA A 154 -54.87 12.49 -2.22
CA ALA A 154 -55.77 13.53 -2.68
C ALA A 154 -56.82 13.85 -1.62
N ARG A 155 -57.45 12.82 -1.04
CA ARG A 155 -58.53 13.05 -0.10
C ARG A 155 -58.05 13.73 1.18
N GLU A 156 -56.94 13.23 1.75
CA GLU A 156 -56.47 13.64 3.08
C GLU A 156 -55.97 15.08 3.03
N GLY A 157 -55.15 15.40 2.02
CA GLY A 157 -54.40 16.65 2.01
C GLY A 157 -55.01 17.76 1.14
N ASP A 158 -56.10 17.45 0.42
CA ASP A 158 -56.78 18.40 -0.44
C ASP A 158 -55.80 18.88 -1.52
N VAL A 159 -55.13 17.94 -2.17
CA VAL A 159 -54.23 18.23 -3.28
C VAL A 159 -54.60 17.37 -4.49
N VAL A 160 -54.07 17.77 -5.65
CA VAL A 160 -54.13 16.96 -6.86
C VAL A 160 -52.80 16.22 -7.06
N VAL A 161 -52.88 14.90 -7.26
CA VAL A 161 -51.68 14.08 -7.34
C VAL A 161 -51.67 13.49 -8.75
N VAL A 162 -50.52 13.56 -9.41
CA VAL A 162 -50.31 13.02 -10.74
C VAL A 162 -49.20 11.99 -10.67
N THR A 163 -49.46 10.82 -11.28
CA THR A 163 -48.43 9.82 -11.50
C THR A 163 -48.24 9.64 -12.99
N LEU A 164 -46.99 9.35 -13.41
CA LEU A 164 -46.64 9.47 -14.82
C LEU A 164 -45.78 8.28 -15.22
N ASN A 165 -45.57 8.17 -16.53
CA ASN A 165 -44.63 7.22 -17.11
C ASN A 165 -43.53 7.99 -17.84
N TYR A 166 -42.30 7.58 -17.63
CA TYR A 166 -41.17 8.01 -18.43
C TYR A 166 -40.58 6.76 -19.09
N ARG A 167 -39.93 6.99 -20.24
CA ARG A 167 -39.31 5.93 -21.03
C ARG A 167 -38.12 5.32 -20.28
N LEU A 168 -38.05 4.01 -20.32
CA LEU A 168 -37.13 3.20 -19.52
C LEU A 168 -36.17 2.47 -20.44
N GLY A 169 -35.00 2.12 -19.89
CA GLY A 169 -34.06 1.27 -20.57
C GLY A 169 -33.50 1.95 -21.81
N ALA A 170 -33.18 1.14 -22.80
CA ALA A 170 -32.58 1.62 -24.04
C ALA A 170 -33.49 2.64 -24.72
N LEU A 171 -34.81 2.36 -24.73
CA LEU A 171 -35.73 3.27 -25.41
C LEU A 171 -35.83 4.58 -24.63
N GLY A 172 -35.65 4.51 -23.33
CA GLY A 172 -35.58 5.67 -22.46
C GLY A 172 -34.16 6.26 -22.40
N PHE A 173 -33.11 5.43 -22.29
CA PHE A 173 -31.82 5.91 -21.78
C PHE A 173 -30.65 5.42 -22.61
N LEU A 174 -30.89 4.89 -23.82
CA LEU A 174 -29.76 4.46 -24.63
C LEU A 174 -28.99 5.65 -25.17
N TYR A 175 -27.68 5.65 -24.94
CA TYR A 175 -26.81 6.73 -25.33
C TYR A 175 -26.28 6.40 -26.71
N LEU A 176 -26.86 7.05 -27.73
CA LEU A 176 -26.64 6.65 -29.11
C LEU A 176 -25.75 7.65 -29.83
N GLU A 177 -25.21 8.65 -29.13
CA GLU A 177 -24.56 9.77 -29.80
C GLU A 177 -23.32 9.30 -30.58
N ASP A 178 -22.58 8.31 -30.04
CA ASP A 178 -21.42 7.75 -30.74
C ASP A 178 -21.84 7.03 -32.02
N ALA A 179 -22.88 6.18 -31.91
CA ALA A 179 -23.29 5.29 -32.97
C ALA A 179 -23.87 6.05 -34.16
N PHE A 180 -24.73 7.05 -33.90
CA PHE A 180 -25.48 7.73 -34.94
C PHE A 180 -25.24 9.24 -34.91
N GLY A 181 -24.28 9.70 -34.10
CA GLY A 181 -23.77 11.06 -34.21
C GLY A 181 -24.61 12.09 -33.46
N PRO A 182 -24.42 13.40 -33.76
CA PRO A 182 -25.13 14.48 -33.07
C PRO A 182 -26.65 14.46 -33.28
N GLU A 183 -27.09 13.86 -34.38
CA GLU A 183 -28.49 13.88 -34.78
C GLU A 183 -29.41 13.36 -33.67
N PHE A 184 -28.90 12.39 -32.89
CA PHE A 184 -29.66 11.77 -31.83
C PHE A 184 -29.26 12.31 -30.45
N THR A 185 -28.86 13.59 -30.40
CA THR A 185 -28.50 14.24 -29.15
C THR A 185 -29.66 14.12 -28.15
N GLY A 186 -29.32 13.89 -26.88
CA GLY A 186 -30.31 13.76 -25.83
C GLY A 186 -30.83 12.34 -25.69
N SER A 187 -30.26 11.39 -26.44
CA SER A 187 -30.71 10.00 -26.38
C SER A 187 -30.51 9.44 -24.98
N GLY A 188 -29.45 9.95 -24.31
CA GLY A 188 -29.06 9.49 -22.99
C GLY A 188 -30.11 9.84 -21.94
N ASN A 189 -30.94 10.87 -22.21
CA ASN A 189 -31.82 11.49 -21.22
C ASN A 189 -33.27 11.49 -21.74
N LEU A 190 -33.62 10.58 -22.66
CA LEU A 190 -34.95 10.63 -23.24
C LEU A 190 -36.02 10.44 -22.17
N GLY A 191 -35.77 9.56 -21.20
CA GLY A 191 -36.74 9.30 -20.13
C GLY A 191 -36.96 10.55 -19.29
N ILE A 192 -35.91 11.35 -19.05
CA ILE A 192 -36.05 12.61 -18.32
C ILE A 192 -36.84 13.63 -19.15
N LEU A 193 -36.68 13.61 -20.47
CA LEU A 193 -37.38 14.55 -21.34
C LEU A 193 -38.89 14.31 -21.27
N ASP A 194 -39.29 13.05 -21.15
CA ASP A 194 -40.68 12.73 -20.96
C ASP A 194 -41.17 13.29 -19.64
N GLN A 195 -40.34 13.20 -18.59
CA GLN A 195 -40.71 13.75 -17.31
C GLN A 195 -40.94 15.25 -17.45
N ILE A 196 -40.10 15.90 -18.24
CA ILE A 196 -40.24 17.35 -18.44
C ILE A 196 -41.53 17.60 -19.20
N ALA A 197 -41.77 16.80 -20.24
CA ALA A 197 -42.99 16.94 -21.04
C ALA A 197 -44.21 16.71 -20.18
N ALA A 198 -44.13 15.75 -19.25
CA ALA A 198 -45.20 15.52 -18.28
C ALA A 198 -45.38 16.74 -17.36
N LEU A 199 -44.24 17.31 -16.94
CA LEU A 199 -44.28 18.50 -16.12
C LEU A 199 -44.85 19.67 -16.93
N ARG A 200 -44.55 19.75 -18.24
CA ARG A 200 -45.07 20.82 -19.08
C ARG A 200 -46.57 20.63 -19.28
N TRP A 201 -46.97 19.41 -19.57
CA TRP A 201 -48.37 19.04 -19.59
C TRP A 201 -49.10 19.44 -18.31
N VAL A 202 -48.47 19.26 -17.15
CA VAL A 202 -49.11 19.61 -15.88
C VAL A 202 -49.35 21.11 -15.77
N ARG A 203 -48.37 21.90 -16.20
CA ARG A 203 -48.59 23.34 -16.26
C ARG A 203 -49.74 23.69 -17.22
N GLU A 204 -49.87 22.97 -18.34
CA GLU A 204 -50.91 23.26 -19.30
C GLU A 204 -52.31 22.85 -18.81
N ASN A 205 -52.42 21.71 -18.15
CA ASN A 205 -53.69 21.03 -18.01
C ASN A 205 -54.15 20.88 -16.57
N ILE A 206 -53.30 21.11 -15.56
CA ILE A 206 -53.71 20.71 -14.22
C ILE A 206 -54.83 21.63 -13.72
N ALA A 207 -54.82 22.87 -14.17
CA ALA A 207 -55.89 23.79 -13.82
C ALA A 207 -57.25 23.19 -14.14
N ALA A 208 -57.37 22.54 -15.30
CA ALA A 208 -58.60 21.87 -15.72
C ALA A 208 -59.02 20.81 -14.72
N PHE A 209 -58.08 20.18 -14.02
CA PHE A 209 -58.40 19.11 -13.08
C PHE A 209 -58.35 19.63 -11.66
N GLY A 210 -58.19 20.95 -11.48
CA GLY A 210 -58.25 21.52 -10.16
C GLY A 210 -56.89 21.71 -9.47
N GLY A 211 -55.78 21.57 -10.19
CA GLY A 211 -54.50 21.87 -9.57
C GLY A 211 -54.00 23.27 -9.93
N ASP A 212 -53.07 23.78 -9.12
CA ASP A 212 -52.41 25.05 -9.38
C ASP A 212 -51.05 24.78 -10.00
N PRO A 213 -50.79 25.20 -11.27
CA PRO A 213 -49.47 25.06 -11.87
C PRO A 213 -48.38 25.83 -11.13
N ASP A 214 -48.77 26.82 -10.29
CA ASP A 214 -47.79 27.58 -9.53
C ASP A 214 -47.45 26.86 -8.22
N ARG A 215 -48.07 25.71 -7.99
CA ARG A 215 -47.78 24.90 -6.80
C ARG A 215 -47.55 23.44 -7.23
N VAL A 216 -46.41 23.16 -7.87
CA VAL A 216 -46.12 21.80 -8.32
C VAL A 216 -44.90 21.26 -7.58
N THR A 217 -45.10 20.12 -6.89
CA THR A 217 -44.04 19.43 -6.18
C THR A 217 -43.82 18.09 -6.86
N ILE A 218 -42.55 17.79 -7.13
CA ILE A 218 -42.17 16.51 -7.70
C ILE A 218 -41.60 15.65 -6.58
N PHE A 219 -41.99 14.36 -6.55
CA PHE A 219 -41.56 13.47 -5.49
C PHE A 219 -41.34 12.12 -6.12
N GLY A 220 -40.27 11.45 -5.70
CA GLY A 220 -39.93 10.15 -6.26
C GLY A 220 -39.18 9.30 -5.24
N GLU A 221 -39.15 7.99 -5.48
CA GLU A 221 -38.35 7.04 -4.72
C GLU A 221 -37.34 6.34 -5.62
N ALA A 222 -36.12 6.14 -5.12
CA ALA A 222 -35.07 5.41 -5.78
C ALA A 222 -34.73 6.07 -7.12
N ALA A 223 -34.93 5.38 -8.25
CA ALA A 223 -34.69 5.99 -9.55
C ALA A 223 -35.58 7.21 -9.81
N GLY A 224 -36.81 7.18 -9.29
CA GLY A 224 -37.67 8.36 -9.31
C GLY A 224 -37.02 9.57 -8.64
N ALA A 225 -36.43 9.31 -7.47
CA ALA A 225 -35.70 10.33 -6.73
C ALA A 225 -34.43 10.69 -7.48
N GLY A 226 -33.81 9.70 -8.13
CA GLY A 226 -32.64 9.97 -8.94
C GLY A 226 -32.97 10.94 -10.08
N SER A 227 -34.12 10.73 -10.74
CA SER A 227 -34.62 11.63 -11.76
C SER A 227 -34.91 13.02 -11.15
N VAL A 228 -35.41 13.05 -9.90
CA VAL A 228 -35.73 14.28 -9.21
C VAL A 228 -34.47 15.15 -9.06
N GLY A 229 -33.34 14.54 -8.71
CA GLY A 229 -32.12 15.30 -8.54
C GLY A 229 -31.66 15.87 -9.88
N VAL A 230 -31.87 15.14 -10.98
CA VAL A 230 -31.57 15.66 -12.31
C VAL A 230 -32.42 16.90 -12.61
N LEU A 231 -33.70 16.86 -12.22
CA LEU A 231 -34.62 17.94 -12.53
C LEU A 231 -34.18 19.25 -11.88
N LEU A 232 -33.63 19.18 -10.66
CA LEU A 232 -33.10 20.35 -10.00
C LEU A 232 -31.96 20.97 -10.81
N ALA A 233 -31.20 20.15 -11.55
CA ALA A 233 -30.11 20.65 -12.41
C ALA A 233 -30.64 21.06 -13.79
N ALA A 234 -31.60 20.30 -14.33
CA ALA A 234 -31.97 20.39 -15.74
C ALA A 234 -32.49 21.79 -16.09
N PRO A 235 -31.87 22.53 -17.04
CA PRO A 235 -32.34 23.87 -17.39
C PRO A 235 -33.73 23.90 -17.99
N ALA A 236 -34.09 22.86 -18.75
CA ALA A 236 -35.36 22.88 -19.44
C ALA A 236 -36.49 22.67 -18.44
N ALA A 237 -36.21 21.94 -17.35
CA ALA A 237 -37.17 21.76 -16.28
C ALA A 237 -37.40 23.01 -15.42
N ARG A 238 -36.55 24.02 -15.50
CA ARG A 238 -36.68 25.17 -14.62
C ARG A 238 -38.08 25.78 -14.74
N GLY A 239 -38.67 26.14 -13.57
CA GLY A 239 -39.97 26.79 -13.53
C GLY A 239 -41.12 25.83 -13.79
N LEU A 240 -40.88 24.52 -13.97
CA LEU A 240 -41.98 23.56 -14.11
C LEU A 240 -42.41 23.03 -12.73
N PHE A 241 -41.64 23.35 -11.72
CA PHE A 241 -41.94 22.90 -10.35
C PHE A 241 -41.24 23.83 -9.37
N HIS A 242 -41.76 23.91 -8.14
CA HIS A 242 -41.20 24.77 -7.09
C HIS A 242 -40.65 23.95 -5.90
N ARG A 243 -40.98 22.65 -5.81
CA ARG A 243 -40.57 21.84 -4.66
C ARG A 243 -40.16 20.46 -5.12
N ALA A 244 -39.32 19.80 -4.30
CA ALA A 244 -38.85 18.43 -4.59
C ALA A 244 -38.80 17.59 -3.31
N ILE A 245 -39.09 16.28 -3.45
CA ILE A 245 -39.03 15.29 -2.38
C ILE A 245 -38.25 14.14 -2.95
N LEU A 246 -37.16 13.80 -2.27
CA LEU A 246 -36.27 12.75 -2.73
C LEU A 246 -36.27 11.63 -1.68
N GLN A 247 -36.80 10.45 -2.08
CA GLN A 247 -36.82 9.30 -1.19
C GLN A 247 -35.90 8.21 -1.71
N SER A 248 -35.00 7.76 -0.82
CA SER A 248 -34.05 6.68 -1.09
C SER A 248 -33.31 6.93 -2.39
N GLY A 249 -32.91 8.17 -2.64
CA GLY A 249 -32.33 8.54 -3.91
C GLY A 249 -31.91 9.99 -3.90
N SER A 250 -31.13 10.34 -4.92
CA SER A 250 -30.53 11.64 -4.99
C SER A 250 -30.05 11.82 -6.41
N GLY A 251 -29.71 13.05 -6.78
CA GLY A 251 -29.09 13.28 -8.07
C GLY A 251 -27.74 12.56 -8.24
N ALA A 252 -27.12 12.08 -7.16
CA ALA A 252 -25.92 11.27 -7.32
C ALA A 252 -26.26 9.87 -7.89
N LEU A 253 -27.50 9.39 -7.68
CA LEU A 253 -27.85 8.00 -8.01
C LEU A 253 -27.88 7.79 -9.52
N GLY A 254 -26.92 7.01 -10.06
CA GLY A 254 -27.00 6.44 -11.38
C GLY A 254 -26.50 7.38 -12.48
N VAL A 255 -26.07 8.58 -12.14
CA VAL A 255 -25.85 9.53 -13.21
C VAL A 255 -24.50 9.21 -13.83
N ARG A 256 -24.42 9.20 -15.16
CA ARG A 256 -23.16 8.86 -15.82
C ARG A 256 -22.69 9.98 -16.76
N THR A 257 -21.37 9.99 -17.04
CA THR A 257 -20.74 10.87 -18.03
C THR A 257 -21.02 10.31 -19.42
N ALA A 258 -20.84 11.16 -20.45
CA ALA A 258 -21.16 10.81 -21.83
C ALA A 258 -20.28 9.67 -22.31
N ALA A 259 -18.99 9.70 -21.93
CA ALA A 259 -18.01 8.69 -22.34
C ALA A 259 -18.39 7.34 -21.74
N SER A 260 -18.72 7.36 -20.44
CA SER A 260 -19.14 6.18 -19.71
C SER A 260 -20.41 5.64 -20.34
N ALA A 261 -21.37 6.54 -20.61
CA ALA A 261 -22.62 6.16 -21.25
C ALA A 261 -22.38 5.64 -22.69
N ALA A 262 -21.43 6.21 -23.42
CA ALA A 262 -21.17 5.79 -24.82
C ALA A 262 -20.73 4.32 -24.88
N ARG A 263 -19.84 3.92 -23.97
CA ARG A 263 -19.32 2.53 -23.93
C ARG A 263 -20.46 1.54 -23.64
N VAL A 264 -21.39 1.92 -22.76
CA VAL A 264 -22.51 1.00 -22.36
C VAL A 264 -23.35 0.68 -23.61
N ALA A 265 -23.55 1.66 -24.48
CA ALA A 265 -24.42 1.46 -25.66
C ALA A 265 -23.88 0.36 -26.57
N ALA A 266 -22.56 0.32 -26.76
CA ALA A 266 -22.01 -0.67 -27.72
C ALA A 266 -22.33 -2.08 -27.25
N ARG A 267 -22.17 -2.36 -25.86
CA ARG A 267 -22.52 -3.69 -25.36
C ARG A 267 -23.99 -4.01 -25.60
N VAL A 268 -24.85 -3.04 -25.40
CA VAL A 268 -26.31 -3.29 -25.63
C VAL A 268 -26.53 -3.58 -27.12
N LEU A 269 -25.88 -2.82 -28.00
CA LEU A 269 -26.07 -3.01 -29.46
C LEU A 269 -25.59 -4.40 -29.86
N GLN A 270 -24.46 -4.86 -29.30
CA GLN A 270 -23.90 -6.17 -29.70
C GLN A 270 -24.91 -7.27 -29.32
N HIS A 271 -25.53 -7.16 -28.15
CA HIS A 271 -26.56 -8.13 -27.74
C HIS A 271 -27.79 -7.93 -28.62
N ALA A 272 -28.09 -6.66 -28.93
CA ALA A 272 -29.22 -6.32 -29.79
C ALA A 272 -28.99 -6.82 -31.21
N GLY A 273 -27.75 -6.75 -31.69
CA GLY A 273 -27.40 -7.11 -33.06
C GLY A 273 -27.67 -5.96 -34.03
N VAL A 274 -27.75 -4.74 -33.53
CA VAL A 274 -27.84 -3.57 -34.37
C VAL A 274 -26.43 -3.04 -34.56
N GLU A 275 -25.98 -2.94 -35.82
CA GLU A 275 -24.70 -2.31 -36.11
C GLU A 275 -24.81 -0.82 -35.80
N PRO A 276 -23.76 -0.21 -35.21
CA PRO A 276 -23.67 1.25 -35.13
C PRO A 276 -23.79 1.90 -36.51
N GLY A 277 -24.68 2.90 -36.63
CA GLY A 277 -24.83 3.64 -37.87
C GLY A 277 -25.88 3.06 -38.81
N ASP A 278 -26.50 1.93 -38.44
CA ASP A 278 -27.57 1.31 -39.24
C ASP A 278 -28.94 1.81 -38.76
N ARG A 279 -29.43 2.90 -39.38
CA ARG A 279 -30.66 3.52 -38.92
C ARG A 279 -31.85 2.58 -39.17
N GLU A 280 -31.83 1.88 -40.30
CA GLU A 280 -32.92 0.98 -40.64
C GLU A 280 -32.98 -0.15 -39.62
N ALA A 281 -31.82 -0.77 -39.33
CA ALA A 281 -31.75 -1.86 -38.37
C ALA A 281 -32.14 -1.36 -36.98
N LEU A 282 -31.74 -0.12 -36.66
CA LEU A 282 -32.15 0.51 -35.43
C LEU A 282 -33.67 0.55 -35.32
N ARG A 283 -34.34 0.93 -36.41
CA ARG A 283 -35.79 0.96 -36.46
C ARG A 283 -36.37 -0.43 -36.67
N SER A 284 -35.72 -1.24 -37.50
CA SER A 284 -36.25 -2.56 -37.86
C SER A 284 -36.34 -3.43 -36.61
N LEU A 285 -35.41 -3.24 -35.66
CA LEU A 285 -35.28 -4.16 -34.54
C LEU A 285 -36.58 -4.17 -33.74
N PRO A 286 -37.09 -5.36 -33.31
CA PRO A 286 -38.25 -5.41 -32.42
C PRO A 286 -37.96 -4.72 -31.08
N ALA A 287 -39.01 -4.14 -30.49
CA ALA A 287 -38.85 -3.37 -29.26
C ALA A 287 -38.40 -4.27 -28.11
N ARG A 288 -38.87 -5.52 -28.08
CA ARG A 288 -38.54 -6.44 -27.00
C ARG A 288 -37.03 -6.72 -26.98
N ALA A 289 -36.38 -6.72 -28.15
CA ALA A 289 -34.94 -6.98 -28.27
C ALA A 289 -34.12 -6.01 -27.44
N TRP A 290 -34.57 -4.76 -27.30
CA TRP A 290 -33.82 -3.79 -26.51
C TRP A 290 -33.83 -4.19 -25.04
N ALA A 291 -34.97 -4.70 -24.55
CA ALA A 291 -35.05 -5.15 -23.16
C ALA A 291 -34.08 -6.31 -22.93
N ASN A 292 -33.98 -7.23 -23.91
CA ASN A 292 -33.07 -8.36 -23.81
C ASN A 292 -31.63 -7.89 -23.89
N ALA A 293 -31.37 -6.92 -24.76
CA ALA A 293 -30.02 -6.48 -25.03
C ALA A 293 -29.47 -5.77 -23.81
N VAL A 294 -30.31 -4.95 -23.18
CA VAL A 294 -29.92 -4.25 -21.96
C VAL A 294 -29.83 -5.23 -20.78
N ALA A 295 -30.84 -6.09 -20.62
CA ALA A 295 -30.86 -7.04 -19.52
C ALA A 295 -29.68 -8.01 -19.56
N ALA A 296 -29.22 -8.41 -20.75
CA ALA A 296 -28.20 -9.45 -20.85
C ALA A 296 -26.91 -9.01 -20.18
N LEU A 297 -26.66 -7.69 -20.18
CA LEU A 297 -25.44 -7.12 -19.60
C LEU A 297 -25.32 -7.49 -18.13
N GLY A 298 -26.42 -7.41 -17.40
CA GLY A 298 -26.47 -7.94 -16.04
C GLY A 298 -26.86 -6.88 -15.03
N PRO A 299 -27.00 -7.31 -13.75
CA PRO A 299 -27.29 -6.40 -12.64
C PRO A 299 -26.33 -5.22 -12.51
N GLY A 300 -26.89 -4.11 -11.99
CA GLY A 300 -26.13 -2.90 -11.76
C GLY A 300 -27.02 -1.69 -11.97
N LEU A 301 -26.40 -0.54 -12.24
CA LEU A 301 -27.08 0.63 -12.75
C LEU A 301 -26.44 0.97 -14.08
N PRO A 302 -26.68 0.15 -15.13
CA PRO A 302 -26.01 0.37 -16.40
C PRO A 302 -26.49 1.66 -17.05
N LEU A 303 -27.80 1.90 -16.94
CA LEU A 303 -28.42 3.03 -17.60
C LEU A 303 -28.88 3.99 -16.52
N GLY A 304 -28.71 5.26 -16.84
CA GLY A 304 -29.26 6.32 -16.02
C GLY A 304 -29.15 7.63 -16.78
N PRO A 305 -29.54 8.72 -16.13
CA PRO A 305 -29.33 10.05 -16.69
C PRO A 305 -27.84 10.29 -16.98
N VAL A 306 -27.57 10.95 -18.11
CA VAL A 306 -26.22 11.19 -18.57
C VAL A 306 -25.94 12.68 -18.59
N VAL A 307 -24.73 13.04 -18.20
CA VAL A 307 -24.29 14.41 -18.24
C VAL A 307 -23.80 14.72 -19.65
N ASP A 308 -24.76 14.94 -20.56
CA ASP A 308 -24.45 15.07 -21.98
C ASP A 308 -24.09 16.51 -22.33
N GLY A 309 -24.48 17.46 -21.49
CA GLY A 309 -24.23 18.87 -21.78
C GLY A 309 -25.43 19.61 -22.36
N THR A 310 -26.54 18.91 -22.68
CA THR A 310 -27.73 19.57 -23.21
C THR A 310 -28.88 19.47 -22.22
N VAL A 311 -29.53 18.30 -22.14
CA VAL A 311 -30.50 18.02 -21.09
C VAL A 311 -29.85 18.24 -19.71
N LEU A 312 -28.68 17.60 -19.49
CA LEU A 312 -27.91 17.70 -18.25
C LEU A 312 -26.57 18.32 -18.61
N PRO A 313 -26.39 19.67 -18.48
CA PRO A 313 -25.13 20.30 -18.84
C PRO A 313 -23.97 19.83 -17.97
N GLU A 314 -24.25 19.55 -16.71
CA GLU A 314 -23.22 19.27 -15.72
C GLU A 314 -23.74 18.13 -14.85
N HIS A 315 -22.86 17.53 -14.07
CA HIS A 315 -23.30 16.52 -13.12
C HIS A 315 -24.30 17.16 -12.17
N PRO A 316 -25.41 16.43 -11.82
CA PRO A 316 -26.41 16.93 -10.89
C PRO A 316 -25.92 17.41 -9.53
N MET A 317 -24.83 16.82 -9.04
CA MET A 317 -24.29 17.17 -7.72
C MET A 317 -23.60 18.55 -7.75
N ALA A 318 -22.93 18.88 -8.88
CA ALA A 318 -22.30 20.20 -9.04
C ALA A 318 -23.34 21.32 -8.98
N ALA A 319 -24.55 21.07 -9.51
CA ALA A 319 -25.59 22.09 -9.49
C ALA A 319 -26.06 22.37 -8.05
N LEU A 320 -26.18 21.33 -7.23
CA LEU A 320 -26.64 21.52 -5.83
C LEU A 320 -25.68 22.47 -5.07
N ALA A 321 -24.36 22.25 -5.17
CA ALA A 321 -23.35 23.09 -4.48
C ALA A 321 -23.42 24.53 -4.98
N ARG A 322 -23.58 24.70 -6.32
CA ARG A 322 -23.63 26.05 -6.85
C ARG A 322 -24.88 26.80 -6.40
N GLY A 323 -25.94 26.07 -5.88
CA GLY A 323 -27.19 26.71 -5.44
C GLY A 323 -28.27 26.68 -6.50
N ALA A 324 -28.04 25.98 -7.61
CA ALA A 324 -29.11 25.81 -8.63
C ALA A 324 -30.46 25.50 -7.97
N ALA A 325 -30.50 24.76 -6.87
CA ALA A 325 -31.81 24.40 -6.29
C ALA A 325 -32.11 25.25 -5.08
N ARG A 326 -31.58 26.47 -5.02
CA ARG A 326 -31.82 27.32 -3.87
C ARG A 326 -33.29 27.73 -3.75
N ASP A 327 -34.01 27.80 -4.89
CA ASP A 327 -35.43 28.10 -4.89
C ASP A 327 -36.24 26.93 -4.31
N VAL A 328 -35.77 25.70 -4.55
CA VAL A 328 -36.57 24.51 -4.33
C VAL A 328 -36.48 24.16 -2.86
N ALA A 329 -37.62 23.92 -2.22
CA ALA A 329 -37.66 23.26 -0.93
C ALA A 329 -37.55 21.75 -1.14
N VAL A 330 -36.60 21.10 -0.43
CA VAL A 330 -36.28 19.70 -0.62
C VAL A 330 -36.54 18.94 0.68
N LEU A 331 -37.18 17.75 0.53
CA LEU A 331 -37.24 16.72 1.58
C LEU A 331 -36.49 15.46 1.07
N VAL A 332 -35.37 15.11 1.75
CA VAL A 332 -34.47 14.07 1.27
C VAL A 332 -34.20 13.08 2.39
N GLY A 333 -34.21 11.79 2.05
CA GLY A 333 -34.03 10.79 3.10
C GLY A 333 -33.80 9.40 2.54
N VAL A 334 -33.49 8.50 3.47
CA VAL A 334 -33.26 7.11 3.13
C VAL A 334 -33.98 6.23 4.16
N ASN A 335 -34.11 4.95 3.82
CA ASN A 335 -34.64 3.98 4.75
C ASN A 335 -33.48 3.52 5.62
N LYS A 336 -33.81 3.08 6.82
CA LYS A 336 -32.80 2.74 7.82
C LYS A 336 -31.92 1.59 7.35
N ASP A 337 -32.47 0.60 6.61
CA ASP A 337 -31.72 -0.57 6.18
C ASP A 337 -31.89 -0.75 4.70
N GLU A 338 -31.38 0.26 3.95
CA GLU A 338 -31.63 0.35 2.51
C GLU A 338 -31.26 -0.98 1.85
N TYR A 339 -30.00 -1.43 2.06
CA TYR A 339 -29.44 -2.45 1.21
C TYR A 339 -29.99 -3.86 1.47
N ASN A 340 -30.75 -4.05 2.55
CA ASN A 340 -31.24 -5.39 2.88
C ASN A 340 -32.15 -5.95 1.81
N LEU A 341 -32.87 -5.07 1.09
CA LEU A 341 -33.81 -5.50 0.07
C LEU A 341 -33.13 -6.42 -0.94
N PHE A 342 -31.90 -6.07 -1.36
CA PHE A 342 -31.25 -6.73 -2.48
C PHE A 342 -30.80 -8.13 -2.10
N ALA A 343 -30.81 -8.45 -0.80
CA ALA A 343 -30.50 -9.78 -0.32
C ALA A 343 -31.46 -10.83 -0.88
N LEU A 344 -32.69 -10.43 -1.27
CA LEU A 344 -33.66 -11.35 -1.83
C LEU A 344 -33.11 -12.04 -3.08
N GLN A 345 -32.35 -11.34 -3.93
CA GLN A 345 -31.70 -12.00 -5.05
C GLN A 345 -30.36 -12.65 -4.60
N ASP A 346 -29.62 -11.99 -3.70
CA ASP A 346 -28.30 -12.43 -3.27
C ASP A 346 -28.26 -12.61 -1.75
N PRO A 347 -28.35 -13.84 -1.20
CA PRO A 347 -28.54 -14.05 0.25
C PRO A 347 -27.33 -14.05 1.21
N ALA A 348 -26.12 -13.82 0.69
CA ALA A 348 -24.93 -13.75 1.52
C ALA A 348 -25.08 -12.82 2.74
N TRP A 349 -25.78 -11.69 2.59
CA TRP A 349 -25.87 -10.66 3.62
C TRP A 349 -26.48 -11.16 4.91
N LEU A 350 -27.06 -12.37 4.92
CA LEU A 350 -27.51 -12.99 6.16
C LEU A 350 -26.34 -13.66 6.86
N GLY A 351 -25.22 -13.86 6.14
CA GLY A 351 -24.18 -14.77 6.57
C GLY A 351 -23.06 -14.06 7.34
N ASP A 352 -22.21 -14.90 7.95
CA ASP A 352 -21.03 -14.46 8.70
C ASP A 352 -19.76 -14.61 7.87
N ASP A 353 -19.91 -15.00 6.59
CA ASP A 353 -18.79 -15.39 5.73
C ASP A 353 -17.99 -14.16 5.30
N GLU A 354 -16.69 -14.16 5.67
CA GLU A 354 -15.85 -12.98 5.57
C GLU A 354 -15.51 -12.71 4.11
N ALA A 355 -15.19 -13.79 3.37
CA ALA A 355 -14.67 -13.70 2.01
C ALA A 355 -15.71 -13.12 1.05
N ALA A 356 -16.94 -13.63 1.12
CA ALA A 356 -18.02 -13.18 0.25
C ALA A 356 -18.41 -11.70 0.49
N LEU A 357 -18.53 -11.29 1.75
CA LEU A 357 -18.95 -9.94 2.09
C LEU A 357 -17.94 -8.92 1.59
N ARG A 358 -16.65 -9.26 1.67
CA ARG A 358 -15.58 -8.35 1.29
C ARG A 358 -15.62 -8.06 -0.20
N GLN A 359 -15.84 -9.09 -1.02
CA GLN A 359 -15.83 -8.94 -2.46
C GLN A 359 -16.98 -8.05 -2.91
N ARG A 360 -18.17 -8.24 -2.29
CA ARG A 360 -19.34 -7.46 -2.62
C ARG A 360 -19.13 -5.96 -2.36
N VAL A 361 -18.45 -5.64 -1.25
CA VAL A 361 -18.24 -4.27 -0.85
C VAL A 361 -17.35 -3.55 -1.87
N GLU A 362 -16.34 -4.25 -2.41
CA GLU A 362 -15.38 -3.72 -3.36
C GLU A 362 -16.06 -3.28 -4.67
N ALA A 363 -17.07 -4.04 -5.08
CA ALA A 363 -17.79 -3.75 -6.30
C ALA A 363 -18.46 -2.39 -6.20
N VAL A 364 -18.96 -2.05 -5.01
CA VAL A 364 -19.66 -0.79 -4.88
C VAL A 364 -18.67 0.34 -4.60
N VAL A 365 -17.74 0.14 -3.66
CA VAL A 365 -16.92 1.28 -3.18
C VAL A 365 -15.44 1.13 -3.51
N GLY A 366 -15.05 0.02 -4.13
CA GLY A 366 -13.69 -0.12 -4.64
C GLY A 366 -12.64 -0.01 -3.55
N PRO A 367 -11.63 0.88 -3.72
CA PRO A 367 -10.42 0.82 -2.93
C PRO A 367 -10.62 0.99 -1.43
N ALA A 368 -11.71 1.66 -1.01
CA ALA A 368 -11.94 1.86 0.41
C ALA A 368 -12.52 0.61 1.09
N ALA A 369 -12.78 -0.48 0.35
CA ALA A 369 -13.55 -1.59 0.89
C ALA A 369 -12.91 -2.16 2.15
N GLY A 370 -11.61 -2.49 2.07
CA GLY A 370 -10.87 -3.13 3.16
C GLY A 370 -11.04 -2.39 4.50
N ARG A 371 -10.71 -1.09 4.51
CA ARG A 371 -10.80 -0.28 5.70
C ARG A 371 -12.27 -0.06 6.12
N LEU A 372 -13.15 0.15 5.13
CA LEU A 372 -14.56 0.40 5.46
C LEU A 372 -15.14 -0.83 6.17
N ILE A 373 -14.78 -2.03 5.69
CA ILE A 373 -15.21 -3.29 6.30
C ILE A 373 -14.72 -3.35 7.74
N GLU A 374 -13.52 -2.85 7.99
CA GLU A 374 -12.91 -2.89 9.31
C GLU A 374 -13.70 -2.05 10.30
N PHE A 375 -14.10 -0.85 9.90
CA PHE A 375 -14.87 0.04 10.79
C PHE A 375 -16.24 -0.53 11.15
N TYR A 376 -16.98 -0.99 10.15
CA TYR A 376 -18.34 -1.46 10.38
C TYR A 376 -18.36 -2.79 11.12
N ARG A 377 -17.35 -3.66 10.93
CA ARG A 377 -17.33 -4.96 11.63
C ARG A 377 -17.41 -4.73 13.13
N SER A 378 -16.66 -3.74 13.63
CA SER A 378 -16.49 -3.54 15.06
C SER A 378 -17.79 -3.05 15.69
N ARG A 379 -18.57 -2.25 14.98
CA ARG A 379 -19.80 -1.76 15.58
C ARG A 379 -20.91 -2.80 15.44
N GLY A 380 -21.88 -2.75 16.38
CA GLY A 380 -23.11 -3.54 16.31
C GLY A 380 -22.89 -5.02 16.67
N GLU A 381 -23.91 -5.85 16.40
CA GLU A 381 -23.92 -7.22 16.93
C GLU A 381 -24.40 -8.16 15.84
N GLY A 382 -24.25 -9.45 16.09
CA GLY A 382 -24.72 -10.48 15.19
C GLY A 382 -23.76 -10.73 14.04
N SER A 383 -24.30 -11.21 12.92
CA SER A 383 -23.44 -11.63 11.79
C SER A 383 -22.69 -10.47 11.14
N LEU A 384 -21.62 -10.80 10.42
CA LEU A 384 -20.83 -9.77 9.69
C LEU A 384 -21.73 -9.12 8.64
N GLY A 385 -22.55 -9.91 7.94
CA GLY A 385 -23.35 -9.34 6.85
C GLY A 385 -24.30 -8.30 7.39
N ARG A 386 -24.85 -8.62 8.47
CA ARG A 386 -25.77 -7.70 9.13
C ARG A 386 -25.07 -6.41 9.52
N ARG A 387 -23.83 -6.47 10.09
CA ARG A 387 -22.97 -5.30 10.42
C ARG A 387 -22.51 -4.58 9.13
N LEU A 388 -22.14 -5.33 8.08
CA LEU A 388 -21.70 -4.78 6.77
C LEU A 388 -22.82 -4.04 6.02
N LEU A 389 -24.08 -4.45 6.20
CA LEU A 389 -25.20 -3.89 5.39
C LEU A 389 -25.31 -2.37 5.58
N PRO A 390 -25.12 -1.76 6.78
CA PRO A 390 -25.13 -0.31 6.90
C PRO A 390 -24.05 0.33 6.03
N LEU A 391 -22.86 -0.26 5.94
CA LEU A 391 -21.83 0.25 4.99
C LEU A 391 -22.47 0.36 3.60
N MET A 392 -23.10 -0.73 3.12
CA MET A 392 -23.67 -0.72 1.79
C MET A 392 -24.84 0.28 1.70
N SER A 393 -25.65 0.39 2.77
CA SER A 393 -26.71 1.38 2.78
C SER A 393 -26.10 2.77 2.57
N TYR A 394 -25.00 3.04 3.27
CA TYR A 394 -24.37 4.34 3.24
C TYR A 394 -23.80 4.66 1.86
N ALA A 395 -23.19 3.68 1.21
CA ALA A 395 -22.58 3.85 -0.10
C ALA A 395 -23.63 4.16 -1.18
N VAL A 396 -24.70 3.38 -1.26
CA VAL A 396 -25.60 3.43 -2.38
C VAL A 396 -26.55 4.63 -2.30
N PHE A 397 -27.08 4.90 -1.12
CA PHE A 397 -28.20 5.80 -0.95
C PHE A 397 -27.88 6.95 0.00
N VAL A 398 -27.35 6.66 1.18
CA VAL A 398 -27.26 7.69 2.21
C VAL A 398 -26.33 8.83 1.77
N ARG A 399 -25.24 8.52 1.08
CA ARG A 399 -24.25 9.53 0.73
C ARG A 399 -24.86 10.62 -0.15
N GLY A 400 -25.66 10.22 -1.14
CA GLY A 400 -26.33 11.18 -2.00
C GLY A 400 -27.29 12.09 -1.21
N MET A 401 -28.05 11.51 -0.25
CA MET A 401 -29.05 12.23 0.52
C MET A 401 -28.39 13.32 1.37
N LEU A 402 -27.35 12.95 2.12
CA LEU A 402 -26.63 13.88 2.97
C LEU A 402 -25.93 15.00 2.19
N ALA A 403 -25.33 14.69 1.04
CA ALA A 403 -24.72 15.71 0.22
C ALA A 403 -25.79 16.69 -0.27
N THR A 404 -26.99 16.18 -0.55
CA THR A 404 -28.05 17.04 -1.05
C THR A 404 -28.39 18.07 0.02
N ALA A 405 -28.62 17.60 1.25
CA ALA A 405 -29.04 18.44 2.36
C ALA A 405 -27.99 19.51 2.67
N ASP A 406 -26.72 19.12 2.70
CA ASP A 406 -25.65 20.06 3.06
C ASP A 406 -25.43 21.12 1.98
N ALA A 407 -25.53 20.74 0.70
CA ALA A 407 -25.49 21.71 -0.40
C ALA A 407 -26.59 22.73 -0.24
N GLN A 408 -27.79 22.26 0.14
CA GLN A 408 -28.92 23.14 0.34
C GLN A 408 -28.69 24.00 1.59
N ALA A 409 -28.09 23.39 2.64
CA ALA A 409 -27.90 24.06 3.91
C ALA A 409 -26.95 25.24 3.71
N ARG A 410 -25.92 25.03 2.90
CA ARG A 410 -24.89 26.02 2.68
C ARG A 410 -25.48 27.20 1.93
N VAL A 411 -26.28 26.93 0.88
CA VAL A 411 -26.93 28.01 0.13
C VAL A 411 -28.17 28.55 0.86
N GLY A 412 -28.66 27.82 1.87
CA GLY A 412 -29.75 28.30 2.72
C GLY A 412 -31.14 27.95 2.17
N ALA A 413 -31.22 27.09 1.13
CA ALA A 413 -32.52 26.65 0.65
C ALA A 413 -33.23 25.88 1.76
N PRO A 414 -34.56 25.98 1.92
CA PRO A 414 -35.22 25.16 2.95
C PRO A 414 -35.03 23.69 2.63
N VAL A 415 -34.52 22.92 3.59
CA VAL A 415 -34.30 21.48 3.41
C VAL A 415 -34.71 20.74 4.68
N TRP A 416 -35.43 19.63 4.52
CA TRP A 416 -35.71 18.72 5.62
C TRP A 416 -35.25 17.33 5.27
N ALA A 417 -34.77 16.62 6.30
CA ALA A 417 -34.20 15.31 6.14
C ALA A 417 -34.95 14.32 7.02
N TYR A 418 -35.03 13.08 6.54
CA TYR A 418 -35.74 12.02 7.26
C TYR A 418 -34.97 10.71 7.11
N ARG A 419 -35.17 9.81 8.07
CA ARG A 419 -34.82 8.42 7.93
C ARG A 419 -36.01 7.56 8.32
N PHE A 420 -36.29 6.53 7.51
CA PHE A 420 -37.48 5.70 7.70
C PHE A 420 -37.09 4.41 8.44
N ASP A 421 -37.59 4.25 9.67
CA ASP A 421 -37.13 3.18 10.56
C ASP A 421 -38.15 2.10 10.78
N PHE A 422 -39.33 2.20 10.19
CA PHE A 422 -40.30 1.13 10.38
C PHE A 422 -39.82 -0.07 9.57
N GLU A 423 -39.82 -1.25 10.21
CA GLU A 423 -39.25 -2.45 9.63
C GLU A 423 -40.37 -3.44 9.37
N THR A 424 -40.22 -4.24 8.30
CA THR A 424 -41.21 -5.28 7.97
C THR A 424 -40.91 -6.55 8.76
N PRO A 425 -41.92 -7.19 9.38
CA PRO A 425 -41.76 -8.46 10.05
C PRO A 425 -41.43 -9.60 9.10
N VAL A 426 -41.79 -9.48 7.83
CA VAL A 426 -41.68 -10.60 6.85
C VAL A 426 -40.22 -11.07 6.61
N LEU A 427 -40.04 -12.35 6.29
CA LEU A 427 -38.70 -12.93 5.99
C LEU A 427 -37.83 -13.01 7.26
N GLY A 428 -38.45 -13.11 8.44
CA GLY A 428 -37.69 -13.27 9.68
C GLY A 428 -37.05 -11.96 10.10
N GLY A 429 -37.51 -10.85 9.52
CA GLY A 429 -36.97 -9.52 9.87
C GLY A 429 -35.65 -9.21 9.16
N VAL A 430 -35.25 -10.07 8.22
CA VAL A 430 -33.93 -9.90 7.53
C VAL A 430 -33.91 -8.56 6.74
N LEU A 431 -35.06 -8.10 6.23
CA LEU A 431 -35.09 -6.87 5.46
C LEU A 431 -35.01 -5.63 6.34
N GLY A 432 -35.63 -5.65 7.54
CA GLY A 432 -35.79 -4.46 8.35
C GLY A 432 -36.52 -3.37 7.56
N ALA A 433 -36.00 -2.16 7.61
CA ALA A 433 -36.48 -1.00 6.87
C ALA A 433 -35.78 -0.95 5.53
N CYS A 434 -36.17 -1.88 4.63
CA CYS A 434 -35.45 -2.10 3.39
C CYS A 434 -35.80 -1.03 2.35
N HIS A 435 -35.05 -1.11 1.25
CA HIS A 435 -35.31 -0.25 0.10
C HIS A 435 -36.72 -0.52 -0.44
N ALA A 436 -37.45 0.57 -0.63
CA ALA A 436 -38.76 0.61 -1.26
C ALA A 436 -39.87 0.29 -0.27
N LEU A 437 -39.57 0.09 1.01
CA LEU A 437 -40.59 -0.29 1.93
C LEU A 437 -41.50 0.91 2.26
N GLU A 438 -40.92 2.10 2.23
CA GLU A 438 -41.61 3.31 2.69
C GLU A 438 -42.72 3.71 1.73
N ILE A 439 -42.79 3.11 0.53
CA ILE A 439 -43.67 3.59 -0.50
C ILE A 439 -45.13 3.63 0.00
N PRO A 440 -45.72 2.53 0.53
CA PRO A 440 -47.08 2.57 1.02
C PRO A 440 -47.28 3.53 2.18
N PHE A 441 -46.23 3.84 2.92
CA PHE A 441 -46.39 4.71 4.08
C PHE A 441 -46.70 6.12 3.62
N VAL A 442 -45.94 6.64 2.68
CA VAL A 442 -46.19 7.98 2.15
C VAL A 442 -47.53 8.01 1.41
N PHE A 443 -47.88 6.96 0.67
CA PHE A 443 -49.03 6.93 -0.21
C PHE A 443 -50.29 6.47 0.55
N ASN A 444 -50.19 6.13 1.85
CA ASN A 444 -51.30 5.55 2.63
C ASN A 444 -51.96 4.40 1.88
N THR A 445 -51.16 3.48 1.30
CA THR A 445 -51.71 2.39 0.52
C THR A 445 -51.30 1.06 1.12
N LEU A 446 -51.19 1.00 2.47
CA LEU A 446 -50.79 -0.22 3.15
C LEU A 446 -51.77 -1.34 2.88
N ASP A 447 -53.08 -1.02 2.66
CA ASP A 447 -54.07 -2.07 2.45
C ASP A 447 -54.23 -2.41 0.98
N ARG A 448 -53.40 -1.82 0.10
CA ARG A 448 -53.40 -2.25 -1.29
C ARG A 448 -52.78 -3.65 -1.45
N ALA A 449 -53.22 -4.31 -2.52
CA ALA A 449 -52.90 -5.70 -2.72
C ALA A 449 -51.40 -5.92 -2.78
N GLY A 450 -50.92 -6.89 -1.99
CA GLY A 450 -49.52 -7.28 -1.97
C GLY A 450 -48.65 -6.30 -1.22
N ALA A 451 -49.21 -5.20 -0.69
CA ALA A 451 -48.40 -4.29 0.09
C ALA A 451 -48.04 -4.91 1.42
N ASP A 452 -49.04 -5.52 2.07
CA ASP A 452 -48.88 -6.12 3.40
C ASP A 452 -47.94 -7.35 3.36
N ARG A 453 -47.87 -8.09 2.25
CA ARG A 453 -46.89 -9.17 2.09
C ARG A 453 -45.48 -8.59 2.14
N PHE A 454 -45.30 -7.37 1.63
CA PHE A 454 -44.01 -6.71 1.64
C PHE A 454 -43.74 -6.16 3.04
N THR A 455 -44.76 -5.56 3.66
CA THR A 455 -44.60 -4.73 4.85
C THR A 455 -44.99 -5.50 6.12
N GLY A 456 -45.60 -6.67 5.96
CA GLY A 456 -46.22 -7.40 7.07
C GLY A 456 -47.62 -6.86 7.33
N THR A 457 -48.32 -7.47 8.28
CA THR A 457 -49.72 -7.08 8.55
C THR A 457 -49.87 -6.57 9.97
N ALA A 458 -48.80 -5.97 10.51
CA ALA A 458 -48.84 -5.41 11.88
C ALA A 458 -49.83 -4.24 11.97
N PRO A 459 -50.60 -4.15 13.08
CA PRO A 459 -51.54 -3.04 13.31
C PRO A 459 -50.89 -1.67 13.42
N GLU A 460 -49.70 -1.59 14.02
CA GLU A 460 -48.99 -0.32 14.29
C GLU A 460 -48.63 0.42 12.99
N ARG A 461 -48.55 -0.27 11.86
CA ARG A 461 -48.08 0.33 10.59
C ARG A 461 -48.96 1.50 10.17
N TYR A 462 -50.28 1.42 10.39
CA TYR A 462 -51.19 2.47 9.87
C TYR A 462 -50.86 3.87 10.43
N ALA A 463 -50.55 3.97 11.72
CA ALA A 463 -50.20 5.28 12.33
C ALA A 463 -48.90 5.80 11.74
N VAL A 464 -47.97 4.89 11.47
CA VAL A 464 -46.68 5.26 10.89
C VAL A 464 -46.90 5.81 9.48
N ALA A 465 -47.76 5.19 8.69
CA ALA A 465 -48.05 5.69 7.34
C ALA A 465 -48.66 7.10 7.40
N GLN A 466 -49.58 7.33 8.33
CA GLN A 466 -50.20 8.61 8.46
C GLN A 466 -49.19 9.69 8.88
N ALA A 467 -48.27 9.34 9.81
CA ALA A 467 -47.34 10.33 10.36
C ALA A 467 -46.41 10.86 9.28
N MET A 468 -45.99 9.99 8.34
CA MET A 468 -45.20 10.38 7.19
C MET A 468 -46.11 11.13 6.23
N HIS A 469 -47.33 10.61 6.03
CA HIS A 469 -48.26 11.09 5.01
C HIS A 469 -48.64 12.54 5.26
N ARG A 470 -48.99 12.88 6.50
CA ARG A 470 -49.38 14.25 6.83
C ARG A 470 -48.20 15.22 6.72
N ALA A 471 -47.00 14.78 7.07
CA ALA A 471 -45.80 15.59 6.91
C ALA A 471 -45.53 15.75 5.41
N TRP A 472 -45.81 14.70 4.62
CA TRP A 472 -45.74 14.85 3.18
C TRP A 472 -46.77 15.86 2.66
N ILE A 473 -48.02 15.70 3.09
CA ILE A 473 -49.04 16.65 2.73
C ILE A 473 -48.64 18.07 3.17
N ALA A 474 -48.18 18.21 4.40
CA ALA A 474 -47.80 19.54 4.93
C ALA A 474 -46.71 20.14 4.04
N PHE A 475 -45.75 19.31 3.64
CA PHE A 475 -44.64 19.86 2.82
C PHE A 475 -45.17 20.38 1.48
N ALA A 476 -46.05 19.62 0.84
CA ALA A 476 -46.64 20.14 -0.41
C ALA A 476 -47.51 21.37 -0.18
N ARG A 477 -48.39 21.24 0.83
CA ARG A 477 -49.31 22.36 1.07
C ARG A 477 -48.60 23.60 1.59
N GLU A 478 -47.76 23.61 2.63
CA GLU A 478 -47.26 24.83 3.31
C GLU A 478 -45.74 25.03 3.18
N GLY A 479 -45.02 24.06 2.64
CA GLY A 479 -43.56 24.17 2.59
C GLY A 479 -42.89 23.74 3.88
N ASN A 480 -43.63 23.46 4.95
CA ASN A 480 -43.01 22.95 6.17
C ASN A 480 -43.66 21.60 6.50
N PRO A 481 -42.89 20.51 6.65
CA PRO A 481 -43.50 19.21 6.89
C PRO A 481 -44.05 19.06 8.30
N GLN A 482 -43.89 20.10 9.14
CA GLN A 482 -44.38 20.07 10.51
C GLN A 482 -45.88 19.77 10.55
N HIS A 483 -46.28 18.86 11.44
CA HIS A 483 -47.70 18.68 11.73
C HIS A 483 -47.85 18.15 13.16
N ASP A 484 -49.10 17.98 13.59
CA ASP A 484 -49.43 17.67 14.98
C ASP A 484 -48.94 16.31 15.46
N GLY A 485 -48.87 15.31 14.60
CA GLY A 485 -48.40 14.00 14.99
C GLY A 485 -46.89 13.99 15.28
N LEU A 486 -46.18 15.00 14.79
CA LEU A 486 -44.73 14.97 14.84
C LEU A 486 -44.26 15.89 15.94
N PRO A 487 -43.08 15.62 16.54
CA PRO A 487 -42.38 16.61 17.33
C PRO A 487 -41.82 17.66 16.40
N GLU A 488 -41.28 18.70 17.03
CA GLU A 488 -40.77 19.83 16.30
C GLU A 488 -39.65 19.38 15.38
N TRP A 489 -39.80 19.72 14.10
CA TRP A 489 -38.87 19.29 13.09
C TRP A 489 -38.14 20.51 12.55
N PRO A 490 -36.90 20.79 12.99
CA PRO A 490 -36.12 21.91 12.47
C PRO A 490 -35.65 21.64 11.04
N ARG A 491 -35.44 22.73 10.30
CA ARG A 491 -34.77 22.65 9.01
C ARG A 491 -33.35 22.13 9.19
N TYR A 492 -32.91 21.35 8.20
CA TYR A 492 -31.58 20.80 8.18
C TYR A 492 -30.55 21.92 7.99
N ASP A 493 -29.49 21.87 8.80
CA ASP A 493 -28.43 22.86 8.81
C ASP A 493 -27.08 22.15 8.98
N LEU A 494 -26.01 22.86 8.59
CA LEU A 494 -24.67 22.32 8.67
C LEU A 494 -24.29 22.09 10.12
N GLU A 495 -24.70 22.98 11.03
CA GLU A 495 -24.28 22.91 12.42
C GLU A 495 -24.97 21.74 13.13
N GLU A 496 -26.31 21.65 13.06
CA GLU A 496 -27.06 20.70 13.88
C GLU A 496 -27.56 19.49 13.10
N ARG A 497 -27.78 19.64 11.78
CA ARG A 497 -28.09 18.51 10.89
C ARG A 497 -29.26 17.68 11.42
N ALA A 498 -30.34 18.35 11.81
CA ALA A 498 -31.47 17.64 12.41
C ALA A 498 -32.16 16.78 11.36
N VAL A 499 -32.47 15.52 11.71
CA VAL A 499 -33.15 14.60 10.81
C VAL A 499 -34.33 13.96 11.53
N MET A 500 -35.52 13.97 10.88
CA MET A 500 -36.70 13.36 11.47
C MET A 500 -36.61 11.85 11.24
N VAL A 501 -36.87 11.07 12.29
CA VAL A 501 -36.77 9.63 12.18
C VAL A 501 -38.19 9.08 12.27
N PHE A 502 -38.57 8.36 11.22
CA PHE A 502 -39.92 7.82 11.12
C PHE A 502 -39.87 6.47 11.80
N ALA A 503 -40.70 6.37 12.85
CA ALA A 503 -40.75 5.22 13.70
C ALA A 503 -42.11 5.17 14.40
N VAL A 504 -42.36 4.08 15.11
CA VAL A 504 -43.55 4.01 15.94
C VAL A 504 -43.60 5.20 16.89
N GLU A 505 -42.44 5.61 17.43
CA GLU A 505 -42.29 6.85 18.18
C GLU A 505 -41.40 7.80 17.40
N PRO A 506 -41.95 8.85 16.78
CA PRO A 506 -41.16 9.74 15.94
C PRO A 506 -40.32 10.69 16.77
N ARG A 507 -39.07 10.90 16.32
CA ARG A 507 -38.15 11.79 17.01
C ARG A 507 -37.23 12.40 15.98
N VAL A 508 -36.74 13.60 16.30
CA VAL A 508 -35.68 14.23 15.55
C VAL A 508 -34.33 13.84 16.14
N GLU A 509 -33.43 13.32 15.28
CA GLU A 509 -32.06 13.05 15.63
C GLU A 509 -31.13 13.99 14.89
N ARG A 510 -30.22 14.65 15.62
CA ARG A 510 -29.29 15.61 15.05
C ARG A 510 -27.95 14.95 14.73
N ASP A 511 -27.51 15.10 13.48
CA ASP A 511 -26.23 14.59 13.04
C ASP A 511 -26.13 13.09 13.35
N PRO A 512 -27.11 12.25 12.95
CA PRO A 512 -27.04 10.81 13.22
C PRO A 512 -25.88 10.16 12.49
N TRP A 513 -25.46 10.73 11.36
CA TRP A 513 -24.37 10.16 10.58
C TRP A 513 -23.01 10.79 10.86
N ARG A 514 -22.84 11.45 12.02
CA ARG A 514 -21.59 12.13 12.34
C ARG A 514 -20.40 11.16 12.31
N ALA A 515 -20.52 10.01 13.00
CA ALA A 515 -19.38 9.10 13.11
C ALA A 515 -19.07 8.49 11.75
N GLU A 516 -20.09 8.15 11.00
CA GLU A 516 -19.89 7.54 9.68
C GLU A 516 -19.38 8.55 8.66
N ARG A 517 -19.80 9.83 8.75
CA ARG A 517 -19.35 10.88 7.83
C ARG A 517 -17.83 10.97 7.81
N GLU A 518 -17.18 10.98 8.99
CA GLU A 518 -15.73 11.20 9.08
C GLU A 518 -14.97 10.06 8.36
N VAL A 519 -15.34 8.82 8.63
CA VAL A 519 -14.51 7.69 8.24
C VAL A 519 -14.46 7.56 6.71
N TRP A 520 -15.59 7.82 6.02
CA TRP A 520 -15.61 7.75 4.56
C TRP A 520 -14.66 8.80 3.97
N ALA A 521 -14.56 9.95 4.64
CA ALA A 521 -13.79 11.07 4.10
C ALA A 521 -12.32 10.86 4.44
N ALA A 522 -12.02 10.35 5.63
CA ALA A 522 -10.65 10.26 6.12
C ALA A 522 -10.15 8.81 6.08
N ALA A 523 -8.99 8.58 6.73
CA ALA A 523 -8.42 7.25 6.89
C ALA A 523 -7.97 7.03 8.34
N GLU B 29 -22.97 21.09 -33.50
CA GLU B 29 -23.27 22.38 -32.82
C GLU B 29 -21.97 23.20 -32.72
N LEU B 30 -20.81 22.59 -33.02
CA LEU B 30 -19.53 23.30 -32.99
C LEU B 30 -19.41 24.22 -34.21
N HIS B 31 -19.09 25.51 -34.01
CA HIS B 31 -18.88 26.43 -35.11
C HIS B 31 -17.53 27.15 -35.00
N ASP B 32 -17.03 27.64 -36.15
CA ASP B 32 -15.77 28.33 -36.22
C ASP B 32 -15.87 29.70 -35.56
N VAL B 33 -14.76 30.13 -34.93
CA VAL B 33 -14.57 31.52 -34.54
C VAL B 33 -13.18 31.95 -34.99
N ILE B 34 -13.12 33.03 -35.77
CA ILE B 34 -11.89 33.46 -36.41
C ILE B 34 -11.52 34.81 -35.82
N VAL B 35 -10.28 34.90 -35.36
CA VAL B 35 -9.78 36.07 -34.64
C VAL B 35 -8.36 36.33 -35.12
N GLU B 36 -8.02 37.62 -35.16
CA GLU B 36 -6.74 38.06 -35.68
C GLU B 36 -5.85 38.55 -34.54
N THR B 37 -4.66 37.93 -34.43
CA THR B 37 -3.61 38.38 -33.54
C THR B 37 -2.76 39.37 -34.29
N ARG B 38 -1.85 40.04 -33.56
CA ARG B 38 -0.98 41.02 -34.18
C ARG B 38 -0.13 40.38 -35.29
N TYR B 39 0.11 39.08 -35.17
CA TYR B 39 0.98 38.35 -36.06
C TYR B 39 0.13 37.66 -37.13
N GLY B 40 -1.12 37.31 -36.85
CA GLY B 40 -1.92 36.65 -37.87
C GLY B 40 -3.29 36.27 -37.38
N ALA B 41 -4.17 35.90 -38.32
CA ALA B 41 -5.50 35.40 -38.01
C ALA B 41 -5.42 33.92 -37.71
N VAL B 42 -6.21 33.49 -36.75
CA VAL B 42 -6.29 32.09 -36.35
C VAL B 42 -7.74 31.64 -36.35
N ARG B 43 -7.91 30.38 -36.75
CA ARG B 43 -9.23 29.74 -36.83
C ARG B 43 -9.39 28.74 -35.68
N GLY B 44 -10.32 29.05 -34.78
CA GLY B 44 -10.63 28.19 -33.66
C GLY B 44 -12.08 27.77 -33.74
N ARG B 45 -12.57 27.18 -32.65
CA ARG B 45 -13.82 26.45 -32.69
C ARG B 45 -14.66 26.84 -31.47
N SER B 46 -15.96 27.03 -31.69
CA SER B 46 -16.90 27.39 -30.65
C SER B 46 -18.19 26.59 -30.83
N ASP B 47 -18.83 26.22 -29.70
CA ASP B 47 -20.17 25.66 -29.79
C ASP B 47 -21.23 26.70 -29.48
N GLY B 48 -20.85 27.96 -29.27
CA GLY B 48 -21.84 28.99 -28.96
C GLY B 48 -21.86 29.37 -27.49
N THR B 49 -21.21 28.56 -26.63
CA THR B 49 -21.08 28.91 -25.21
C THR B 49 -19.60 29.13 -24.87
N VAL B 50 -18.68 28.34 -25.45
CA VAL B 50 -17.26 28.55 -25.20
C VAL B 50 -16.50 28.47 -26.54
N CYS B 51 -15.47 29.32 -26.68
CA CYS B 51 -14.57 29.23 -27.82
C CYS B 51 -13.19 28.69 -27.35
N VAL B 52 -12.58 27.81 -28.14
CA VAL B 52 -11.28 27.24 -27.81
C VAL B 52 -10.32 27.44 -28.99
N TRP B 53 -9.16 27.99 -28.70
CA TRP B 53 -8.07 28.04 -29.65
C TRP B 53 -6.91 27.22 -29.09
N LYS B 54 -6.42 26.28 -29.92
CA LYS B 54 -5.30 25.44 -29.53
C LYS B 54 -4.08 25.68 -30.40
N GLY B 55 -2.89 25.57 -29.79
CA GLY B 55 -1.63 25.64 -30.52
C GLY B 55 -1.40 26.99 -31.16
N VAL B 56 -1.80 28.06 -30.44
CA VAL B 56 -1.54 29.42 -30.89
C VAL B 56 -0.13 29.85 -30.49
N PRO B 57 0.73 30.30 -31.46
CA PRO B 57 2.12 30.63 -31.14
C PRO B 57 2.30 32.00 -30.54
N PHE B 58 2.94 32.07 -29.35
CA PHE B 58 3.16 33.34 -28.68
C PHE B 58 4.60 33.84 -28.84
N ALA B 59 5.43 33.05 -29.49
CA ALA B 59 6.84 33.39 -29.64
C ALA B 59 7.34 32.67 -30.88
N ARG B 60 8.49 33.12 -31.37
CA ARG B 60 9.14 32.47 -32.48
C ARG B 60 9.54 31.08 -32.02
N PRO B 61 9.52 30.06 -32.90
CA PRO B 61 9.99 28.72 -32.55
C PRO B 61 11.43 28.80 -32.09
N PRO B 62 11.74 28.35 -30.86
CA PRO B 62 13.09 28.52 -30.29
C PRO B 62 13.99 27.35 -30.66
N VAL B 63 14.35 27.28 -31.97
CA VAL B 63 15.13 26.20 -32.50
C VAL B 63 16.31 26.76 -33.26
N GLY B 64 17.36 25.97 -33.41
CA GLY B 64 18.54 26.42 -34.11
C GLY B 64 19.24 27.53 -33.33
N PRO B 65 19.45 28.72 -33.94
CA PRO B 65 20.01 29.89 -33.25
C PRO B 65 19.19 30.36 -32.05
N LEU B 66 17.88 30.19 -32.14
CA LEU B 66 17.00 30.60 -31.07
C LEU B 66 17.02 29.59 -29.94
N ARG B 67 17.52 28.37 -30.18
CA ARG B 67 17.65 27.39 -29.09
C ARG B 67 18.63 27.93 -28.05
N PHE B 68 18.32 27.68 -26.77
CA PHE B 68 19.06 28.21 -25.63
C PHE B 68 19.12 29.73 -25.70
N ARG B 69 18.12 30.37 -26.35
CA ARG B 69 18.01 31.82 -26.40
C ARG B 69 16.60 32.23 -26.01
N PRO B 70 16.38 33.46 -25.46
CA PRO B 70 15.04 33.86 -25.06
C PRO B 70 14.05 33.82 -26.21
N PRO B 71 12.73 33.68 -25.93
CA PRO B 71 11.71 33.82 -26.97
C PRO B 71 11.63 35.22 -27.59
N GLU B 72 11.38 35.24 -28.90
CA GLU B 72 11.08 36.42 -29.69
C GLU B 72 9.62 36.40 -30.15
N PRO B 73 9.02 37.56 -30.50
CA PRO B 73 7.61 37.60 -30.87
C PRO B 73 7.43 36.71 -32.09
N PRO B 74 6.25 36.10 -32.29
CA PRO B 74 6.09 35.12 -33.35
C PRO B 74 6.19 35.79 -34.71
N GLU B 75 6.59 34.99 -35.71
CA GLU B 75 6.65 35.41 -37.09
C GLU B 75 5.24 35.53 -37.67
N PRO B 76 4.90 36.62 -38.40
CA PRO B 76 3.56 36.78 -38.97
C PRO B 76 3.27 35.86 -40.13
N TRP B 77 2.01 35.44 -40.25
CA TRP B 77 1.60 34.54 -41.29
C TRP B 77 0.45 35.16 -42.09
N SER B 78 0.51 34.92 -43.39
CA SER B 78 -0.64 35.04 -44.25
C SER B 78 -1.68 33.95 -43.94
N GLY B 79 -2.92 34.31 -44.15
CA GLY B 79 -3.99 33.35 -44.15
C GLY B 79 -4.53 33.14 -42.76
N VAL B 80 -5.37 32.10 -42.63
CA VAL B 80 -5.92 31.74 -41.35
C VAL B 80 -5.15 30.57 -40.78
N ARG B 81 -4.53 30.77 -39.61
CA ARG B 81 -3.75 29.71 -39.02
C ARG B 81 -4.70 28.81 -38.25
N ASP B 82 -4.52 27.50 -38.42
CA ASP B 82 -5.38 26.51 -37.80
C ASP B 82 -5.01 26.41 -36.34
N ALA B 83 -6.01 26.56 -35.47
CA ALA B 83 -5.85 26.37 -34.05
C ALA B 83 -6.84 25.32 -33.57
N THR B 84 -7.15 24.34 -34.41
CA THR B 84 -8.16 23.33 -33.99
C THR B 84 -7.47 22.20 -33.25
N ARG B 85 -6.19 21.99 -33.43
CA ARG B 85 -5.43 20.88 -32.86
C ARG B 85 -4.36 21.41 -31.91
N PHE B 86 -4.11 20.72 -30.80
CA PHE B 86 -3.07 21.15 -29.82
C PHE B 86 -1.67 21.18 -30.42
N GLY B 87 -0.87 22.14 -30.00
CA GLY B 87 0.52 22.25 -30.43
C GLY B 87 1.41 21.22 -29.73
N PRO B 88 2.54 20.81 -30.34
CA PRO B 88 3.44 19.88 -29.67
C PRO B 88 4.09 20.45 -28.41
N ALA B 89 4.19 19.60 -27.38
CA ALA B 89 4.83 19.91 -26.12
C ALA B 89 6.37 19.90 -26.24
N SER B 90 7.02 20.56 -25.27
CA SER B 90 8.47 20.62 -25.19
C SER B 90 9.04 19.21 -24.97
N VAL B 91 10.19 18.95 -25.59
CA VAL B 91 10.84 17.65 -25.47
C VAL B 91 11.10 17.39 -23.98
N GLN B 92 10.59 16.26 -23.49
CA GLN B 92 10.67 15.91 -22.09
C GLN B 92 10.85 14.41 -21.96
N PRO B 93 11.47 13.98 -20.83
CA PRO B 93 11.55 12.57 -20.49
C PRO B 93 10.16 12.05 -20.12
N GLU B 94 9.96 10.74 -20.26
CA GLU B 94 8.70 10.15 -19.84
C GLU B 94 8.56 10.35 -18.34
N ASP B 95 7.33 10.69 -17.91
CA ASP B 95 6.97 10.76 -16.51
C ASP B 95 5.93 9.68 -16.23
N ARG B 96 6.31 8.73 -15.37
CA ARG B 96 5.44 7.62 -14.96
C ARG B 96 4.15 8.14 -14.32
N LEU B 97 4.19 9.34 -13.74
CA LEU B 97 3.05 9.90 -13.04
C LEU B 97 1.85 9.96 -13.99
N ILE B 98 2.08 10.43 -15.21
CA ILE B 98 1.02 10.54 -16.19
C ILE B 98 0.55 9.13 -16.55
N SER B 99 1.49 8.24 -16.89
CA SER B 99 1.18 6.89 -17.34
C SER B 99 0.63 5.98 -16.23
N ASN B 100 1.16 6.00 -14.98
CA ASN B 100 0.85 4.97 -13.99
C ASN B 100 -0.57 5.05 -13.43
N LEU B 101 -0.94 6.20 -12.86
CA LEU B 101 -2.18 6.30 -12.09
C LEU B 101 -3.24 7.15 -12.82
N THR B 102 -2.83 7.85 -13.87
CA THR B 102 -3.75 8.43 -14.81
C THR B 102 -3.57 7.61 -16.09
N GLY B 103 -4.63 7.44 -16.87
CA GLY B 103 -4.45 6.86 -18.19
C GLY B 103 -3.44 7.73 -18.92
N GLY B 104 -3.74 9.03 -18.90
CA GLY B 104 -2.81 10.02 -19.40
C GLY B 104 -2.51 9.71 -20.86
N ALA B 105 -1.33 10.12 -21.30
CA ALA B 105 -0.75 9.63 -22.54
C ALA B 105 0.74 9.96 -22.51
N THR B 106 1.55 9.34 -23.38
CA THR B 106 2.83 9.96 -23.66
C THR B 106 2.49 11.20 -24.50
N LEU B 107 2.96 12.37 -24.05
CA LEU B 107 2.60 13.65 -24.66
C LEU B 107 3.21 13.70 -26.06
N PRO B 108 2.50 14.15 -27.13
CA PRO B 108 3.13 14.41 -28.43
C PRO B 108 4.13 15.55 -28.21
N GLN B 109 5.34 15.47 -28.80
CA GLN B 109 6.40 16.41 -28.43
C GLN B 109 7.20 16.88 -29.61
N ASP B 110 7.77 18.11 -29.47
CA ASP B 110 8.59 18.74 -30.48
C ASP B 110 9.38 19.87 -29.82
N GLU B 111 10.56 20.14 -30.35
CA GLU B 111 11.38 21.26 -29.90
C GLU B 111 10.71 22.61 -30.20
N ASP B 112 10.05 22.71 -31.35
CA ASP B 112 9.15 23.83 -31.62
C ASP B 112 7.85 23.66 -30.87
N CYS B 113 7.78 24.18 -29.66
CA CYS B 113 6.69 23.87 -28.73
C CYS B 113 6.04 25.13 -28.12
N LEU B 114 6.42 26.34 -28.57
CA LEU B 114 5.99 27.55 -27.88
C LEU B 114 4.61 27.97 -28.39
N TYR B 115 3.59 27.31 -27.78
CA TYR B 115 2.21 27.48 -28.20
C TYR B 115 1.36 27.66 -26.96
N LEU B 116 0.24 28.41 -27.11
CA LEU B 116 -0.72 28.58 -26.06
C LEU B 116 -2.12 28.21 -26.57
N ASN B 117 -3.01 27.93 -25.59
CA ASN B 117 -4.38 27.54 -25.85
C ASN B 117 -5.32 28.45 -25.05
N ILE B 118 -6.44 28.87 -25.67
CA ILE B 118 -7.35 29.84 -25.06
C ILE B 118 -8.75 29.26 -24.98
N TRP B 119 -9.37 29.37 -23.80
CA TRP B 119 -10.80 29.18 -23.61
C TRP B 119 -11.41 30.53 -23.16
N SER B 120 -12.52 30.97 -23.80
CA SER B 120 -13.17 32.24 -23.47
C SER B 120 -14.68 32.17 -23.75
N PRO B 121 -15.56 32.83 -22.97
CA PRO B 121 -16.99 32.86 -23.30
C PRO B 121 -17.34 33.45 -24.66
N SER B 122 -16.76 34.62 -24.95
CA SER B 122 -16.99 35.26 -26.24
C SER B 122 -15.82 36.16 -26.57
N PRO B 123 -15.50 36.36 -27.87
CA PRO B 123 -14.54 37.37 -28.26
C PRO B 123 -14.99 38.81 -28.00
N ASP B 124 -16.30 39.07 -28.01
CA ASP B 124 -16.80 40.36 -27.56
C ASP B 124 -16.74 40.36 -26.04
N GLY B 125 -16.31 41.50 -25.45
CA GLY B 125 -16.24 41.65 -24.02
C GLY B 125 -14.79 41.78 -23.55
N ARG B 126 -14.66 41.97 -22.25
CA ARG B 126 -13.38 42.10 -21.58
C ARG B 126 -13.48 41.32 -20.27
N ARG B 127 -13.42 39.99 -20.34
CA ARG B 127 -13.54 39.18 -19.14
C ARG B 127 -12.17 39.10 -18.43
N PRO B 128 -12.15 38.81 -17.11
CA PRO B 128 -10.91 38.49 -16.43
C PRO B 128 -10.26 37.29 -17.10
N VAL B 129 -8.94 37.24 -17.01
CA VAL B 129 -8.17 36.21 -17.65
C VAL B 129 -7.40 35.42 -16.60
N MET B 130 -7.36 34.08 -16.78
CA MET B 130 -6.62 33.21 -15.91
C MET B 130 -5.53 32.54 -16.74
N VAL B 131 -4.29 32.72 -16.32
CA VAL B 131 -3.16 32.25 -17.09
C VAL B 131 -2.44 31.15 -16.31
N TRP B 132 -2.41 29.94 -16.91
CA TRP B 132 -1.99 28.73 -16.21
C TRP B 132 -0.61 28.26 -16.64
N ILE B 133 0.29 28.15 -15.65
CA ILE B 133 1.63 27.61 -15.85
C ILE B 133 1.65 26.24 -15.17
N HIS B 134 1.90 25.20 -15.94
CA HIS B 134 1.83 23.85 -15.40
C HIS B 134 3.07 23.50 -14.60
N GLY B 135 2.90 22.54 -13.70
CA GLY B 135 4.00 21.98 -12.93
C GLY B 135 4.50 20.68 -13.54
N GLY B 136 5.22 19.93 -12.71
CA GLY B 136 5.82 18.69 -13.15
C GLY B 136 7.33 18.78 -12.98
N ALA B 137 7.79 19.63 -12.06
CA ALA B 137 9.17 19.65 -11.59
C ALA B 137 10.10 20.25 -12.62
N TYR B 138 9.58 21.08 -13.51
CA TYR B 138 10.38 21.78 -14.51
C TYR B 138 10.87 20.81 -15.58
N LEU B 139 10.35 19.59 -15.62
CA LEU B 139 10.83 18.54 -16.50
C LEU B 139 9.69 18.06 -17.38
N THR B 140 8.45 18.17 -16.89
CA THR B 140 7.29 17.57 -17.53
C THR B 140 6.10 18.53 -17.45
N GLY B 141 5.04 18.18 -18.18
CA GLY B 141 3.80 18.93 -18.16
C GLY B 141 3.56 19.66 -19.48
N ALA B 142 2.34 20.16 -19.63
CA ALA B 142 1.92 20.90 -20.81
C ALA B 142 0.66 21.68 -20.47
N GLY B 143 0.42 22.76 -21.19
CA GLY B 143 -0.83 23.50 -21.07
C GLY B 143 -2.01 22.68 -21.62
N SER B 144 -1.72 21.83 -22.60
CA SER B 144 -2.69 21.01 -23.28
C SER B 144 -3.19 19.84 -22.42
N ILE B 145 -2.61 19.62 -21.22
CA ILE B 145 -2.98 18.49 -20.35
C ILE B 145 -4.49 18.48 -20.15
N PRO B 146 -5.17 17.32 -20.29
CA PRO B 146 -6.64 17.31 -20.37
C PRO B 146 -7.28 17.90 -19.14
N TRP B 147 -6.65 17.69 -17.98
CA TRP B 147 -7.23 18.21 -16.76
C TRP B 147 -7.11 19.73 -16.66
N TYR B 148 -6.28 20.35 -17.51
CA TYR B 148 -6.13 21.81 -17.53
C TYR B 148 -7.11 22.46 -18.51
N ASP B 149 -8.05 21.71 -19.06
CA ASP B 149 -9.00 22.23 -20.03
C ASP B 149 -9.84 23.32 -19.39
N GLY B 150 -9.93 24.46 -20.09
CA GLY B 150 -10.48 25.69 -19.54
C GLY B 150 -11.96 25.89 -19.80
N THR B 151 -12.67 24.87 -20.32
CA THR B 151 -14.09 24.98 -20.64
C THR B 151 -14.92 25.29 -19.39
N ALA B 152 -14.72 24.54 -18.31
CA ALA B 152 -15.47 24.75 -17.08
C ALA B 152 -15.14 26.10 -16.46
N LEU B 153 -13.86 26.48 -16.49
CA LEU B 153 -13.45 27.74 -15.86
C LEU B 153 -14.06 28.90 -16.65
N ALA B 154 -14.03 28.83 -17.97
CA ALA B 154 -14.57 29.93 -18.76
C ALA B 154 -16.10 30.07 -18.56
N ARG B 155 -16.81 28.95 -18.48
CA ARG B 155 -18.25 28.94 -18.34
C ARG B 155 -18.71 29.47 -16.98
N GLU B 156 -18.09 28.98 -15.92
CA GLU B 156 -18.50 29.27 -14.57
C GLU B 156 -18.24 30.73 -14.20
N GLY B 157 -17.06 31.26 -14.54
CA GLY B 157 -16.60 32.52 -13.97
C GLY B 157 -16.78 33.74 -14.88
N ASP B 158 -17.18 33.56 -16.14
CA ASP B 158 -17.18 34.64 -17.10
C ASP B 158 -15.75 35.18 -17.20
N VAL B 159 -14.80 34.24 -17.37
CA VAL B 159 -13.40 34.59 -17.44
C VAL B 159 -12.78 33.95 -18.67
N VAL B 160 -11.62 34.46 -19.05
CA VAL B 160 -10.79 33.83 -20.07
C VAL B 160 -9.72 32.96 -19.39
N VAL B 161 -9.48 31.77 -19.95
CA VAL B 161 -8.44 30.87 -19.48
C VAL B 161 -7.42 30.63 -20.61
N VAL B 162 -6.14 30.83 -20.27
CA VAL B 162 -5.05 30.55 -21.19
C VAL B 162 -4.09 29.54 -20.53
N THR B 163 -3.75 28.49 -21.29
CA THR B 163 -2.61 27.63 -20.97
C THR B 163 -1.51 27.84 -21.99
N LEU B 164 -0.24 27.84 -21.51
CA LEU B 164 0.91 28.12 -22.34
C LEU B 164 1.97 27.04 -22.11
N ASN B 165 2.94 27.02 -23.04
CA ASN B 165 4.09 26.16 -22.92
C ASN B 165 5.30 27.04 -22.56
N TYR B 166 6.21 26.43 -21.79
CA TYR B 166 7.53 27.01 -21.51
C TYR B 166 8.52 25.89 -21.71
N ARG B 167 9.71 26.26 -22.16
CA ARG B 167 10.72 25.27 -22.48
C ARG B 167 11.12 24.59 -21.20
N LEU B 168 11.28 23.25 -21.24
CA LEU B 168 11.48 22.41 -20.07
C LEU B 168 12.89 21.84 -20.09
N GLY B 169 13.35 21.36 -18.94
CA GLY B 169 14.57 20.57 -18.83
C GLY B 169 15.80 21.31 -19.33
N ALA B 170 16.69 20.57 -20.02
CA ALA B 170 17.98 21.11 -20.43
C ALA B 170 17.83 22.24 -21.44
N LEU B 171 16.87 22.14 -22.36
CA LEU B 171 16.63 23.15 -23.37
C LEU B 171 15.99 24.38 -22.75
N GLY B 172 15.26 24.19 -21.64
CA GLY B 172 14.61 25.28 -20.94
C GLY B 172 15.49 25.89 -19.85
N PHE B 173 16.23 25.08 -19.05
CA PHE B 173 16.77 25.56 -17.78
C PHE B 173 18.25 25.28 -17.61
N LEU B 174 18.97 24.83 -18.64
CA LEU B 174 20.41 24.62 -18.48
C LEU B 174 21.11 25.96 -18.34
N TYR B 175 21.86 26.11 -17.24
CA TYR B 175 22.61 27.33 -17.00
C TYR B 175 23.97 27.21 -17.68
N LEU B 176 24.18 27.94 -18.77
CA LEU B 176 25.36 27.80 -19.60
C LEU B 176 26.28 29.02 -19.47
N GLU B 177 26.00 29.93 -18.50
CA GLU B 177 26.75 31.17 -18.37
C GLU B 177 28.23 30.85 -18.09
N ASP B 178 28.48 29.96 -17.13
CA ASP B 178 29.83 29.55 -16.76
C ASP B 178 30.41 28.69 -17.86
N ALA B 179 29.63 27.78 -18.40
CA ALA B 179 30.08 26.87 -19.43
C ALA B 179 30.38 27.60 -20.75
N PHE B 180 29.49 28.51 -21.21
CA PHE B 180 29.59 29.03 -22.57
C PHE B 180 29.70 30.56 -22.64
N GLY B 181 29.73 31.23 -21.48
CA GLY B 181 29.99 32.66 -21.43
C GLY B 181 28.72 33.51 -21.57
N PRO B 182 28.88 34.80 -21.97
CA PRO B 182 27.82 35.80 -21.88
C PRO B 182 26.67 35.58 -22.84
N GLU B 183 27.00 35.01 -23.98
CA GLU B 183 26.00 34.79 -25.03
C GLU B 183 24.85 33.90 -24.54
N PHE B 184 25.10 33.17 -23.45
CA PHE B 184 24.11 32.26 -22.89
C PHE B 184 23.62 32.80 -21.56
N THR B 185 23.71 34.11 -21.35
CA THR B 185 23.22 34.71 -20.13
C THR B 185 21.72 34.48 -20.06
N GLY B 186 21.21 34.15 -18.88
CA GLY B 186 19.78 33.90 -18.72
C GLY B 186 19.31 32.50 -19.14
N SER B 187 20.25 31.62 -19.56
CA SER B 187 19.95 30.29 -20.06
C SER B 187 19.34 29.43 -18.96
N GLY B 188 19.66 29.75 -17.71
CA GLY B 188 19.14 29.07 -16.56
C GLY B 188 17.64 29.22 -16.44
N ASN B 189 17.09 30.32 -17.02
CA ASN B 189 15.72 30.71 -16.78
C ASN B 189 14.92 30.90 -18.08
N LEU B 190 15.35 30.25 -19.15
CA LEU B 190 14.68 30.42 -20.42
C LEU B 190 13.21 30.00 -20.35
N GLY B 191 12.88 28.93 -19.64
CA GLY B 191 11.48 28.61 -19.39
C GLY B 191 10.69 29.76 -18.77
N ILE B 192 11.28 30.45 -17.78
CA ILE B 192 10.68 31.63 -17.17
C ILE B 192 10.48 32.70 -18.22
N LEU B 193 11.46 32.86 -19.10
CA LEU B 193 11.38 33.82 -20.19
C LEU B 193 10.20 33.47 -21.10
N ASP B 194 9.94 32.18 -21.30
CA ASP B 194 8.81 31.72 -22.07
C ASP B 194 7.52 32.10 -21.37
N GLN B 195 7.44 31.90 -20.06
CA GLN B 195 6.26 32.33 -19.33
C GLN B 195 6.10 33.87 -19.43
N ILE B 196 7.20 34.63 -19.45
CA ILE B 196 7.11 36.09 -19.55
C ILE B 196 6.56 36.45 -20.93
N ALA B 197 7.12 35.81 -21.97
CA ALA B 197 6.70 36.06 -23.34
C ALA B 197 5.18 35.82 -23.51
N ALA B 198 4.68 34.73 -22.93
CA ALA B 198 3.26 34.40 -23.06
C ALA B 198 2.42 35.49 -22.39
N LEU B 199 2.91 35.99 -21.26
CA LEU B 199 2.17 37.05 -20.54
C LEU B 199 2.17 38.31 -21.41
N ARG B 200 3.28 38.57 -22.11
CA ARG B 200 3.33 39.73 -23.03
C ARG B 200 2.31 39.54 -24.15
N TRP B 201 2.19 38.32 -24.68
CA TRP B 201 1.19 38.04 -25.72
C TRP B 201 -0.19 38.33 -25.16
N VAL B 202 -0.44 37.95 -23.90
CA VAL B 202 -1.75 38.16 -23.31
C VAL B 202 -2.06 39.65 -23.28
N ARG B 203 -1.11 40.45 -22.81
CA ARG B 203 -1.32 41.88 -22.74
C ARG B 203 -1.43 42.47 -24.15
N GLU B 204 -0.66 41.96 -25.09
CA GLU B 204 -0.69 42.47 -26.45
C GLU B 204 -1.91 41.96 -27.25
N ASN B 205 -2.31 40.69 -27.04
CA ASN B 205 -3.18 40.02 -28.01
C ASN B 205 -4.50 39.54 -27.42
N ILE B 206 -4.71 39.57 -26.08
CA ILE B 206 -5.81 38.83 -25.49
C ILE B 206 -7.15 39.45 -25.87
N ALA B 207 -7.14 40.77 -26.14
CA ALA B 207 -8.36 41.50 -26.49
C ALA B 207 -9.05 40.89 -27.69
N ALA B 208 -8.28 40.37 -28.63
CA ALA B 208 -8.84 39.84 -29.86
C ALA B 208 -9.70 38.62 -29.54
N PHE B 209 -9.43 37.97 -28.41
CA PHE B 209 -10.10 36.76 -27.99
C PHE B 209 -11.08 37.06 -26.87
N GLY B 210 -11.25 38.33 -26.48
CA GLY B 210 -12.30 38.69 -25.55
C GLY B 210 -11.84 38.93 -24.11
N GLY B 211 -10.56 39.26 -23.88
CA GLY B 211 -10.03 39.40 -22.53
C GLY B 211 -9.62 40.83 -22.18
N ASP B 212 -9.51 41.13 -20.86
CA ASP B 212 -9.05 42.40 -20.30
C ASP B 212 -7.61 42.26 -19.80
N PRO B 213 -6.63 43.00 -20.39
CA PRO B 213 -5.23 42.88 -19.99
C PRO B 213 -4.87 43.42 -18.61
N ASP B 214 -5.72 44.28 -18.05
CA ASP B 214 -5.49 44.87 -16.73
C ASP B 214 -6.05 43.99 -15.61
N ARG B 215 -6.76 42.90 -15.96
CA ARG B 215 -7.24 41.96 -14.97
C ARG B 215 -6.77 40.57 -15.39
N VAL B 216 -5.46 40.36 -15.33
CA VAL B 216 -4.89 39.07 -15.68
C VAL B 216 -4.46 38.33 -14.41
N THR B 217 -4.90 37.07 -14.32
CA THR B 217 -4.52 36.19 -13.24
C THR B 217 -3.62 35.08 -13.76
N ILE B 218 -2.46 34.91 -13.10
CA ILE B 218 -1.58 33.75 -13.32
C ILE B 218 -1.77 32.76 -12.20
N PHE B 219 -1.88 31.48 -12.54
CA PHE B 219 -2.00 30.44 -11.56
C PHE B 219 -1.19 29.24 -12.04
N GLY B 220 -0.50 28.59 -11.11
CA GLY B 220 0.30 27.42 -11.42
C GLY B 220 0.35 26.47 -10.24
N GLU B 221 0.70 25.21 -10.56
CA GLU B 221 0.81 24.19 -9.55
C GLU B 221 2.21 23.56 -9.62
N ALA B 222 2.74 23.19 -8.45
CA ALA B 222 4.02 22.50 -8.32
C ALA B 222 5.11 23.36 -8.94
N ALA B 223 5.81 22.85 -9.98
CA ALA B 223 6.80 23.66 -10.70
C ALA B 223 6.21 24.91 -11.32
N GLY B 224 4.93 24.87 -11.69
CA GLY B 224 4.23 26.05 -12.18
C GLY B 224 4.05 27.04 -11.04
N ALA B 225 3.77 26.53 -9.85
CA ALA B 225 3.64 27.39 -8.69
C ALA B 225 5.00 27.97 -8.33
N GLY B 226 6.05 27.20 -8.58
CA GLY B 226 7.40 27.70 -8.44
C GLY B 226 7.66 28.81 -9.47
N SER B 227 7.17 28.57 -10.68
CA SER B 227 7.33 29.52 -11.76
C SER B 227 6.62 30.83 -11.41
N VAL B 228 5.42 30.74 -10.81
CA VAL B 228 4.72 31.95 -10.41
C VAL B 228 5.55 32.74 -9.40
N GLY B 229 6.12 32.04 -8.40
CA GLY B 229 7.01 32.66 -7.42
C GLY B 229 8.17 33.39 -8.08
N VAL B 230 8.75 32.76 -9.11
CA VAL B 230 9.86 33.34 -9.84
C VAL B 230 9.36 34.52 -10.64
N LEU B 231 8.17 34.39 -11.25
CA LEU B 231 7.59 35.48 -12.01
C LEU B 231 7.35 36.67 -11.10
N LEU B 232 6.96 36.40 -9.84
CA LEU B 232 6.72 37.44 -8.84
C LEU B 232 8.00 38.23 -8.55
N ALA B 233 9.16 37.62 -8.73
CA ALA B 233 10.40 38.34 -8.47
C ALA B 233 10.73 39.14 -9.72
N ALA B 234 10.47 38.59 -10.90
CA ALA B 234 11.20 39.00 -12.11
C ALA B 234 10.84 40.43 -12.44
N PRO B 235 11.78 41.41 -12.49
CA PRO B 235 11.45 42.76 -12.93
C PRO B 235 10.83 42.81 -14.32
N ALA B 236 11.30 41.94 -15.22
CA ALA B 236 10.79 41.84 -16.58
C ALA B 236 9.29 41.54 -16.64
N ALA B 237 8.76 40.80 -15.66
CA ALA B 237 7.38 40.36 -15.65
C ALA B 237 6.51 41.48 -15.07
N ARG B 238 7.08 42.45 -14.39
CA ARG B 238 6.24 43.43 -13.70
C ARG B 238 5.24 44.10 -14.67
N GLY B 239 4.01 44.23 -14.16
CA GLY B 239 2.92 44.87 -14.88
C GLY B 239 2.18 43.94 -15.84
N LEU B 240 2.53 42.66 -15.90
CA LEU B 240 1.83 41.72 -16.75
C LEU B 240 0.68 41.04 -16.01
N PHE B 241 0.63 41.19 -14.67
CA PHE B 241 -0.40 40.46 -13.89
C PHE B 241 -0.72 41.12 -12.53
N HIS B 242 -1.95 41.54 -12.32
CA HIS B 242 -2.42 42.06 -10.99
C HIS B 242 -2.42 40.97 -9.91
N ARG B 243 -2.79 39.74 -10.25
CA ARG B 243 -2.96 38.68 -9.22
C ARG B 243 -2.24 37.37 -9.59
N ALA B 244 -1.85 36.58 -8.57
CA ALA B 244 -1.12 35.33 -8.80
C ALA B 244 -1.59 34.22 -7.85
N ILE B 245 -1.66 32.99 -8.34
CA ILE B 245 -2.03 31.86 -7.50
C ILE B 245 -0.93 30.79 -7.57
N LEU B 246 -0.46 30.34 -6.40
CA LEU B 246 0.64 29.40 -6.30
C LEU B 246 0.14 28.20 -5.53
N GLN B 247 0.02 27.04 -6.22
CA GLN B 247 -0.58 25.84 -5.66
C GLN B 247 0.48 24.75 -5.51
N SER B 248 0.70 24.34 -4.25
CA SER B 248 1.63 23.29 -3.91
C SER B 248 3.03 23.62 -4.42
N GLY B 249 3.39 24.90 -4.24
CA GLY B 249 4.70 25.41 -4.59
C GLY B 249 4.86 26.85 -4.10
N SER B 250 6.09 27.38 -4.24
CA SER B 250 6.48 28.68 -3.74
C SER B 250 7.79 29.12 -4.39
N GLY B 251 8.15 30.36 -4.11
CA GLY B 251 9.35 30.93 -4.69
C GLY B 251 10.62 30.25 -4.19
N ALA B 252 10.53 29.57 -3.04
CA ALA B 252 11.64 28.76 -2.55
C ALA B 252 11.84 27.48 -3.35
N LEU B 253 10.73 26.98 -3.92
CA LEU B 253 10.67 25.61 -4.39
C LEU B 253 11.45 25.45 -5.69
N GLY B 254 12.56 24.69 -5.62
CA GLY B 254 13.35 24.35 -6.79
C GLY B 254 14.35 25.41 -7.26
N VAL B 255 14.37 26.59 -6.63
CA VAL B 255 15.21 27.70 -7.09
C VAL B 255 16.67 27.42 -6.73
N ARG B 256 17.59 27.79 -7.62
CA ARG B 256 18.96 27.36 -7.53
C ARG B 256 19.91 28.55 -7.61
N THR B 257 21.08 28.32 -6.98
CA THR B 257 22.22 29.22 -7.09
C THR B 257 22.93 28.97 -8.41
N ALA B 258 23.70 29.97 -8.87
CA ALA B 258 24.33 29.92 -10.19
C ALA B 258 25.37 28.80 -10.19
N ALA B 259 26.11 28.68 -9.08
CA ALA B 259 27.17 27.71 -8.97
C ALA B 259 26.61 26.28 -8.98
N SER B 260 25.57 26.03 -8.19
CA SER B 260 24.97 24.71 -8.13
C SER B 260 24.43 24.36 -9.51
N ALA B 261 23.79 25.34 -10.17
CA ALA B 261 23.21 25.13 -11.48
C ALA B 261 24.32 24.92 -12.48
N ALA B 262 25.45 25.63 -12.34
CA ALA B 262 26.60 25.41 -13.24
C ALA B 262 27.14 23.98 -13.15
N ARG B 263 27.19 23.41 -11.95
CA ARG B 263 27.67 22.02 -11.80
C ARG B 263 26.71 21.03 -12.47
N VAL B 264 25.40 21.28 -12.35
CA VAL B 264 24.40 20.41 -12.92
C VAL B 264 24.58 20.43 -14.43
N ALA B 265 24.81 21.62 -14.98
CA ALA B 265 24.96 21.71 -16.41
C ALA B 265 26.13 20.86 -16.91
N ALA B 266 27.24 20.86 -16.16
CA ALA B 266 28.41 20.09 -16.55
C ALA B 266 28.12 18.59 -16.53
N ARG B 267 27.35 18.13 -15.55
CA ARG B 267 26.96 16.73 -15.49
C ARG B 267 26.03 16.45 -16.66
N VAL B 268 25.09 17.38 -16.90
CA VAL B 268 24.22 17.24 -18.05
C VAL B 268 25.03 17.25 -19.36
N LEU B 269 25.97 18.18 -19.50
CA LEU B 269 26.76 18.34 -20.72
C LEU B 269 27.57 17.06 -20.96
N GLN B 270 28.11 16.49 -19.90
CA GLN B 270 28.92 15.29 -20.03
C GLN B 270 28.11 14.13 -20.58
N HIS B 271 26.86 13.92 -20.12
CA HIS B 271 26.00 12.85 -20.66
C HIS B 271 25.68 13.17 -22.13
N ALA B 272 25.45 14.45 -22.42
CA ALA B 272 25.21 14.92 -23.81
C ALA B 272 26.45 14.63 -24.65
N GLY B 273 27.64 14.74 -24.04
CA GLY B 273 28.88 14.61 -24.81
C GLY B 273 29.35 15.98 -25.26
N VAL B 274 28.73 17.05 -24.76
CA VAL B 274 29.08 18.41 -25.26
C VAL B 274 30.17 19.01 -24.36
N GLU B 275 31.33 19.31 -24.93
CA GLU B 275 32.41 20.00 -24.19
C GLU B 275 31.99 21.45 -23.96
N PRO B 276 32.34 22.10 -22.84
CA PRO B 276 32.04 23.51 -22.67
C PRO B 276 32.79 24.32 -23.71
N GLY B 277 32.14 25.36 -24.26
CA GLY B 277 32.80 26.23 -25.26
C GLY B 277 32.64 25.70 -26.67
N ASP B 278 31.99 24.54 -26.82
CA ASP B 278 31.80 23.93 -28.12
C ASP B 278 30.41 24.27 -28.65
N ARG B 279 30.31 25.35 -29.43
CA ARG B 279 29.03 25.80 -29.97
C ARG B 279 28.47 24.80 -31.01
N GLU B 280 29.36 24.22 -31.81
CA GLU B 280 28.91 23.27 -32.86
C GLU B 280 28.19 22.09 -32.21
N ALA B 281 28.81 21.48 -31.20
CA ALA B 281 28.21 20.28 -30.55
C ALA B 281 26.88 20.64 -29.90
N LEU B 282 26.79 21.80 -29.24
CA LEU B 282 25.54 22.10 -28.50
C LEU B 282 24.34 22.18 -29.45
N ARG B 283 24.48 22.83 -30.63
CA ARG B 283 23.35 22.89 -31.56
C ARG B 283 23.06 21.52 -32.19
N SER B 284 24.17 20.82 -32.51
CA SER B 284 24.06 19.52 -33.23
C SER B 284 23.26 18.47 -32.44
N LEU B 285 23.40 18.42 -31.13
CA LEU B 285 22.81 17.28 -30.37
C LEU B 285 21.30 17.20 -30.55
N PRO B 286 20.75 15.97 -30.72
CA PRO B 286 19.32 15.79 -30.84
C PRO B 286 18.61 16.19 -29.56
N ALA B 287 17.42 16.78 -29.72
CA ALA B 287 16.64 17.25 -28.56
C ALA B 287 16.33 16.07 -27.61
N ARG B 288 16.05 14.89 -28.17
CA ARG B 288 15.74 13.75 -27.32
C ARG B 288 16.96 13.40 -26.45
N ALA B 289 18.17 13.59 -26.99
CA ALA B 289 19.39 13.33 -26.23
C ALA B 289 19.49 14.32 -25.07
N TRP B 290 18.97 15.55 -25.25
CA TRP B 290 18.92 16.55 -24.20
C TRP B 290 17.99 16.10 -23.08
N ALA B 291 16.84 15.50 -23.45
CA ALA B 291 15.87 15.05 -22.48
C ALA B 291 16.47 13.89 -21.67
N ASN B 292 17.15 12.99 -22.38
CA ASN B 292 17.78 11.85 -21.74
C ASN B 292 18.99 12.28 -20.92
N ALA B 293 19.74 13.29 -21.39
CA ALA B 293 20.97 13.66 -20.69
C ALA B 293 20.64 14.18 -19.29
N VAL B 294 19.51 14.87 -19.12
CA VAL B 294 19.05 15.28 -17.81
C VAL B 294 18.53 14.05 -17.06
N ALA B 295 17.84 13.15 -17.77
CA ALA B 295 17.24 11.96 -17.16
C ALA B 295 18.31 11.07 -16.54
N ALA B 296 19.50 11.03 -17.12
CA ALA B 296 20.57 10.22 -16.53
C ALA B 296 20.96 10.68 -15.13
N LEU B 297 20.70 11.93 -14.72
CA LEU B 297 21.11 12.39 -13.40
C LEU B 297 20.47 11.57 -12.30
N GLY B 298 19.19 11.18 -12.47
CA GLY B 298 18.53 10.36 -11.47
C GLY B 298 17.31 11.07 -10.92
N PRO B 299 16.59 10.47 -9.94
CA PRO B 299 15.35 11.06 -9.42
C PRO B 299 15.61 12.39 -8.73
N GLY B 300 14.62 13.30 -8.79
CA GLY B 300 14.62 14.46 -7.90
C GLY B 300 14.30 15.78 -8.61
N LEU B 301 15.06 16.83 -8.27
CA LEU B 301 14.92 18.17 -8.86
C LEU B 301 16.27 18.61 -9.45
N PRO B 302 16.79 17.97 -10.52
CA PRO B 302 18.06 18.38 -11.11
C PRO B 302 18.03 19.82 -11.67
N LEU B 303 16.98 20.17 -12.38
CA LEU B 303 16.86 21.54 -12.89
C LEU B 303 15.79 22.31 -12.14
N GLY B 304 16.09 23.59 -11.95
CA GLY B 304 15.12 24.53 -11.41
C GLY B 304 15.42 25.95 -11.87
N PRO B 305 14.64 26.94 -11.37
CA PRO B 305 14.98 28.34 -11.53
C PRO B 305 16.37 28.62 -10.96
N VAL B 306 17.09 29.49 -11.66
CA VAL B 306 18.44 29.85 -11.25
C VAL B 306 18.41 31.31 -10.82
N VAL B 307 19.08 31.60 -9.71
CA VAL B 307 19.43 32.99 -9.43
C VAL B 307 20.63 33.41 -10.27
N ASP B 308 20.41 33.74 -11.53
CA ASP B 308 21.51 34.01 -12.45
C ASP B 308 22.02 35.46 -12.33
N GLY B 309 21.25 36.32 -11.69
CA GLY B 309 21.60 37.74 -11.58
C GLY B 309 21.08 38.64 -12.74
N THR B 310 20.48 38.07 -13.80
CA THR B 310 19.86 38.87 -14.84
C THR B 310 18.34 38.62 -14.82
N VAL B 311 17.90 37.45 -15.30
CA VAL B 311 16.48 37.13 -15.30
C VAL B 311 15.98 37.10 -13.86
N LEU B 312 16.68 36.31 -13.02
CA LEU B 312 16.46 36.31 -11.58
C LEU B 312 17.67 36.96 -10.90
N PRO B 313 17.61 38.29 -10.62
CA PRO B 313 18.70 38.99 -9.92
C PRO B 313 19.00 38.47 -8.51
N GLU B 314 17.97 37.97 -7.82
CA GLU B 314 18.08 37.53 -6.44
C GLU B 314 17.14 36.36 -6.26
N HIS B 315 17.18 35.78 -5.07
CA HIS B 315 16.36 34.62 -4.75
C HIS B 315 14.92 35.11 -4.73
N PRO B 316 13.97 34.37 -5.30
CA PRO B 316 12.58 34.86 -5.34
C PRO B 316 11.94 35.16 -3.97
N MET B 317 12.27 34.37 -2.94
CA MET B 317 11.79 34.63 -1.59
C MET B 317 12.46 35.88 -1.02
N ALA B 318 13.67 36.17 -1.44
CA ALA B 318 14.32 37.37 -0.99
C ALA B 318 13.62 38.58 -1.59
N ALA B 319 13.27 38.49 -2.89
CA ALA B 319 12.58 39.58 -3.55
C ALA B 319 11.17 39.71 -2.96
N LEU B 320 10.52 38.58 -2.65
CA LEU B 320 9.20 38.56 -2.03
C LEU B 320 9.18 39.35 -0.73
N ALA B 321 10.24 39.16 0.09
CA ALA B 321 10.33 39.79 1.38
C ALA B 321 10.53 41.30 1.21
N ARG B 322 11.20 41.74 0.15
CA ARG B 322 11.48 43.17 -0.05
C ARG B 322 10.25 43.92 -0.55
N GLY B 323 9.17 43.22 -0.95
CA GLY B 323 7.91 43.87 -1.34
C GLY B 323 7.69 43.99 -2.84
N ALA B 324 8.29 43.11 -3.64
CA ALA B 324 8.19 43.28 -5.09
C ALA B 324 6.74 43.11 -5.54
N ALA B 325 6.00 42.23 -4.87
CA ALA B 325 4.60 41.93 -5.18
C ALA B 325 3.64 42.50 -4.13
N ARG B 326 3.99 43.60 -3.48
CA ARG B 326 3.09 44.21 -2.53
C ARG B 326 1.77 44.66 -3.17
N ASP B 327 1.80 45.15 -4.42
CA ASP B 327 0.61 45.57 -5.14
C ASP B 327 -0.18 44.35 -5.61
N VAL B 328 0.51 43.22 -5.87
CA VAL B 328 -0.12 42.01 -6.35
C VAL B 328 -0.80 41.32 -5.18
N ALA B 329 -2.08 40.94 -5.38
CA ALA B 329 -2.79 40.05 -4.45
C ALA B 329 -2.54 38.59 -4.81
N VAL B 330 -2.29 37.76 -3.79
CA VAL B 330 -1.81 36.41 -3.94
C VAL B 330 -2.71 35.45 -3.15
N LEU B 331 -3.08 34.31 -3.78
CA LEU B 331 -3.68 33.17 -3.12
C LEU B 331 -2.73 31.98 -3.23
N VAL B 332 -2.38 31.41 -2.09
CA VAL B 332 -1.38 30.33 -2.01
C VAL B 332 -1.88 29.19 -1.10
N GLY B 333 -1.51 27.95 -1.42
CA GLY B 333 -1.97 26.81 -0.62
C GLY B 333 -1.20 25.52 -0.86
N VAL B 334 -1.46 24.56 0.06
CA VAL B 334 -0.87 23.24 -0.04
C VAL B 334 -1.94 22.19 0.29
N ASN B 335 -1.63 20.94 -0.10
CA ASN B 335 -2.47 19.80 0.25
C ASN B 335 -2.02 19.27 1.62
N LYS B 336 -2.91 18.55 2.30
CA LYS B 336 -2.66 18.08 3.64
C LYS B 336 -1.50 17.10 3.68
N ASP B 337 -1.36 16.23 2.66
CA ASP B 337 -0.36 15.18 2.65
C ASP B 337 0.52 15.36 1.43
N GLU B 338 1.22 16.50 1.38
CA GLU B 338 1.90 16.95 0.17
C GLU B 338 2.91 15.90 -0.34
N TYR B 339 3.85 15.47 0.50
CA TYR B 339 4.95 14.67 -0.02
C TYR B 339 4.51 13.23 -0.30
N ASN B 340 3.33 12.82 0.18
CA ASN B 340 2.86 11.44 0.05
C ASN B 340 2.84 10.91 -1.39
N LEU B 341 2.62 11.79 -2.37
CA LEU B 341 2.64 11.40 -3.78
C LEU B 341 3.98 10.72 -4.16
N PHE B 342 5.09 11.26 -3.65
CA PHE B 342 6.42 10.79 -4.03
C PHE B 342 6.70 9.38 -3.51
N ALA B 343 5.97 8.90 -2.50
CA ALA B 343 6.12 7.52 -2.04
C ALA B 343 5.82 6.50 -3.15
N LEU B 344 4.97 6.89 -4.10
CA LEU B 344 4.74 6.06 -5.28
C LEU B 344 6.01 5.98 -6.12
N GLN B 345 6.80 7.06 -6.17
CA GLN B 345 8.03 7.06 -6.93
C GLN B 345 9.12 6.37 -6.11
N ASP B 346 9.17 6.67 -4.82
CA ASP B 346 10.22 6.17 -3.93
C ASP B 346 9.59 5.37 -2.80
N PRO B 347 9.61 4.02 -2.83
CA PRO B 347 8.89 3.22 -1.85
C PRO B 347 9.50 3.12 -0.45
N ALA B 348 10.74 3.61 -0.25
CA ALA B 348 11.34 3.62 1.07
C ALA B 348 10.51 4.42 2.06
N TRP B 349 9.79 5.44 1.57
CA TRP B 349 8.94 6.28 2.39
C TRP B 349 7.82 5.49 3.08
N LEU B 350 7.74 4.18 2.82
CA LEU B 350 6.81 3.28 3.52
C LEU B 350 7.52 2.42 4.56
N GLY B 351 8.84 2.23 4.45
CA GLY B 351 9.55 1.31 5.33
C GLY B 351 9.80 1.93 6.70
N ASP B 352 10.20 1.12 7.69
CA ASP B 352 10.42 1.61 9.05
C ASP B 352 11.92 1.79 9.34
N ASP B 353 12.78 1.59 8.33
CA ASP B 353 14.22 1.62 8.50
C ASP B 353 14.69 3.05 8.78
N GLU B 354 15.22 3.25 9.98
CA GLU B 354 15.48 4.59 10.52
C GLU B 354 16.64 5.27 9.80
N ALA B 355 17.70 4.52 9.51
CA ALA B 355 18.89 5.11 8.93
C ALA B 355 18.60 5.75 7.58
N ALA B 356 17.88 5.06 6.70
CA ALA B 356 17.59 5.60 5.39
C ALA B 356 16.72 6.86 5.46
N LEU B 357 15.72 6.86 6.35
CA LEU B 357 14.83 8.01 6.49
C LEU B 357 15.62 9.24 6.90
N ARG B 358 16.62 9.07 7.79
CA ARG B 358 17.50 10.16 8.17
C ARG B 358 18.25 10.71 6.96
N GLN B 359 18.72 9.81 6.08
CA GLN B 359 19.48 10.21 4.91
C GLN B 359 18.64 11.09 3.99
N ARG B 360 17.38 10.72 3.79
CA ARG B 360 16.50 11.52 2.94
C ARG B 360 16.21 12.88 3.58
N VAL B 361 16.01 12.89 4.90
CA VAL B 361 15.75 14.12 5.65
C VAL B 361 16.99 15.01 5.63
N GLU B 362 18.20 14.42 5.73
CA GLU B 362 19.44 15.17 5.75
C GLU B 362 19.55 16.08 4.52
N ALA B 363 19.17 15.56 3.35
CA ALA B 363 19.31 16.31 2.12
C ALA B 363 18.37 17.51 2.13
N VAL B 364 17.23 17.35 2.79
CA VAL B 364 16.25 18.43 2.83
C VAL B 364 16.62 19.51 3.84
N VAL B 365 16.95 19.15 5.09
CA VAL B 365 17.16 20.14 6.14
C VAL B 365 18.63 20.24 6.60
N GLY B 366 19.50 19.40 6.03
CA GLY B 366 20.91 19.39 6.39
C GLY B 366 21.14 19.05 7.87
N PRO B 367 21.96 19.84 8.60
CA PRO B 367 22.37 19.48 9.96
C PRO B 367 21.25 19.44 11.01
N ALA B 368 20.15 20.17 10.77
CA ALA B 368 19.01 20.21 11.69
C ALA B 368 18.18 18.91 11.67
N ALA B 369 18.57 17.91 10.85
CA ALA B 369 17.74 16.72 10.66
C ALA B 369 17.40 16.04 11.98
N GLY B 370 18.41 15.92 12.86
CA GLY B 370 18.29 15.26 14.16
C GLY B 370 17.12 15.81 14.97
N ARG B 371 17.00 17.14 14.99
CA ARG B 371 16.02 17.80 15.84
C ARG B 371 14.60 17.50 15.33
N LEU B 372 14.42 17.60 14.01
CA LEU B 372 13.09 17.51 13.41
C LEU B 372 12.58 16.06 13.40
N ILE B 373 13.49 15.11 13.17
CA ILE B 373 13.12 13.70 13.17
C ILE B 373 12.54 13.32 14.53
N GLU B 374 13.12 13.86 15.60
CA GLU B 374 12.67 13.57 16.95
C GLU B 374 11.23 14.07 17.16
N PHE B 375 10.95 15.31 16.72
CA PHE B 375 9.63 15.91 16.88
C PHE B 375 8.54 15.12 16.13
N TYR B 376 8.77 14.84 14.84
CA TYR B 376 7.74 14.25 13.98
C TYR B 376 7.49 12.78 14.30
N ARG B 377 8.51 12.07 14.78
CA ARG B 377 8.38 10.66 15.11
C ARG B 377 7.25 10.47 16.11
N SER B 378 7.13 11.37 17.08
CA SER B 378 6.12 11.22 18.12
C SER B 378 4.71 11.35 17.53
N ARG B 379 4.53 12.31 16.63
CA ARG B 379 3.24 12.56 16.03
C ARG B 379 3.05 11.66 14.83
N GLY B 380 1.80 11.55 14.40
CA GLY B 380 1.43 10.71 13.28
C GLY B 380 1.29 9.25 13.69
N GLU B 381 1.09 8.42 12.66
CA GLU B 381 0.81 6.99 12.82
C GLU B 381 1.71 6.17 11.89
N GLY B 382 1.77 4.87 12.18
CA GLY B 382 2.41 3.93 11.27
C GLY B 382 3.92 3.97 11.46
N SER B 383 4.63 3.52 10.41
CA SER B 383 6.08 3.47 10.43
C SER B 383 6.65 4.88 10.63
N LEU B 384 7.95 4.94 10.94
CA LEU B 384 8.60 6.22 11.16
C LEU B 384 8.49 7.07 9.89
N GLY B 385 8.63 6.42 8.73
CA GLY B 385 8.51 7.12 7.45
C GLY B 385 7.13 7.72 7.22
N ARG B 386 6.07 6.98 7.57
CA ARG B 386 4.73 7.48 7.41
C ARG B 386 4.54 8.76 8.24
N ARG B 387 5.08 8.76 9.45
CA ARG B 387 5.02 9.93 10.33
C ARG B 387 5.96 11.01 9.81
N LEU B 388 7.01 10.62 9.08
CA LEU B 388 8.03 11.57 8.60
C LEU B 388 7.57 12.33 7.34
N LEU B 389 6.54 11.86 6.66
CA LEU B 389 6.10 12.49 5.42
C LEU B 389 5.64 13.93 5.69
N PRO B 390 4.91 14.21 6.79
CA PRO B 390 4.62 15.59 7.15
C PRO B 390 5.81 16.53 7.30
N LEU B 391 6.95 15.97 7.72
CA LEU B 391 8.20 16.74 7.78
C LEU B 391 8.59 17.12 6.37
N MET B 392 8.46 16.15 5.44
CA MET B 392 8.79 16.37 4.06
C MET B 392 7.80 17.34 3.42
N SER B 393 6.50 17.22 3.76
CA SER B 393 5.46 18.10 3.26
C SER B 393 5.76 19.53 3.68
N TYR B 394 6.23 19.71 4.93
CA TYR B 394 6.47 21.05 5.43
C TYR B 394 7.68 21.66 4.72
N ALA B 395 8.78 20.88 4.63
CA ALA B 395 10.00 21.42 4.08
C ALA B 395 9.83 21.83 2.61
N VAL B 396 9.27 20.93 1.80
CA VAL B 396 9.18 21.14 0.36
C VAL B 396 8.04 22.10 0.03
N PHE B 397 6.90 22.00 0.77
CA PHE B 397 5.67 22.67 0.38
C PHE B 397 5.24 23.70 1.42
N VAL B 398 5.04 23.30 2.65
CA VAL B 398 4.39 24.17 3.63
C VAL B 398 5.33 25.33 3.99
N ARG B 399 6.61 25.03 4.12
CA ARG B 399 7.56 26.08 4.46
C ARG B 399 7.53 27.20 3.42
N GLY B 400 7.46 26.83 2.14
CA GLY B 400 7.38 27.82 1.05
C GLY B 400 6.08 28.62 1.10
N MET B 401 4.96 27.93 1.35
CA MET B 401 3.66 28.57 1.40
C MET B 401 3.57 29.52 2.59
N LEU B 402 3.99 29.08 3.77
CA LEU B 402 3.88 29.89 4.97
C LEU B 402 4.76 31.14 4.81
N ALA B 403 5.95 30.96 4.22
CA ALA B 403 6.84 32.08 4.00
C ALA B 403 6.19 33.04 3.01
N THR B 404 5.55 32.48 1.97
CA THR B 404 4.87 33.27 0.96
C THR B 404 3.72 34.07 1.61
N ALA B 405 2.89 33.38 2.40
CA ALA B 405 1.73 34.03 3.02
C ALA B 405 2.18 35.09 4.03
N ASP B 406 3.22 34.78 4.79
CA ASP B 406 3.75 35.66 5.82
C ASP B 406 4.34 36.92 5.20
N ALA B 407 5.06 36.76 4.07
CA ALA B 407 5.76 37.86 3.44
C ALA B 407 4.77 38.93 2.96
N GLN B 408 3.67 38.46 2.35
CA GLN B 408 2.63 39.34 1.83
C GLN B 408 1.93 40.13 2.92
N ALA B 409 1.68 39.51 4.09
CA ALA B 409 0.98 40.19 5.17
C ALA B 409 1.80 41.39 5.64
N ARG B 410 3.13 41.25 5.70
CA ARG B 410 3.98 42.32 6.21
C ARG B 410 3.91 43.52 5.26
N VAL B 411 3.99 43.23 3.96
CA VAL B 411 4.07 44.27 2.94
C VAL B 411 2.68 44.85 2.66
N GLY B 412 1.62 44.17 3.13
CA GLY B 412 0.29 44.76 3.11
C GLY B 412 -0.56 44.31 1.92
N ALA B 413 -0.04 43.37 1.13
CA ALA B 413 -0.85 42.79 0.06
C ALA B 413 -1.94 41.90 0.64
N PRO B 414 -3.19 41.97 0.13
CA PRO B 414 -4.24 41.02 0.52
C PRO B 414 -3.85 39.63 0.05
N VAL B 415 -3.99 38.63 0.94
CA VAL B 415 -3.58 37.27 0.67
C VAL B 415 -4.58 36.34 1.35
N TRP B 416 -4.90 35.23 0.68
CA TRP B 416 -5.76 34.19 1.25
C TRP B 416 -5.02 32.86 1.13
N ALA B 417 -5.24 31.97 2.09
CA ALA B 417 -4.45 30.75 2.22
C ALA B 417 -5.39 29.56 2.43
N TYR B 418 -5.02 28.40 1.85
CA TYR B 418 -5.91 27.25 1.90
C TYR B 418 -5.11 25.96 2.09
N ARG B 419 -5.80 24.93 2.58
CA ARG B 419 -5.26 23.58 2.67
C ARG B 419 -6.32 22.62 2.15
N PHE B 420 -5.89 21.76 1.23
CA PHE B 420 -6.77 20.80 0.59
C PHE B 420 -6.73 19.47 1.33
N ASP B 421 -7.85 19.12 1.98
CA ASP B 421 -7.92 18.00 2.89
C ASP B 421 -8.72 16.84 2.30
N PHE B 422 -9.26 16.99 1.08
CA PHE B 422 -10.00 15.93 0.44
C PHE B 422 -9.05 14.77 0.16
N GLU B 423 -9.44 13.57 0.58
CA GLU B 423 -8.56 12.42 0.50
C GLU B 423 -9.08 11.44 -0.53
N THR B 424 -8.19 11.04 -1.45
CA THR B 424 -8.47 9.97 -2.40
C THR B 424 -8.38 8.64 -1.66
N PRO B 425 -9.33 7.70 -1.83
CA PRO B 425 -9.24 6.37 -1.22
C PRO B 425 -8.34 5.32 -1.90
N VAL B 426 -7.80 5.66 -3.09
CA VAL B 426 -7.13 4.67 -3.91
C VAL B 426 -5.76 4.33 -3.31
N LEU B 427 -5.28 3.12 -3.63
CA LEU B 427 -4.02 2.58 -3.12
C LEU B 427 -3.97 2.58 -1.60
N GLY B 428 -5.03 2.10 -0.96
CA GLY B 428 -5.02 1.82 0.47
C GLY B 428 -5.31 3.03 1.35
N GLY B 429 -5.42 4.24 0.80
CA GLY B 429 -5.48 5.42 1.65
C GLY B 429 -4.11 5.89 2.16
N VAL B 430 -3.01 5.37 1.61
CA VAL B 430 -1.70 5.86 2.00
C VAL B 430 -1.47 7.28 1.47
N LEU B 431 -2.09 7.62 0.31
CA LEU B 431 -1.85 8.91 -0.32
C LEU B 431 -2.50 10.05 0.48
N GLY B 432 -3.70 9.81 0.99
CA GLY B 432 -4.48 10.88 1.56
C GLY B 432 -4.74 12.05 0.60
N ALA B 433 -4.62 13.26 1.14
CA ALA B 433 -4.75 14.49 0.35
C ALA B 433 -3.40 14.88 -0.26
N CYS B 434 -3.00 14.11 -1.27
CA CYS B 434 -1.63 14.12 -1.77
C CYS B 434 -1.37 15.28 -2.73
N HIS B 435 -0.13 15.42 -3.11
CA HIS B 435 0.26 16.31 -4.19
C HIS B 435 -0.39 15.96 -5.54
N ALA B 436 -0.91 17.03 -6.18
CA ALA B 436 -1.57 17.07 -7.50
C ALA B 436 -3.02 16.61 -7.46
N LEU B 437 -3.55 16.28 -6.29
CA LEU B 437 -4.93 15.87 -6.19
C LEU B 437 -5.86 17.07 -6.41
N GLU B 438 -5.45 18.25 -6.00
CA GLU B 438 -6.34 19.40 -5.93
C GLU B 438 -6.69 19.97 -7.30
N ILE B 439 -5.94 19.61 -8.35
CA ILE B 439 -6.10 20.28 -9.63
C ILE B 439 -7.53 20.16 -10.15
N PRO B 440 -8.19 18.97 -10.19
CA PRO B 440 -9.53 18.87 -10.76
C PRO B 440 -10.57 19.74 -10.05
N PHE B 441 -10.37 20.05 -8.78
CA PHE B 441 -11.29 20.90 -8.04
C PHE B 441 -11.27 22.33 -8.59
N VAL B 442 -10.06 22.87 -8.84
CA VAL B 442 -9.94 24.24 -9.29
C VAL B 442 -10.45 24.37 -10.74
N PHE B 443 -10.18 23.36 -11.57
CA PHE B 443 -10.53 23.42 -12.98
C PHE B 443 -11.91 22.84 -13.23
N ASN B 444 -12.53 22.24 -12.22
CA ASN B 444 -13.80 21.54 -12.39
C ASN B 444 -13.68 20.53 -13.53
N THR B 445 -12.63 19.70 -13.45
CA THR B 445 -12.30 18.77 -14.52
C THR B 445 -12.37 17.37 -13.97
N LEU B 446 -13.28 17.15 -12.99
CA LEU B 446 -13.40 15.85 -12.36
C LEU B 446 -13.74 14.83 -13.44
N ASP B 447 -14.50 15.24 -14.47
CA ASP B 447 -14.98 14.31 -15.48
C ASP B 447 -13.93 14.18 -16.58
N ARG B 448 -12.92 15.05 -16.60
CA ARG B 448 -11.97 15.10 -17.72
C ARG B 448 -10.94 13.95 -17.65
N ALA B 449 -10.78 13.20 -18.75
CA ALA B 449 -9.80 12.13 -18.91
C ALA B 449 -9.78 11.11 -17.75
N GLY B 450 -10.98 10.68 -17.31
CA GLY B 450 -11.16 9.71 -16.24
C GLY B 450 -10.42 10.02 -14.95
N ALA B 451 -10.54 11.27 -14.47
CA ALA B 451 -9.85 11.70 -13.25
C ALA B 451 -10.32 10.89 -12.05
N ASP B 452 -11.61 10.59 -11.99
CA ASP B 452 -12.22 9.84 -10.89
C ASP B 452 -11.30 8.75 -10.32
N ARG B 453 -10.58 8.02 -11.15
CA ARG B 453 -9.63 7.02 -10.67
C ARG B 453 -8.66 7.57 -9.60
N PHE B 454 -8.10 8.77 -9.82
CA PHE B 454 -7.10 9.32 -8.93
C PHE B 454 -7.76 9.79 -7.64
N THR B 455 -8.95 10.41 -7.75
CA THR B 455 -9.59 11.06 -6.60
C THR B 455 -10.73 10.22 -5.98
N GLY B 456 -11.14 9.16 -6.67
CA GLY B 456 -12.36 8.45 -6.29
C GLY B 456 -13.58 9.11 -6.92
N THR B 457 -14.74 8.49 -6.66
CA THR B 457 -15.99 8.84 -7.31
C THR B 457 -17.03 9.26 -6.27
N ALA B 458 -16.59 9.71 -5.09
CA ALA B 458 -17.55 10.10 -4.06
C ALA B 458 -18.35 11.34 -4.50
N PRO B 459 -19.69 11.37 -4.32
CA PRO B 459 -20.50 12.51 -4.76
C PRO B 459 -20.18 13.84 -4.08
N GLU B 460 -19.74 13.77 -2.81
CA GLU B 460 -19.36 14.96 -2.07
C GLU B 460 -18.31 15.81 -2.81
N ARG B 461 -17.56 15.20 -3.73
CA ARG B 461 -16.38 15.87 -4.28
C ARG B 461 -16.78 17.04 -5.16
N TYR B 462 -18.00 16.97 -5.73
CA TYR B 462 -18.48 18.04 -6.59
C TYR B 462 -18.64 19.33 -5.79
N ALA B 463 -19.10 19.21 -4.55
CA ALA B 463 -19.36 20.37 -3.73
C ALA B 463 -18.05 21.09 -3.40
N VAL B 464 -17.01 20.35 -3.02
CA VAL B 464 -15.72 20.96 -2.71
C VAL B 464 -15.09 21.49 -4.01
N ALA B 465 -15.24 20.74 -5.11
CA ALA B 465 -14.73 21.23 -6.40
C ALA B 465 -15.37 22.56 -6.78
N GLN B 466 -16.69 22.65 -6.64
CA GLN B 466 -17.39 23.88 -6.91
C GLN B 466 -16.95 24.97 -5.93
N ALA B 467 -16.72 24.60 -4.68
CA ALA B 467 -16.26 25.58 -3.71
C ALA B 467 -14.90 26.20 -4.08
N MET B 468 -13.97 25.37 -4.54
CA MET B 468 -12.62 25.87 -4.91
C MET B 468 -12.68 26.62 -6.24
N HIS B 469 -13.38 26.05 -7.24
CA HIS B 469 -13.39 26.67 -8.59
C HIS B 469 -14.02 28.06 -8.52
N ARG B 470 -15.18 28.18 -7.78
CA ARG B 470 -15.80 29.49 -7.68
C ARG B 470 -14.94 30.44 -6.86
N ALA B 471 -14.20 29.97 -5.81
CA ALA B 471 -13.31 30.82 -5.00
C ALA B 471 -12.21 31.39 -5.89
N TRP B 472 -11.60 30.52 -6.69
CA TRP B 472 -10.56 30.97 -7.59
C TRP B 472 -11.10 32.05 -8.53
N ILE B 473 -12.27 31.79 -9.13
CA ILE B 473 -12.94 32.76 -9.99
C ILE B 473 -13.15 34.06 -9.21
N ALA B 474 -13.69 33.95 -7.99
CA ALA B 474 -13.94 35.12 -7.16
C ALA B 474 -12.65 35.91 -6.89
N PHE B 475 -11.54 35.20 -6.69
CA PHE B 475 -10.25 35.83 -6.47
C PHE B 475 -9.80 36.54 -7.75
N ALA B 476 -9.94 35.85 -8.88
CA ALA B 476 -9.53 36.41 -10.16
C ALA B 476 -10.35 37.66 -10.50
N ARG B 477 -11.63 37.69 -10.11
CA ARG B 477 -12.54 38.76 -10.45
C ARG B 477 -12.33 40.00 -9.56
N GLU B 478 -12.45 39.83 -8.26
CA GLU B 478 -12.55 40.96 -7.36
C GLU B 478 -11.38 41.00 -6.38
N GLY B 479 -10.45 40.03 -6.42
CA GLY B 479 -9.36 39.99 -5.44
C GLY B 479 -9.86 39.49 -4.08
N ASN B 480 -10.98 38.78 -4.10
CA ASN B 480 -11.56 38.12 -2.94
C ASN B 480 -12.08 36.77 -3.39
N PRO B 481 -11.58 35.65 -2.84
CA PRO B 481 -12.13 34.35 -3.23
C PRO B 481 -13.48 33.96 -2.60
N GLN B 482 -14.07 34.80 -1.74
CA GLN B 482 -15.35 34.44 -1.15
C GLN B 482 -16.42 34.14 -2.19
N HIS B 483 -17.22 33.09 -1.95
CA HIS B 483 -18.49 32.84 -2.62
C HIS B 483 -19.45 32.05 -1.72
N ASP B 484 -20.66 31.85 -2.20
CA ASP B 484 -21.80 31.35 -1.44
C ASP B 484 -21.56 29.90 -0.97
N GLY B 485 -20.79 29.14 -1.75
CA GLY B 485 -20.50 27.76 -1.41
C GLY B 485 -19.57 27.66 -0.23
N LEU B 486 -18.85 28.75 0.08
CA LEU B 486 -17.86 28.74 1.14
C LEU B 486 -18.37 29.53 2.32
N PRO B 487 -17.96 29.20 3.56
CA PRO B 487 -18.25 30.04 4.72
C PRO B 487 -17.36 31.27 4.60
N GLU B 488 -17.61 32.27 5.46
CA GLU B 488 -16.88 33.51 5.39
C GLU B 488 -15.40 33.19 5.46
N TRP B 489 -14.65 33.66 4.46
CA TRP B 489 -13.23 33.38 4.33
C TRP B 489 -12.44 34.64 4.62
N PRO B 490 -11.83 34.79 5.82
CA PRO B 490 -11.09 36.02 6.13
C PRO B 490 -9.74 36.11 5.42
N ARG B 491 -9.28 37.33 5.20
CA ARG B 491 -7.96 37.59 4.69
C ARG B 491 -6.88 36.99 5.61
N TYR B 492 -5.84 36.45 5.00
CA TYR B 492 -4.73 35.90 5.75
C TYR B 492 -3.91 37.04 6.38
N ASP B 493 -3.55 36.89 7.64
CA ASP B 493 -2.77 37.93 8.33
C ASP B 493 -1.70 37.27 9.21
N LEU B 494 -0.71 38.06 9.62
CA LEU B 494 0.36 37.54 10.46
C LEU B 494 -0.17 37.11 11.84
N GLU B 495 -1.13 37.86 12.40
CA GLU B 495 -1.54 37.62 13.77
C GLU B 495 -2.26 36.28 13.92
N GLU B 496 -3.31 36.08 13.12
CA GLU B 496 -4.21 34.96 13.26
C GLU B 496 -3.95 33.87 12.21
N ARG B 497 -3.40 34.22 11.03
CA ARG B 497 -3.00 33.24 10.02
C ARG B 497 -4.19 32.33 9.65
N ALA B 498 -5.29 32.99 9.28
CA ALA B 498 -6.49 32.25 8.91
C ALA B 498 -6.25 31.43 7.65
N VAL B 499 -6.70 30.16 7.68
CA VAL B 499 -6.57 29.28 6.55
C VAL B 499 -7.92 28.63 6.26
N MET B 500 -8.42 28.78 5.02
CA MET B 500 -9.61 28.06 4.57
C MET B 500 -9.23 26.63 4.22
N VAL B 501 -9.99 25.65 4.76
CA VAL B 501 -9.68 24.26 4.47
C VAL B 501 -10.75 23.70 3.58
N PHE B 502 -10.37 23.26 2.40
CA PHE B 502 -11.30 22.62 1.48
C PHE B 502 -11.40 21.12 1.80
N ALA B 503 -12.61 20.74 2.20
CA ALA B 503 -12.88 19.37 2.57
C ALA B 503 -14.37 19.14 2.37
N VAL B 504 -14.82 17.90 2.64
CA VAL B 504 -16.24 17.58 2.67
C VAL B 504 -16.99 18.58 3.56
N GLU B 505 -16.41 19.00 4.70
CA GLU B 505 -16.91 20.15 5.43
C GLU B 505 -15.83 21.23 5.50
N PRO B 506 -15.91 22.29 4.66
CA PRO B 506 -14.99 23.41 4.77
C PRO B 506 -15.09 24.16 6.09
N ARG B 507 -13.93 24.61 6.58
CA ARG B 507 -13.84 25.36 7.83
C ARG B 507 -12.62 26.26 7.72
N VAL B 508 -12.57 27.33 8.50
CA VAL B 508 -11.40 28.18 8.57
C VAL B 508 -10.60 27.86 9.83
N GLU B 509 -9.29 27.62 9.64
CA GLU B 509 -8.38 27.28 10.71
C GLU B 509 -7.33 28.38 10.84
N ARG B 510 -7.10 28.79 12.09
CA ARG B 510 -6.13 29.80 12.42
C ARG B 510 -4.79 29.15 12.80
N ASP B 511 -3.72 29.55 12.11
CA ASP B 511 -2.36 29.16 12.39
C ASP B 511 -2.24 27.64 12.55
N PRO B 512 -2.73 26.86 11.57
CA PRO B 512 -2.73 25.41 11.70
C PRO B 512 -1.34 24.81 11.81
N TRP B 513 -0.31 25.48 11.24
CA TRP B 513 1.06 24.97 11.31
C TRP B 513 1.88 25.61 12.44
N ARG B 514 1.22 26.19 13.46
CA ARG B 514 1.92 26.98 14.47
C ARG B 514 3.00 26.14 15.15
N ALA B 515 2.66 24.90 15.50
CA ALA B 515 3.62 23.99 16.12
C ALA B 515 4.78 23.77 15.15
N GLU B 516 4.43 23.54 13.88
CA GLU B 516 5.41 23.35 12.84
C GLU B 516 6.17 24.66 12.59
N ARG B 517 5.49 25.81 12.62
CA ARG B 517 6.18 27.07 12.41
C ARG B 517 7.25 27.27 13.50
N GLU B 518 6.87 27.03 14.75
CA GLU B 518 7.74 27.33 15.88
C GLU B 518 8.88 26.32 15.97
N VAL B 519 8.62 25.02 15.78
CA VAL B 519 9.70 24.05 15.90
C VAL B 519 10.77 24.35 14.83
N TRP B 520 10.34 24.64 13.60
CA TRP B 520 11.28 24.95 12.53
C TRP B 520 12.00 26.27 12.80
N ALA B 521 11.34 27.19 13.52
CA ALA B 521 11.94 28.46 13.92
C ALA B 521 13.06 28.20 14.92
N ALA B 522 12.89 27.17 15.77
CA ALA B 522 13.84 26.89 16.84
C ALA B 522 14.89 25.89 16.39
N ALA B 523 14.54 25.02 15.43
CA ALA B 523 15.46 24.00 14.94
C ALA B 523 16.51 24.60 14.00
N GLY B 524 16.53 25.92 13.86
CA GLY B 524 17.61 26.53 13.11
C GLY B 524 17.29 26.64 11.62
N VAL B 525 16.34 25.87 11.12
CA VAL B 525 16.15 25.79 9.69
C VAL B 525 15.09 26.79 9.22
N GLY B 526 14.12 27.14 10.06
CA GLY B 526 12.99 27.96 9.59
C GLY B 526 13.05 29.37 10.14
N LEU C 30 42.14 -14.09 11.46
CA LEU C 30 42.21 -13.55 10.08
C LEU C 30 43.66 -13.65 9.55
N HIS C 31 43.93 -14.59 8.63
CA HIS C 31 45.25 -14.68 8.01
C HIS C 31 45.13 -14.71 6.48
N ASP C 32 46.11 -14.12 5.80
CA ASP C 32 46.29 -14.24 4.35
C ASP C 32 46.42 -15.71 3.94
N VAL C 33 45.79 -16.06 2.82
CA VAL C 33 45.94 -17.39 2.22
C VAL C 33 46.31 -17.16 0.75
N ILE C 34 47.41 -17.78 0.31
CA ILE C 34 47.83 -17.66 -1.07
C ILE C 34 47.58 -18.95 -1.83
N VAL C 35 46.97 -18.78 -3.00
CA VAL C 35 46.45 -19.86 -3.79
C VAL C 35 46.80 -19.56 -5.23
N GLU C 36 47.19 -20.62 -5.93
CA GLU C 36 47.79 -20.51 -7.24
C GLU C 36 46.79 -21.02 -8.28
N THR C 37 46.34 -20.10 -9.14
CA THR C 37 45.50 -20.43 -10.29
C THR C 37 46.47 -20.61 -11.44
N ARG C 38 45.96 -21.11 -12.57
CA ARG C 38 46.76 -21.33 -13.76
C ARG C 38 47.42 -20.03 -14.25
N TYR C 39 46.85 -18.88 -13.92
CA TYR C 39 47.27 -17.61 -14.45
C TYR C 39 48.14 -16.89 -13.45
N GLY C 40 47.94 -17.09 -12.14
CA GLY C 40 48.71 -16.37 -11.15
C GLY C 40 48.32 -16.74 -9.72
N ALA C 41 49.13 -16.26 -8.77
CA ALA C 41 48.84 -16.40 -7.35
C ALA C 41 47.86 -15.33 -6.92
N VAL C 42 46.96 -15.70 -6.01
CA VAL C 42 45.93 -14.77 -5.52
C VAL C 42 45.85 -14.92 -4.01
N ARG C 43 45.59 -13.80 -3.33
CA ARG C 43 45.67 -13.77 -1.87
C ARG C 43 44.27 -13.71 -1.28
N GLY C 44 43.85 -14.80 -0.63
CA GLY C 44 42.54 -14.83 0.05
C GLY C 44 42.71 -14.72 1.55
N ARG C 45 41.69 -15.00 2.35
CA ARG C 45 41.64 -14.78 3.79
C ARG C 45 40.78 -15.86 4.45
N SER C 46 41.26 -16.30 5.63
CA SER C 46 40.47 -17.31 6.38
C SER C 46 40.22 -16.83 7.81
N ASP C 47 39.00 -17.05 8.31
CA ASP C 47 38.68 -16.71 9.72
C ASP C 47 38.91 -17.96 10.58
N GLY C 48 39.41 -19.03 9.97
CA GLY C 48 39.57 -20.28 10.69
C GLY C 48 38.48 -21.27 10.33
N THR C 49 37.37 -20.76 9.78
CA THR C 49 36.26 -21.63 9.45
C THR C 49 36.02 -21.65 7.94
N VAL C 50 36.14 -20.50 7.28
CA VAL C 50 35.98 -20.42 5.84
C VAL C 50 37.05 -19.53 5.26
N CYS C 51 37.50 -19.92 4.07
CA CYS C 51 38.42 -19.13 3.26
C CYS C 51 37.67 -18.50 2.10
N VAL C 52 37.97 -17.22 1.86
CA VAL C 52 37.31 -16.49 0.79
C VAL C 52 38.36 -15.85 -0.11
N TRP C 53 38.21 -16.04 -1.42
CA TRP C 53 38.95 -15.28 -2.42
C TRP C 53 38.00 -14.35 -3.17
N LYS C 54 38.39 -13.06 -3.26
CA LYS C 54 37.54 -12.05 -3.88
C LYS C 54 38.27 -11.36 -5.04
N GLY C 55 37.53 -10.98 -6.08
CA GLY C 55 38.10 -10.17 -7.12
C GLY C 55 39.17 -10.93 -7.92
N VAL C 56 38.94 -12.22 -8.14
CA VAL C 56 39.89 -13.04 -8.88
C VAL C 56 39.56 -12.92 -10.37
N PRO C 57 40.47 -12.42 -11.22
CA PRO C 57 40.17 -12.20 -12.63
C PRO C 57 40.16 -13.48 -13.44
N PHE C 58 39.04 -13.74 -14.15
CA PHE C 58 38.91 -14.96 -14.96
C PHE C 58 38.99 -14.63 -16.46
N ALA C 59 39.17 -13.33 -16.79
CA ALA C 59 39.30 -12.91 -18.16
C ALA C 59 40.01 -11.56 -18.23
N ARG C 60 40.55 -11.27 -19.40
CA ARG C 60 41.15 -9.98 -19.67
C ARG C 60 40.05 -8.92 -19.64
N PRO C 61 40.31 -7.73 -19.07
CA PRO C 61 39.32 -6.65 -19.01
C PRO C 61 38.86 -6.26 -20.41
N PRO C 62 37.56 -6.36 -20.70
CA PRO C 62 37.08 -6.18 -22.06
C PRO C 62 36.91 -4.68 -22.36
N VAL C 63 38.06 -3.99 -22.45
CA VAL C 63 38.11 -2.55 -22.69
C VAL C 63 38.89 -2.27 -23.96
N GLY C 64 38.72 -1.08 -24.50
CA GLY C 64 39.51 -0.71 -25.66
C GLY C 64 39.21 -1.65 -26.82
N PRO C 65 40.25 -2.18 -27.48
CA PRO C 65 40.06 -3.19 -28.52
C PRO C 65 39.29 -4.42 -28.04
N LEU C 66 39.37 -4.77 -26.76
CA LEU C 66 38.68 -5.97 -26.30
C LEU C 66 37.19 -5.70 -26.08
N ARG C 67 36.79 -4.43 -26.03
CA ARG C 67 35.40 -4.07 -25.93
C ARG C 67 34.63 -4.67 -27.09
N PHE C 68 33.42 -5.19 -26.81
CA PHE C 68 32.55 -5.82 -27.83
C PHE C 68 33.21 -7.01 -28.52
N ARG C 69 34.06 -7.75 -27.80
CA ARG C 69 34.74 -8.93 -28.31
C ARG C 69 34.56 -10.07 -27.31
N PRO C 70 34.64 -11.35 -27.75
CA PRO C 70 34.48 -12.49 -26.85
C PRO C 70 35.57 -12.53 -25.80
N PRO C 71 35.28 -13.06 -24.60
CA PRO C 71 36.20 -12.93 -23.48
C PRO C 71 37.46 -13.78 -23.73
N GLU C 72 38.61 -13.28 -23.27
CA GLU C 72 39.86 -14.01 -23.42
C GLU C 72 40.49 -14.17 -22.03
N PRO C 73 41.20 -15.30 -21.81
CA PRO C 73 41.80 -15.57 -20.52
C PRO C 73 42.76 -14.46 -20.20
N PRO C 74 42.91 -14.12 -18.90
CA PRO C 74 43.78 -13.06 -18.52
C PRO C 74 45.23 -13.43 -18.82
N GLU C 75 46.05 -12.40 -19.02
CA GLU C 75 47.48 -12.58 -19.21
C GLU C 75 48.02 -13.02 -17.86
N PRO C 76 48.94 -14.03 -17.81
CA PRO C 76 49.41 -14.54 -16.53
C PRO C 76 50.24 -13.47 -15.83
N TRP C 77 50.27 -13.50 -14.51
CA TRP C 77 51.20 -12.66 -13.81
C TRP C 77 52.07 -13.52 -12.89
N SER C 78 53.32 -13.11 -12.74
CA SER C 78 54.19 -13.63 -11.70
C SER C 78 53.88 -12.92 -10.39
N GLY C 79 54.08 -13.59 -9.27
CA GLY C 79 53.94 -12.91 -7.98
C GLY C 79 52.52 -12.98 -7.45
N VAL C 80 52.25 -12.24 -6.36
CA VAL C 80 50.98 -12.37 -5.65
C VAL C 80 50.12 -11.13 -5.93
N ARG C 81 48.96 -11.35 -6.55
CA ARG C 81 47.97 -10.29 -6.63
C ARG C 81 47.04 -10.37 -5.42
N ASP C 82 46.51 -9.24 -4.98
CA ASP C 82 45.51 -9.25 -3.91
C ASP C 82 44.20 -9.85 -4.42
N ALA C 83 43.68 -10.86 -3.69
CA ALA C 83 42.34 -11.38 -3.93
C ALA C 83 41.50 -11.25 -2.66
N THR C 84 41.76 -10.22 -1.88
CA THR C 84 40.95 -9.96 -0.67
C THR C 84 39.88 -8.95 -1.01
N ARG C 85 39.95 -8.36 -2.18
CA ARG C 85 39.01 -7.31 -2.54
C ARG C 85 38.21 -7.70 -3.78
N PHE C 86 36.87 -7.36 -3.69
CA PHE C 86 35.94 -7.66 -4.80
C PHE C 86 36.32 -6.88 -6.07
N GLY C 87 36.09 -7.49 -7.22
CA GLY C 87 36.31 -6.85 -8.50
C GLY C 87 35.19 -5.85 -8.81
N PRO C 88 35.41 -4.89 -9.75
CA PRO C 88 34.35 -4.00 -10.20
C PRO C 88 33.18 -4.72 -10.85
N ALA C 89 31.97 -4.20 -10.55
CA ALA C 89 30.75 -4.65 -11.17
C ALA C 89 30.67 -4.12 -12.60
N SER C 90 29.82 -4.76 -13.38
CA SER C 90 29.56 -4.25 -14.73
C SER C 90 28.83 -2.91 -14.63
N VAL C 91 29.03 -2.06 -15.64
CA VAL C 91 28.34 -0.77 -15.64
C VAL C 91 26.84 -1.02 -15.80
N GLN C 92 26.03 -0.38 -14.95
CA GLN C 92 24.63 -0.71 -14.86
C GLN C 92 23.83 0.53 -14.43
N PRO C 93 22.54 0.61 -14.82
CA PRO C 93 21.64 1.61 -14.26
C PRO C 93 21.37 1.27 -12.79
N GLU C 94 20.97 2.28 -12.00
CA GLU C 94 20.69 2.09 -10.59
C GLU C 94 19.43 1.22 -10.48
N ASP C 95 19.44 0.28 -9.52
CA ASP C 95 18.28 -0.56 -9.24
C ASP C 95 17.52 0.05 -8.05
N ARG C 96 16.82 1.15 -8.34
CA ARG C 96 16.17 1.95 -7.32
C ARG C 96 15.20 1.09 -6.51
N LEU C 97 14.55 0.12 -7.17
CA LEU C 97 13.51 -0.67 -6.54
C LEU C 97 14.08 -1.48 -5.37
N ILE C 98 15.18 -2.20 -5.64
CA ILE C 98 15.83 -3.00 -4.61
C ILE C 98 16.79 -2.14 -3.78
N SER C 99 17.43 -1.11 -4.39
CA SER C 99 18.46 -0.34 -3.70
C SER C 99 17.84 0.44 -2.52
N ASN C 100 16.56 0.82 -2.64
CA ASN C 100 15.88 1.51 -1.54
C ASN C 100 15.69 0.55 -0.37
N LEU C 101 15.37 -0.71 -0.69
CA LEU C 101 15.19 -1.75 0.33
C LEU C 101 16.54 -2.14 0.96
N THR C 102 17.60 -2.18 0.13
CA THR C 102 18.94 -2.54 0.59
C THR C 102 19.67 -1.32 1.15
N GLY C 103 19.51 -0.16 0.49
CA GLY C 103 20.12 1.08 0.93
C GLY C 103 21.54 1.27 0.40
N GLY C 104 22.13 0.18 -0.15
CA GLY C 104 23.51 0.16 -0.60
C GLY C 104 23.89 1.42 -1.37
N ALA C 105 25.13 1.91 -1.12
CA ALA C 105 25.69 3.02 -1.84
C ALA C 105 25.82 2.69 -3.34
N THR C 106 26.20 3.69 -4.16
CA THR C 106 26.48 3.44 -5.57
C THR C 106 27.52 2.33 -5.71
N LEU C 107 27.22 1.36 -6.58
CA LEU C 107 28.10 0.22 -6.81
C LEU C 107 29.33 0.70 -7.57
N PRO C 108 30.56 0.40 -7.13
CA PRO C 108 31.73 0.56 -7.99
C PRO C 108 31.60 -0.35 -9.24
N GLN C 109 31.84 0.24 -10.41
CA GLN C 109 31.50 -0.36 -11.68
C GLN C 109 32.60 -0.01 -12.65
N ASP C 110 32.84 -0.92 -13.60
CA ASP C 110 33.78 -0.71 -14.68
C ASP C 110 33.51 -1.73 -15.77
N GLU C 111 33.88 -1.37 -17.01
CA GLU C 111 33.92 -2.32 -18.11
C GLU C 111 34.87 -3.47 -17.80
N ASP C 112 35.92 -3.16 -17.06
CA ASP C 112 36.79 -4.19 -16.46
C ASP C 112 36.09 -4.77 -15.24
N CYS C 113 35.26 -5.78 -15.48
CA CYS C 113 34.30 -6.29 -14.51
C CYS C 113 34.32 -7.80 -14.44
N LEU C 114 35.22 -8.45 -15.18
CA LEU C 114 35.17 -9.92 -15.31
C LEU C 114 35.91 -10.53 -14.13
N TYR C 115 35.20 -10.67 -13.01
CA TYR C 115 35.76 -11.26 -11.81
C TYR C 115 34.76 -12.23 -11.21
N LEU C 116 35.30 -13.27 -10.54
CA LEU C 116 34.50 -14.19 -9.76
C LEU C 116 35.13 -14.32 -8.37
N ASN C 117 34.33 -14.83 -7.43
CA ASN C 117 34.74 -14.92 -6.04
C ASN C 117 34.51 -16.34 -5.57
N ILE C 118 35.49 -16.90 -4.83
CA ILE C 118 35.44 -18.31 -4.39
C ILE C 118 35.40 -18.40 -2.87
N TRP C 119 34.44 -19.16 -2.35
CA TRP C 119 34.40 -19.48 -0.94
C TRP C 119 34.71 -20.96 -0.79
N SER C 120 35.67 -21.29 0.08
CA SER C 120 36.00 -22.68 0.35
C SER C 120 36.39 -22.84 1.80
N PRO C 121 36.07 -23.99 2.44
CA PRO C 121 36.65 -24.31 3.76
C PRO C 121 38.16 -24.32 3.73
N SER C 122 38.76 -24.85 2.65
CA SER C 122 40.20 -24.98 2.56
C SER C 122 40.65 -25.04 1.10
N PRO C 123 41.82 -24.48 0.73
CA PRO C 123 42.33 -24.63 -0.64
C PRO C 123 42.61 -26.08 -0.98
N ASP C 124 42.93 -26.86 0.05
CA ASP C 124 43.08 -28.30 -0.01
C ASP C 124 41.70 -28.94 -0.01
N GLY C 125 41.58 -30.05 -0.76
CA GLY C 125 40.31 -30.78 -0.90
C GLY C 125 39.73 -30.74 -2.32
N ARG C 126 38.68 -31.56 -2.55
CA ARG C 126 37.98 -31.64 -3.83
C ARG C 126 36.47 -31.79 -3.60
N ARG C 127 35.82 -30.67 -3.25
CA ARG C 127 34.41 -30.69 -2.92
C ARG C 127 33.59 -30.40 -4.18
N PRO C 128 32.32 -30.79 -4.22
CA PRO C 128 31.43 -30.31 -5.28
C PRO C 128 31.33 -28.78 -5.33
N VAL C 129 31.01 -28.27 -6.52
CA VAL C 129 31.12 -26.84 -6.80
C VAL C 129 29.72 -26.29 -7.14
N MET C 130 29.42 -25.11 -6.56
CA MET C 130 28.19 -24.40 -6.86
C MET C 130 28.56 -23.07 -7.48
N VAL C 131 28.02 -22.81 -8.67
CA VAL C 131 28.40 -21.62 -9.41
C VAL C 131 27.13 -20.80 -9.65
N TRP C 132 27.18 -19.54 -9.21
CA TRP C 132 25.98 -18.70 -9.08
C TRP C 132 25.96 -17.64 -10.16
N ILE C 133 24.80 -17.52 -10.84
CA ILE C 133 24.56 -16.48 -11.84
C ILE C 133 23.42 -15.60 -11.32
N HIS C 134 23.72 -14.30 -11.12
CA HIS C 134 22.79 -13.35 -10.53
C HIS C 134 21.82 -12.85 -11.59
N GLY C 135 20.67 -12.39 -11.11
CA GLY C 135 19.67 -11.82 -11.99
C GLY C 135 19.87 -10.32 -12.04
N GLY C 136 18.85 -9.65 -12.57
CA GLY C 136 18.94 -8.23 -12.80
C GLY C 136 18.65 -7.86 -14.25
N ALA C 137 17.90 -8.70 -14.99
CA ALA C 137 17.36 -8.40 -16.32
C ALA C 137 18.45 -8.10 -17.36
N TYR C 138 19.66 -8.61 -17.12
CA TYR C 138 20.78 -8.52 -18.05
C TYR C 138 21.37 -7.12 -18.16
N LEU C 139 20.93 -6.16 -17.33
CA LEU C 139 21.50 -4.82 -17.32
C LEU C 139 22.13 -4.42 -15.99
N THR C 140 21.72 -5.06 -14.88
CA THR C 140 22.15 -4.61 -13.56
C THR C 140 22.64 -5.81 -12.77
N GLY C 141 23.25 -5.52 -11.61
CA GLY C 141 23.60 -6.54 -10.65
C GLY C 141 25.11 -6.79 -10.60
N ALA C 142 25.52 -7.63 -9.66
CA ALA C 142 26.91 -8.03 -9.51
C ALA C 142 27.00 -9.27 -8.61
N GLY C 143 28.10 -9.99 -8.76
CA GLY C 143 28.50 -11.01 -7.79
C GLY C 143 28.78 -10.42 -6.41
N SER C 144 29.30 -9.18 -6.36
CA SER C 144 29.54 -8.49 -5.11
C SER C 144 28.28 -8.17 -4.28
N ILE C 145 27.06 -8.41 -4.77
CA ILE C 145 25.88 -8.12 -3.97
C ILE C 145 25.89 -8.97 -2.70
N PRO C 146 25.63 -8.38 -1.53
CA PRO C 146 25.77 -9.13 -0.28
C PRO C 146 24.85 -10.35 -0.11
N TRP C 147 23.65 -10.32 -0.70
CA TRP C 147 22.74 -11.46 -0.55
C TRP C 147 23.32 -12.77 -1.10
N TYR C 148 24.29 -12.68 -2.03
CA TYR C 148 24.78 -13.85 -2.73
C TYR C 148 25.99 -14.47 -2.02
N ASP C 149 26.35 -13.93 -0.85
CA ASP C 149 27.51 -14.41 -0.12
C ASP C 149 27.46 -15.91 0.09
N GLY C 150 28.54 -16.58 -0.33
CA GLY C 150 28.63 -18.02 -0.33
C GLY C 150 29.19 -18.61 0.96
N THR C 151 29.53 -17.79 1.96
CA THR C 151 30.15 -18.34 3.16
C THR C 151 29.26 -19.39 3.86
N ALA C 152 27.98 -19.06 4.09
CA ALA C 152 27.09 -19.91 4.87
C ALA C 152 26.90 -21.25 4.20
N LEU C 153 26.72 -21.27 2.86
CA LEU C 153 26.68 -22.55 2.14
C LEU C 153 28.01 -23.30 2.31
N ALA C 154 29.14 -22.61 2.18
CA ALA C 154 30.46 -23.25 2.24
C ALA C 154 30.72 -23.79 3.65
N ARG C 155 30.44 -22.97 4.65
CA ARG C 155 30.69 -23.34 6.04
C ARG C 155 29.76 -24.48 6.45
N GLU C 156 28.46 -24.37 6.17
CA GLU C 156 27.48 -25.40 6.53
C GLU C 156 27.63 -26.64 5.64
N GLY C 157 27.91 -26.48 4.33
CA GLY C 157 27.83 -27.58 3.36
C GLY C 157 29.18 -28.19 2.93
N ASP C 158 30.30 -27.58 3.33
CA ASP C 158 31.62 -27.99 2.87
C ASP C 158 31.66 -27.97 1.35
N VAL C 159 31.25 -26.81 0.78
CA VAL C 159 31.07 -26.70 -0.66
C VAL C 159 31.90 -25.54 -1.11
N VAL C 160 32.21 -25.53 -2.39
CA VAL C 160 32.84 -24.38 -2.98
C VAL C 160 31.74 -23.59 -3.71
N VAL C 161 31.68 -22.28 -3.41
CA VAL C 161 30.72 -21.39 -4.04
C VAL C 161 31.47 -20.36 -4.88
N VAL C 162 31.03 -20.23 -6.14
CA VAL C 162 31.51 -19.18 -6.99
C VAL C 162 30.34 -18.23 -7.29
N THR C 163 30.56 -16.94 -7.01
CA THR C 163 29.69 -15.88 -7.50
C THR C 163 30.51 -15.06 -8.47
N LEU C 164 29.89 -14.67 -9.60
CA LEU C 164 30.64 -14.04 -10.68
C LEU C 164 29.91 -12.82 -11.21
N ASN C 165 30.67 -11.97 -11.91
CA ASN C 165 30.13 -10.86 -12.66
C ASN C 165 30.32 -11.13 -14.15
N TYR C 166 29.32 -10.73 -14.92
CA TYR C 166 29.30 -10.89 -16.36
C TYR C 166 28.95 -9.54 -16.94
N ARG C 167 29.42 -9.32 -18.14
CA ARG C 167 29.13 -8.05 -18.80
C ARG C 167 27.61 -7.85 -18.88
N LEU C 168 27.15 -6.64 -18.49
CA LEU C 168 25.73 -6.31 -18.41
C LEU C 168 25.35 -5.26 -19.45
N GLY C 169 24.06 -5.13 -19.76
CA GLY C 169 23.60 -4.05 -20.62
C GLY C 169 24.04 -4.25 -22.05
N ALA C 170 24.26 -3.14 -22.73
CA ALA C 170 24.73 -3.16 -24.10
C ALA C 170 26.08 -3.90 -24.26
N LEU C 171 26.98 -3.80 -23.28
CA LEU C 171 28.29 -4.41 -23.39
C LEU C 171 28.18 -5.95 -23.33
N GLY C 172 27.13 -6.44 -22.67
CA GLY C 172 26.79 -7.85 -22.64
C GLY C 172 25.94 -8.36 -23.81
N PHE C 173 24.91 -7.60 -24.27
CA PHE C 173 23.79 -8.20 -24.98
C PHE C 173 23.35 -7.37 -26.19
N LEU C 174 24.13 -6.37 -26.60
CA LEU C 174 23.78 -5.61 -27.79
C LEU C 174 24.06 -6.45 -29.02
N TYR C 175 23.08 -6.53 -29.92
CA TYR C 175 23.27 -7.22 -31.18
C TYR C 175 23.81 -6.26 -32.22
N LEU C 176 25.07 -6.44 -32.63
CA LEU C 176 25.75 -5.51 -33.51
C LEU C 176 26.05 -6.15 -34.87
N GLU C 177 25.53 -7.35 -35.15
CA GLU C 177 25.97 -8.07 -36.34
C GLU C 177 25.64 -7.28 -37.61
N ASP C 178 24.41 -6.75 -37.70
CA ASP C 178 24.01 -5.95 -38.85
C ASP C 178 24.68 -4.58 -38.85
N ALA C 179 24.72 -3.94 -37.68
CA ALA C 179 25.22 -2.56 -37.57
C ALA C 179 26.73 -2.49 -37.83
N PHE C 180 27.53 -3.39 -37.27
CA PHE C 180 28.99 -3.22 -37.38
C PHE C 180 29.70 -4.37 -38.08
N GLY C 181 28.97 -5.37 -38.56
CA GLY C 181 29.57 -6.34 -39.45
C GLY C 181 30.12 -7.58 -38.73
N PRO C 182 30.97 -8.33 -39.46
CA PRO C 182 31.31 -9.72 -39.12
C PRO C 182 32.17 -9.95 -37.89
N GLU C 183 32.98 -8.96 -37.52
CA GLU C 183 33.75 -8.99 -36.27
C GLU C 183 32.86 -9.25 -35.03
N PHE C 184 31.57 -8.92 -35.11
CA PHE C 184 30.70 -9.01 -33.96
C PHE C 184 29.73 -10.16 -34.07
N THR C 185 30.08 -11.25 -34.76
CA THR C 185 29.27 -12.49 -34.72
C THR C 185 29.11 -12.93 -33.27
N GLY C 186 27.88 -13.24 -32.84
CA GLY C 186 27.69 -13.61 -31.44
C GLY C 186 27.55 -12.40 -30.49
N SER C 187 27.57 -11.14 -30.98
CA SER C 187 27.62 -9.97 -30.09
C SER C 187 26.38 -9.90 -29.19
N GLY C 188 25.27 -10.51 -29.62
CA GLY C 188 24.08 -10.58 -28.82
C GLY C 188 24.28 -11.27 -27.47
N ASN C 189 25.27 -12.19 -27.39
CA ASN C 189 25.39 -13.10 -26.26
C ASN C 189 26.74 -12.97 -25.57
N LEU C 190 27.30 -11.76 -25.59
CA LEU C 190 28.60 -11.54 -24.96
C LEU C 190 28.54 -11.82 -23.46
N GLY C 191 27.43 -11.46 -22.82
CA GLY C 191 27.25 -11.76 -21.42
C GLY C 191 27.14 -13.26 -21.16
N ILE C 192 26.44 -14.00 -22.01
CA ILE C 192 26.41 -15.45 -21.89
C ILE C 192 27.80 -16.04 -22.15
N LEU C 193 28.51 -15.55 -23.16
CA LEU C 193 29.89 -16.02 -23.37
C LEU C 193 30.78 -15.83 -22.13
N ASP C 194 30.61 -14.71 -21.42
CA ASP C 194 31.39 -14.43 -20.23
C ASP C 194 31.11 -15.48 -19.14
N GLN C 195 29.84 -15.95 -19.04
CA GLN C 195 29.48 -16.95 -18.05
C GLN C 195 30.16 -18.27 -18.36
N ILE C 196 30.16 -18.65 -19.64
CA ILE C 196 30.92 -19.82 -20.04
C ILE C 196 32.43 -19.64 -19.76
N ALA C 197 33.00 -18.47 -20.01
CA ALA C 197 34.41 -18.25 -19.75
C ALA C 197 34.71 -18.37 -18.25
N ALA C 198 33.82 -17.86 -17.40
CA ALA C 198 33.98 -18.02 -15.97
C ALA C 198 33.89 -19.50 -15.61
N LEU C 199 33.01 -20.26 -16.29
CA LEU C 199 32.87 -21.69 -16.01
C LEU C 199 34.10 -22.48 -16.46
N ARG C 200 34.75 -22.03 -17.54
CA ARG C 200 36.00 -22.65 -17.96
C ARG C 200 37.06 -22.38 -16.89
N TRP C 201 37.11 -21.18 -16.37
CA TRP C 201 38.16 -20.84 -15.42
C TRP C 201 37.95 -21.64 -14.15
N VAL C 202 36.69 -21.85 -13.78
CA VAL C 202 36.39 -22.69 -12.63
C VAL C 202 36.79 -24.15 -12.88
N ARG C 203 36.59 -24.64 -14.10
CA ARG C 203 36.95 -26.00 -14.46
C ARG C 203 38.42 -26.30 -14.21
N GLU C 204 39.30 -25.42 -14.67
CA GLU C 204 40.73 -25.66 -14.56
C GLU C 204 41.26 -25.38 -13.15
N ASN C 205 40.70 -24.39 -12.46
CA ASN C 205 41.37 -23.82 -11.30
C ASN C 205 40.69 -24.21 -9.98
N ILE C 206 39.55 -24.92 -10.01
CA ILE C 206 38.74 -25.00 -8.81
C ILE C 206 39.33 -25.99 -7.81
N ALA C 207 39.96 -27.04 -8.33
CA ALA C 207 40.64 -28.01 -7.50
C ALA C 207 41.58 -27.30 -6.55
N ALA C 208 42.24 -26.26 -7.03
CA ALA C 208 43.14 -25.46 -6.22
C ALA C 208 42.40 -24.77 -5.07
N PHE C 209 41.12 -24.44 -5.24
CA PHE C 209 40.36 -23.79 -4.18
C PHE C 209 39.52 -24.79 -3.39
N GLY C 210 39.79 -26.09 -3.54
CA GLY C 210 39.11 -27.07 -2.69
C GLY C 210 37.87 -27.64 -3.35
N GLY C 211 37.64 -27.29 -4.65
CA GLY C 211 36.52 -27.84 -5.40
C GLY C 211 36.90 -29.06 -6.23
N ASP C 212 35.89 -29.82 -6.59
CA ASP C 212 36.02 -30.89 -7.54
C ASP C 212 35.59 -30.38 -8.90
N PRO C 213 36.54 -30.19 -9.86
CA PRO C 213 36.22 -29.64 -11.18
C PRO C 213 35.27 -30.48 -12.00
N ASP C 214 34.76 -31.55 -11.41
CA ASP C 214 33.87 -32.49 -12.15
C ASP C 214 32.61 -32.72 -11.32
N ARG C 215 32.37 -31.86 -10.33
CA ARG C 215 31.11 -31.94 -9.55
C ARG C 215 30.55 -30.52 -9.53
N VAL C 216 30.02 -30.06 -10.66
CA VAL C 216 29.60 -28.63 -10.74
C VAL C 216 28.09 -28.47 -10.93
N THR C 217 27.44 -27.77 -10.00
CA THR C 217 26.02 -27.41 -10.13
C THR C 217 25.90 -25.92 -10.43
N ILE C 218 25.18 -25.56 -11.50
CA ILE C 218 24.96 -24.16 -11.83
C ILE C 218 23.56 -23.75 -11.40
N PHE C 219 23.47 -22.67 -10.64
CA PHE C 219 22.17 -22.22 -10.14
C PHE C 219 22.09 -20.70 -10.27
N GLY C 220 20.90 -20.21 -10.62
CA GLY C 220 20.67 -18.77 -10.72
C GLY C 220 19.21 -18.43 -10.41
N GLU C 221 18.97 -17.14 -10.17
CA GLU C 221 17.63 -16.64 -9.95
C GLU C 221 17.28 -15.62 -11.03
N ALA C 222 16.06 -15.74 -11.52
CA ALA C 222 15.44 -14.79 -12.45
C ALA C 222 16.30 -14.75 -13.71
N ALA C 223 16.87 -13.59 -14.07
CA ALA C 223 17.70 -13.53 -15.26
C ALA C 223 18.90 -14.48 -15.15
N GLY C 224 19.38 -14.74 -13.91
CA GLY C 224 20.42 -15.77 -13.71
C GLY C 224 19.93 -17.19 -14.07
N ALA C 225 18.70 -17.52 -13.68
CA ALA C 225 18.08 -18.76 -14.09
C ALA C 225 17.78 -18.72 -15.60
N GLY C 226 17.49 -17.53 -16.11
CA GLY C 226 17.27 -17.41 -17.55
C GLY C 226 18.53 -17.79 -18.33
N SER C 227 19.67 -17.32 -17.86
CA SER C 227 20.95 -17.77 -18.37
C SER C 227 21.11 -19.29 -18.13
N VAL C 228 20.74 -19.79 -16.97
CA VAL C 228 20.83 -21.23 -16.75
C VAL C 228 20.04 -22.03 -17.81
N GLY C 229 18.82 -21.56 -18.12
CA GLY C 229 18.07 -22.18 -19.20
C GLY C 229 18.82 -22.13 -20.54
N VAL C 230 19.50 -21.01 -20.81
CA VAL C 230 20.27 -20.91 -22.03
C VAL C 230 21.44 -21.90 -21.96
N LEU C 231 22.05 -22.02 -20.77
CA LEU C 231 23.18 -22.90 -20.60
C LEU C 231 22.84 -24.37 -20.85
N LEU C 232 21.64 -24.77 -20.46
CA LEU C 232 21.17 -26.13 -20.70
C LEU C 232 20.99 -26.36 -22.19
N ALA C 233 20.67 -25.31 -22.92
CA ALA C 233 20.42 -25.41 -24.35
C ALA C 233 21.70 -25.26 -25.15
N ALA C 234 22.64 -24.44 -24.65
CA ALA C 234 23.80 -24.05 -25.44
C ALA C 234 24.73 -25.25 -25.62
N PRO C 235 25.17 -25.59 -26.85
CA PRO C 235 26.12 -26.69 -27.08
C PRO C 235 27.49 -26.53 -26.40
N ALA C 236 28.02 -25.31 -26.38
CA ALA C 236 29.35 -25.02 -25.85
C ALA C 236 29.39 -25.16 -24.32
N ALA C 237 28.25 -24.98 -23.66
CA ALA C 237 28.16 -25.10 -22.21
C ALA C 237 28.21 -26.56 -21.77
N ARG C 238 28.04 -27.52 -22.68
CA ARG C 238 27.86 -28.90 -22.24
C ARG C 238 29.12 -29.47 -21.58
N GLY C 239 28.92 -30.10 -20.43
CA GLY C 239 30.03 -30.64 -19.65
C GLY C 239 30.72 -29.65 -18.72
N LEU C 240 30.37 -28.34 -18.79
CA LEU C 240 30.87 -27.38 -17.82
C LEU C 240 30.10 -27.44 -16.49
N PHE C 241 29.00 -28.19 -16.49
CA PHE C 241 28.14 -28.34 -15.29
C PHE C 241 27.45 -29.70 -15.34
N HIS C 242 27.22 -30.34 -14.18
CA HIS C 242 26.46 -31.61 -14.17
C HIS C 242 25.04 -31.44 -13.63
N ARG C 243 24.74 -30.33 -12.95
CA ARG C 243 23.42 -30.14 -12.32
C ARG C 243 22.95 -28.69 -12.49
N ALA C 244 21.62 -28.49 -12.48
CA ALA C 244 21.09 -27.11 -12.60
C ALA C 244 20.01 -26.79 -11.57
N ILE C 245 19.98 -25.55 -11.05
CA ILE C 245 18.88 -25.11 -10.16
C ILE C 245 18.30 -23.82 -10.78
N LEU C 246 17.00 -23.80 -11.05
CA LEU C 246 16.37 -22.65 -11.66
C LEU C 246 15.32 -22.06 -10.72
N GLN C 247 15.60 -20.84 -10.22
CA GLN C 247 14.72 -20.11 -9.33
C GLN C 247 14.14 -18.90 -10.04
N SER C 248 12.82 -18.91 -10.26
CA SER C 248 12.11 -17.77 -10.82
C SER C 248 12.66 -17.44 -12.20
N GLY C 249 13.05 -18.47 -12.97
CA GLY C 249 13.58 -18.19 -14.29
C GLY C 249 13.57 -19.41 -15.21
N SER C 250 13.76 -19.15 -16.50
CA SER C 250 13.69 -20.18 -17.50
C SER C 250 14.48 -19.72 -18.70
N GLY C 251 14.74 -20.63 -19.62
CA GLY C 251 15.45 -20.30 -20.82
C GLY C 251 14.66 -19.32 -21.70
N ALA C 252 13.34 -19.19 -21.51
CA ALA C 252 12.55 -18.18 -22.23
C ALA C 252 12.85 -16.75 -21.76
N LEU C 253 13.28 -16.58 -20.52
CA LEU C 253 13.28 -15.26 -19.89
C LEU C 253 14.24 -14.30 -20.56
N GLY C 254 13.66 -13.23 -21.15
CA GLY C 254 14.41 -12.12 -21.71
C GLY C 254 15.02 -12.42 -23.08
N VAL C 255 14.72 -13.59 -23.65
CA VAL C 255 15.44 -14.04 -24.84
C VAL C 255 14.77 -13.41 -26.07
N ARG C 256 15.55 -12.90 -27.00
CA ARG C 256 15.04 -12.24 -28.18
C ARG C 256 15.41 -13.03 -29.43
N THR C 257 14.52 -13.01 -30.43
CA THR C 257 14.92 -13.51 -31.72
C THR C 257 15.95 -12.56 -32.31
N ALA C 258 16.70 -13.08 -33.31
CA ALA C 258 17.71 -12.26 -33.95
C ALA C 258 17.03 -11.00 -34.52
N ALA C 259 15.83 -11.19 -35.11
CA ALA C 259 15.04 -10.10 -35.65
C ALA C 259 14.70 -9.04 -34.58
N SER C 260 14.18 -9.48 -33.43
CA SER C 260 13.82 -8.59 -32.33
C SER C 260 15.05 -7.86 -31.80
N ALA C 261 16.20 -8.56 -31.72
CA ALA C 261 17.41 -7.97 -31.16
C ALA C 261 17.95 -6.85 -32.02
N ALA C 262 17.86 -7.00 -33.35
CA ALA C 262 18.34 -5.99 -34.27
C ALA C 262 17.51 -4.73 -34.14
N ARG C 263 16.20 -4.87 -33.94
CA ARG C 263 15.31 -3.74 -33.84
C ARG C 263 15.68 -2.91 -32.61
N VAL C 264 15.86 -3.58 -31.46
CA VAL C 264 16.24 -2.92 -30.22
C VAL C 264 17.65 -2.31 -30.36
N ALA C 265 18.53 -3.03 -31.04
CA ALA C 265 19.90 -2.62 -31.25
C ALA C 265 20.02 -1.34 -32.06
N ALA C 266 19.26 -1.24 -33.16
CA ALA C 266 19.25 -0.01 -33.96
C ALA C 266 18.83 1.22 -33.14
N ARG C 267 17.91 1.06 -32.19
CA ARG C 267 17.45 2.15 -31.33
C ARG C 267 18.58 2.63 -30.43
N VAL C 268 19.40 1.70 -29.95
CA VAL C 268 20.38 2.05 -28.92
C VAL C 268 21.44 2.98 -29.50
N LEU C 269 21.89 2.66 -30.72
CA LEU C 269 22.92 3.45 -31.38
C LEU C 269 22.41 4.86 -31.63
N GLN C 270 21.15 4.97 -32.02
CA GLN C 270 20.57 6.26 -32.33
C GLN C 270 20.54 7.08 -31.05
N HIS C 271 20.12 6.45 -29.93
CA HIS C 271 20.18 7.12 -28.62
C HIS C 271 21.64 7.46 -28.28
N ALA C 272 22.55 6.55 -28.62
CA ALA C 272 23.94 6.67 -28.18
C ALA C 272 24.62 7.79 -28.93
N GLY C 273 24.22 7.95 -30.20
CA GLY C 273 24.85 8.89 -31.11
C GLY C 273 26.03 8.25 -31.85
N VAL C 274 26.08 6.92 -31.91
CA VAL C 274 27.10 6.23 -32.70
C VAL C 274 26.46 5.87 -34.02
N GLU C 275 27.10 6.29 -35.10
CA GLU C 275 26.63 5.93 -36.43
C GLU C 275 27.03 4.47 -36.68
N PRO C 276 26.15 3.66 -37.30
CA PRO C 276 26.54 2.32 -37.78
C PRO C 276 27.74 2.35 -38.70
N GLY C 277 28.73 1.51 -38.39
CA GLY C 277 29.97 1.45 -39.16
C GLY C 277 31.08 2.30 -38.56
N ASP C 278 30.72 3.16 -37.59
CA ASP C 278 31.69 4.04 -36.96
C ASP C 278 32.37 3.29 -35.84
N ARG C 279 33.42 2.56 -36.21
CA ARG C 279 34.02 1.58 -35.32
C ARG C 279 34.75 2.29 -34.19
N GLU C 280 35.40 3.41 -34.51
CA GLU C 280 36.21 4.03 -33.48
C GLU C 280 35.28 4.63 -32.43
N ALA C 281 34.18 5.26 -32.87
CA ALA C 281 33.21 5.80 -31.93
C ALA C 281 32.62 4.67 -31.07
N LEU C 282 32.40 3.50 -31.67
CA LEU C 282 31.90 2.33 -30.95
C LEU C 282 32.85 1.95 -29.81
N ARG C 283 34.16 1.86 -30.11
CA ARG C 283 35.13 1.48 -29.11
C ARG C 283 35.41 2.65 -28.17
N SER C 284 35.38 3.88 -28.70
CA SER C 284 35.77 5.05 -27.93
C SER C 284 34.65 5.43 -26.96
N LEU C 285 33.38 5.17 -27.31
CA LEU C 285 32.27 5.68 -26.51
C LEU C 285 32.43 5.22 -25.05
N PRO C 286 32.24 6.12 -24.06
CA PRO C 286 32.29 5.71 -22.66
C PRO C 286 31.22 4.67 -22.28
N ALA C 287 31.58 3.77 -21.36
CA ALA C 287 30.75 2.64 -21.01
C ALA C 287 29.46 3.11 -20.33
N ARG C 288 29.59 4.17 -19.52
CA ARG C 288 28.44 4.84 -18.92
C ARG C 288 27.46 5.31 -20.00
N ALA C 289 27.93 5.84 -21.13
CA ALA C 289 27.05 6.30 -22.19
C ALA C 289 26.20 5.17 -22.78
N TRP C 290 26.73 3.93 -22.85
CA TRP C 290 25.92 2.80 -23.26
C TRP C 290 24.76 2.59 -22.28
N ALA C 291 25.04 2.64 -20.96
CA ALA C 291 24.00 2.37 -19.97
C ALA C 291 22.90 3.43 -20.07
N ASN C 292 23.27 4.69 -20.34
CA ASN C 292 22.29 5.77 -20.45
C ASN C 292 21.38 5.48 -21.64
N ALA C 293 21.95 4.91 -22.70
CA ALA C 293 21.20 4.68 -23.93
C ALA C 293 20.15 3.61 -23.69
N VAL C 294 20.46 2.60 -22.85
CA VAL C 294 19.52 1.54 -22.56
C VAL C 294 18.33 2.08 -21.80
N ALA C 295 18.57 2.90 -20.76
CA ALA C 295 17.50 3.57 -20.06
C ALA C 295 16.60 4.37 -21.00
N ALA C 296 17.17 4.99 -22.05
CA ALA C 296 16.39 5.79 -22.99
C ALA C 296 15.42 4.94 -23.83
N LEU C 297 15.69 3.64 -23.99
CA LEU C 297 14.84 2.79 -24.83
C LEU C 297 13.47 2.68 -24.19
N GLY C 298 13.47 2.72 -22.85
CA GLY C 298 12.24 2.67 -22.09
C GLY C 298 12.24 1.48 -21.15
N PRO C 299 11.16 1.38 -20.34
CA PRO C 299 11.04 0.30 -19.37
C PRO C 299 10.92 -1.04 -20.08
N GLY C 300 11.43 -2.09 -19.46
CA GLY C 300 11.13 -3.44 -19.92
C GLY C 300 12.34 -4.35 -19.81
N LEU C 301 12.40 -5.34 -20.73
CA LEU C 301 13.50 -6.28 -20.85
C LEU C 301 14.00 -6.18 -22.28
N PRO C 302 14.63 -5.05 -22.70
CA PRO C 302 15.04 -4.87 -24.07
C PRO C 302 16.14 -5.84 -24.45
N LEU C 303 17.06 -6.07 -23.52
CA LEU C 303 18.27 -6.83 -23.81
C LEU C 303 18.19 -8.17 -23.12
N GLY C 304 18.65 -9.19 -23.85
CA GLY C 304 18.71 -10.52 -23.31
C GLY C 304 19.44 -11.43 -24.29
N PRO C 305 19.53 -12.73 -23.99
CA PRO C 305 20.25 -13.66 -24.86
C PRO C 305 19.49 -13.67 -26.20
N VAL C 306 20.26 -13.78 -27.27
CA VAL C 306 19.72 -13.73 -28.62
C VAL C 306 19.96 -15.06 -29.30
N VAL C 307 18.94 -15.50 -30.03
CA VAL C 307 19.08 -16.68 -30.86
C VAL C 307 19.78 -16.30 -32.15
N ASP C 308 21.11 -16.14 -32.06
CA ASP C 308 21.90 -15.70 -33.19
C ASP C 308 22.16 -16.87 -34.17
N GLY C 309 21.84 -18.10 -33.75
CA GLY C 309 22.15 -19.28 -34.55
C GLY C 309 23.50 -19.93 -34.24
N THR C 310 24.37 -19.28 -33.45
CA THR C 310 25.68 -19.80 -33.12
C THR C 310 25.71 -20.13 -31.62
N VAL C 311 25.77 -19.12 -30.76
CA VAL C 311 25.77 -19.37 -29.33
C VAL C 311 24.47 -20.10 -28.96
N LEU C 312 23.35 -19.62 -29.52
CA LEU C 312 22.07 -20.28 -29.36
C LEU C 312 21.62 -20.73 -30.74
N PRO C 313 21.81 -22.01 -31.11
CA PRO C 313 21.40 -22.46 -32.45
C PRO C 313 19.89 -22.42 -32.62
N GLU C 314 19.14 -22.69 -31.54
CA GLU C 314 17.68 -22.72 -31.56
C GLU C 314 17.23 -22.29 -30.16
N HIS C 315 15.91 -22.11 -29.97
CA HIS C 315 15.42 -21.55 -28.72
C HIS C 315 15.64 -22.57 -27.61
N PRO C 316 16.08 -22.17 -26.41
CA PRO C 316 16.29 -23.11 -25.31
C PRO C 316 15.17 -24.10 -24.99
N MET C 317 13.93 -23.66 -25.12
CA MET C 317 12.80 -24.56 -24.85
C MET C 317 12.66 -25.58 -25.97
N ALA C 318 12.91 -25.17 -27.21
CA ALA C 318 12.87 -26.12 -28.32
C ALA C 318 14.03 -27.10 -28.18
N ALA C 319 15.22 -26.60 -27.81
CA ALA C 319 16.35 -27.50 -27.58
C ALA C 319 16.09 -28.45 -26.39
N LEU C 320 15.45 -27.96 -25.33
CA LEU C 320 15.21 -28.81 -24.16
C LEU C 320 14.23 -29.93 -24.52
N ALA C 321 13.19 -29.60 -25.31
CA ALA C 321 12.23 -30.61 -25.77
C ALA C 321 12.89 -31.68 -26.64
N ARG C 322 13.85 -31.28 -27.50
CA ARG C 322 14.55 -32.26 -28.33
C ARG C 322 15.48 -33.17 -27.54
N GLY C 323 15.80 -32.85 -26.29
CA GLY C 323 16.80 -33.64 -25.55
C GLY C 323 18.19 -33.02 -25.45
N ALA C 324 18.35 -31.70 -25.66
CA ALA C 324 19.70 -31.12 -25.68
C ALA C 324 20.33 -31.17 -24.30
N ALA C 325 19.49 -31.10 -23.27
CA ALA C 325 19.92 -31.08 -21.88
C ALA C 325 19.51 -32.37 -21.21
N ARG C 326 19.45 -33.48 -21.95
CA ARG C 326 18.97 -34.75 -21.39
C ARG C 326 19.87 -35.24 -20.24
N ASP C 327 21.11 -34.76 -20.20
CA ASP C 327 22.05 -35.19 -19.20
C ASP C 327 21.79 -34.46 -17.90
N VAL C 328 21.36 -33.20 -17.98
CA VAL C 328 21.44 -32.33 -16.83
C VAL C 328 20.24 -32.58 -15.92
N ALA C 329 20.52 -32.66 -14.62
CA ALA C 329 19.51 -32.79 -13.58
C ALA C 329 19.08 -31.41 -13.12
N VAL C 330 17.77 -31.23 -12.90
CA VAL C 330 17.22 -29.90 -12.68
C VAL C 330 16.42 -29.85 -11.38
N LEU C 331 16.60 -28.74 -10.64
CA LEU C 331 15.65 -28.26 -9.65
C LEU C 331 15.12 -26.91 -10.14
N VAL C 332 13.81 -26.82 -10.29
CA VAL C 332 13.19 -25.68 -10.98
C VAL C 332 12.03 -25.18 -10.11
N GLY C 333 11.90 -23.85 -10.01
CA GLY C 333 10.82 -23.30 -9.21
C GLY C 333 10.58 -21.80 -9.35
N VAL C 334 9.51 -21.38 -8.68
CA VAL C 334 9.06 -20.00 -8.64
C VAL C 334 8.57 -19.67 -7.23
N ASN C 335 8.51 -18.36 -6.94
CA ASN C 335 7.87 -17.88 -5.72
C ASN C 335 6.36 -17.73 -5.99
N LYS C 336 5.58 -17.75 -4.91
CA LYS C 336 4.12 -17.72 -4.96
C LYS C 336 3.56 -16.45 -5.60
N ASP C 337 4.09 -15.26 -5.28
CA ASP C 337 3.53 -14.02 -5.78
C ASP C 337 4.65 -13.15 -6.34
N GLU C 338 5.25 -13.58 -7.45
CA GLU C 338 6.43 -12.91 -7.97
C GLU C 338 6.15 -11.48 -8.42
N TYR C 339 5.08 -11.24 -9.20
CA TYR C 339 4.95 -9.99 -9.90
C TYR C 339 4.57 -8.85 -8.97
N ASN C 340 4.16 -9.14 -7.72
CA ASN C 340 3.77 -8.11 -6.79
C ASN C 340 4.86 -7.06 -6.62
N LEU C 341 6.11 -7.48 -6.79
CA LEU C 341 7.26 -6.60 -6.59
C LEU C 341 7.22 -5.47 -7.62
N PHE C 342 6.89 -5.82 -8.86
CA PHE C 342 6.89 -4.86 -9.96
C PHE C 342 5.73 -3.86 -9.81
N ALA C 343 4.72 -4.18 -8.98
CA ALA C 343 3.64 -3.25 -8.69
C ALA C 343 4.16 -1.98 -8.02
N LEU C 344 5.33 -2.04 -7.38
CA LEU C 344 5.91 -0.86 -6.75
C LEU C 344 6.21 0.22 -7.79
N GLN C 345 6.71 -0.20 -8.95
CA GLN C 345 6.97 0.72 -10.04
C GLN C 345 5.66 1.20 -10.64
N ASP C 346 4.75 0.27 -10.90
CA ASP C 346 3.46 0.57 -11.49
C ASP C 346 2.32 0.21 -10.53
N PRO C 347 1.67 1.19 -9.87
CA PRO C 347 0.59 0.89 -8.94
C PRO C 347 -0.74 0.42 -9.53
N ALA C 348 -0.87 0.48 -10.86
CA ALA C 348 -2.06 -0.01 -11.55
C ALA C 348 -2.41 -1.44 -11.14
N TRP C 349 -1.40 -2.28 -10.92
CA TRP C 349 -1.60 -3.65 -10.47
C TRP C 349 -2.26 -3.71 -9.09
N LEU C 350 -2.01 -2.71 -8.26
CA LEU C 350 -2.69 -2.59 -6.99
C LEU C 350 -4.02 -1.85 -7.21
N GLY C 351 -4.10 -1.03 -8.27
CA GLY C 351 -5.32 -0.28 -8.56
C GLY C 351 -6.32 -1.10 -9.38
N ASP C 352 -7.49 -0.52 -9.64
CA ASP C 352 -8.56 -1.20 -10.37
C ASP C 352 -8.71 -0.66 -11.80
N ASP C 353 -7.76 0.19 -12.24
CA ASP C 353 -7.88 0.84 -13.55
C ASP C 353 -7.67 -0.20 -14.65
N GLU C 354 -8.76 -0.64 -15.28
CA GLU C 354 -8.67 -1.78 -16.24
C GLU C 354 -7.92 -1.42 -17.53
N ALA C 355 -8.11 -0.23 -18.09
CA ALA C 355 -7.51 0.04 -19.42
C ALA C 355 -5.99 -0.03 -19.36
N ALA C 356 -5.38 0.50 -18.29
CA ALA C 356 -3.91 0.37 -18.16
C ALA C 356 -3.57 -1.09 -17.95
N LEU C 357 -4.31 -1.75 -17.05
CA LEU C 357 -4.06 -3.16 -16.81
C LEU C 357 -4.26 -3.95 -18.08
N ARG C 358 -5.30 -3.64 -18.84
CA ARG C 358 -5.53 -4.32 -20.11
C ARG C 358 -4.38 -4.03 -21.06
N GLN C 359 -3.89 -2.79 -21.07
CA GLN C 359 -2.72 -2.47 -21.88
C GLN C 359 -1.50 -3.22 -21.35
N ARG C 360 -1.36 -3.29 -20.02
CA ARG C 360 -0.25 -4.02 -19.42
C ARG C 360 -0.35 -5.53 -19.65
N VAL C 361 -1.55 -6.10 -19.44
CA VAL C 361 -1.72 -7.58 -19.54
C VAL C 361 -1.61 -7.98 -21.01
N GLU C 362 -2.33 -7.26 -21.88
CA GLU C 362 -2.38 -7.66 -23.31
C GLU C 362 -0.98 -7.60 -23.91
N ALA C 363 -0.16 -6.64 -23.49
CA ALA C 363 1.12 -6.55 -24.22
C ALA C 363 1.91 -7.84 -24.11
N VAL C 364 2.07 -8.46 -22.94
CA VAL C 364 2.75 -9.80 -22.97
C VAL C 364 1.88 -10.93 -23.57
N VAL C 365 0.60 -11.04 -23.20
CA VAL C 365 -0.21 -12.22 -23.68
C VAL C 365 -1.11 -11.91 -24.90
N GLY C 366 -1.25 -10.65 -25.30
CA GLY C 366 -2.01 -10.32 -26.52
C GLY C 366 -3.47 -10.74 -26.50
N PRO C 367 -3.94 -11.47 -27.53
CA PRO C 367 -5.35 -11.82 -27.66
C PRO C 367 -5.88 -12.66 -26.52
N ALA C 368 -5.07 -13.56 -25.97
CA ALA C 368 -5.50 -14.52 -24.94
C ALA C 368 -5.98 -13.83 -23.66
N ALA C 369 -5.55 -12.59 -23.41
CA ALA C 369 -5.82 -11.95 -22.11
C ALA C 369 -7.31 -11.83 -21.79
N GLY C 370 -8.17 -11.47 -22.74
CA GLY C 370 -9.61 -11.42 -22.44
C GLY C 370 -10.06 -12.58 -21.56
N ARG C 371 -9.92 -13.82 -22.05
CA ARG C 371 -10.35 -14.99 -21.32
C ARG C 371 -9.55 -15.12 -20.02
N LEU C 372 -8.23 -14.91 -20.10
CA LEU C 372 -7.36 -15.05 -18.94
C LEU C 372 -7.79 -14.03 -17.90
N ILE C 373 -8.03 -12.78 -18.32
CA ILE C 373 -8.49 -11.76 -17.41
C ILE C 373 -9.84 -12.18 -16.81
N GLU C 374 -10.72 -12.77 -17.63
CA GLU C 374 -12.00 -13.32 -17.16
C GLU C 374 -11.76 -14.53 -16.23
N PHE C 375 -10.82 -15.41 -16.60
CA PHE C 375 -10.51 -16.59 -15.82
C PHE C 375 -10.00 -16.21 -14.42
N TYR C 376 -9.05 -15.27 -14.38
CA TYR C 376 -8.46 -14.83 -13.13
C TYR C 376 -9.42 -13.99 -12.30
N ARG C 377 -10.33 -13.26 -12.97
CA ARG C 377 -11.23 -12.31 -12.30
C ARG C 377 -12.10 -13.04 -11.26
N SER C 378 -12.66 -14.19 -11.66
CA SER C 378 -13.57 -14.95 -10.79
C SER C 378 -12.82 -15.46 -9.56
N ARG C 379 -11.59 -15.91 -9.74
CA ARG C 379 -10.82 -16.49 -8.64
C ARG C 379 -10.06 -15.41 -7.88
N GLY C 380 -9.64 -15.74 -6.65
CA GLY C 380 -8.80 -14.84 -5.87
C GLY C 380 -9.59 -13.77 -5.11
N GLU C 381 -8.81 -12.85 -4.52
CA GLU C 381 -9.31 -11.74 -3.72
C GLU C 381 -8.64 -10.43 -4.14
N GLY C 382 -9.23 -9.31 -3.72
CA GLY C 382 -8.62 -7.99 -3.85
C GLY C 382 -8.90 -7.33 -5.20
N SER C 383 -8.08 -6.33 -5.53
CA SER C 383 -8.30 -5.49 -6.70
C SER C 383 -8.23 -6.34 -7.97
N LEU C 384 -8.79 -5.78 -9.05
CA LEU C 384 -8.74 -6.43 -10.34
C LEU C 384 -7.29 -6.70 -10.73
N GLY C 385 -6.45 -5.67 -10.64
CA GLY C 385 -5.03 -5.83 -10.91
C GLY C 385 -4.37 -6.85 -9.96
N ARG C 386 -4.78 -6.79 -8.68
CA ARG C 386 -4.30 -7.74 -7.69
C ARG C 386 -4.71 -9.17 -8.05
N ARG C 387 -5.94 -9.32 -8.53
CA ARG C 387 -6.43 -10.61 -9.04
C ARG C 387 -5.79 -10.89 -10.40
N LEU C 388 -5.40 -9.85 -11.13
CA LEU C 388 -4.78 -10.04 -12.44
C LEU C 388 -3.27 -10.27 -12.29
N LEU C 389 -2.70 -9.95 -11.13
CA LEU C 389 -1.27 -10.11 -10.96
C LEU C 389 -0.80 -11.55 -11.23
N PRO C 390 -1.51 -12.61 -10.81
CA PRO C 390 -1.09 -13.98 -11.14
C PRO C 390 -0.93 -14.24 -12.62
N LEU C 391 -1.73 -13.55 -13.44
CA LEU C 391 -1.70 -13.68 -14.89
C LEU C 391 -0.30 -13.32 -15.39
N MET C 392 0.26 -12.20 -14.91
CA MET C 392 1.57 -11.76 -15.34
C MET C 392 2.64 -12.70 -14.78
N SER C 393 2.46 -13.15 -13.54
CA SER C 393 3.39 -14.08 -12.91
C SER C 393 3.39 -15.38 -13.69
N TYR C 394 2.21 -15.83 -14.11
CA TYR C 394 2.14 -17.09 -14.82
C TYR C 394 2.77 -16.95 -16.22
N ALA C 395 2.52 -15.85 -16.90
CA ALA C 395 3.03 -15.64 -18.25
C ALA C 395 4.56 -15.57 -18.25
N VAL C 396 5.14 -14.83 -17.31
CA VAL C 396 6.55 -14.56 -17.32
C VAL C 396 7.30 -15.72 -16.67
N PHE C 397 6.80 -16.28 -15.56
CA PHE C 397 7.59 -17.22 -14.77
C PHE C 397 7.02 -18.64 -14.72
N VAL C 398 5.75 -18.80 -14.33
CA VAL C 398 5.27 -20.11 -13.92
C VAL C 398 5.26 -21.04 -15.15
N ARG C 399 4.93 -20.48 -16.31
CA ARG C 399 4.77 -21.29 -17.49
C ARG C 399 6.13 -21.81 -17.96
N GLY C 400 7.14 -20.94 -17.94
CA GLY C 400 8.48 -21.35 -18.37
C GLY C 400 9.05 -22.44 -17.46
N MET C 401 8.76 -22.33 -16.16
CA MET C 401 9.25 -23.33 -15.23
C MET C 401 8.69 -24.72 -15.57
N LEU C 402 7.38 -24.78 -15.76
CA LEU C 402 6.69 -26.03 -16.00
C LEU C 402 7.06 -26.59 -17.37
N ALA C 403 7.22 -25.73 -18.36
CA ALA C 403 7.76 -26.13 -19.65
C ALA C 403 9.16 -26.76 -19.55
N THR C 404 10.00 -26.20 -18.70
CA THR C 404 11.36 -26.69 -18.51
C THR C 404 11.28 -28.05 -17.84
N ALA C 405 10.42 -28.18 -16.83
CA ALA C 405 10.32 -29.39 -16.05
C ALA C 405 9.73 -30.50 -16.89
N ASP C 406 8.74 -30.15 -17.71
CA ASP C 406 8.10 -31.15 -18.58
C ASP C 406 9.11 -31.78 -19.54
N ALA C 407 9.90 -30.94 -20.21
CA ALA C 407 10.86 -31.43 -21.19
C ALA C 407 11.85 -32.39 -20.51
N GLN C 408 12.39 -32.03 -19.32
CA GLN C 408 13.40 -32.87 -18.68
C GLN C 408 12.81 -34.20 -18.26
N ALA C 409 11.55 -34.15 -17.81
CA ALA C 409 10.84 -35.38 -17.49
C ALA C 409 10.54 -36.15 -18.80
N ARG C 410 10.11 -35.45 -19.84
CA ARG C 410 9.74 -36.14 -21.08
C ARG C 410 10.97 -36.73 -21.77
N VAL C 411 12.11 -36.03 -21.69
CA VAL C 411 13.31 -36.57 -22.30
C VAL C 411 13.93 -37.65 -21.41
N GLY C 412 13.52 -37.71 -20.15
CA GLY C 412 14.08 -38.71 -19.26
C GLY C 412 15.17 -38.17 -18.33
N ALA C 413 15.43 -36.87 -18.37
CA ALA C 413 16.33 -36.28 -17.38
C ALA C 413 15.64 -36.23 -16.01
N PRO C 414 16.41 -36.37 -14.90
CA PRO C 414 15.86 -36.17 -13.57
C PRO C 414 15.55 -34.68 -13.32
N VAL C 415 14.32 -34.39 -12.84
CA VAL C 415 13.91 -33.02 -12.56
C VAL C 415 13.01 -33.00 -11.31
N TRP C 416 13.18 -31.95 -10.49
CA TRP C 416 12.40 -31.68 -9.29
C TRP C 416 11.86 -30.24 -9.33
N ALA C 417 10.67 -30.02 -8.75
CA ALA C 417 9.98 -28.74 -8.85
C ALA C 417 9.64 -28.22 -7.46
N TYR C 418 9.70 -26.89 -7.30
CA TYR C 418 9.41 -26.24 -6.03
C TYR C 418 8.59 -24.97 -6.27
N ARG C 419 7.86 -24.59 -5.22
CA ARG C 419 7.26 -23.27 -5.07
C ARG C 419 7.60 -22.70 -3.69
N PHE C 420 8.00 -21.43 -3.67
CA PHE C 420 8.30 -20.76 -2.43
C PHE C 420 7.11 -19.89 -2.02
N ASP C 421 6.50 -20.20 -0.86
CA ASP C 421 5.29 -19.56 -0.41
C ASP C 421 5.52 -18.65 0.81
N PHE C 422 6.75 -18.44 1.29
CA PHE C 422 6.97 -17.51 2.39
C PHE C 422 6.71 -16.07 1.94
N GLU C 423 6.00 -15.30 2.77
CA GLU C 423 5.47 -13.99 2.41
C GLU C 423 6.18 -12.88 3.16
N THR C 424 6.51 -11.79 2.45
CA THR C 424 7.12 -10.66 3.11
C THR C 424 5.99 -9.85 3.71
N PRO C 425 6.17 -9.27 4.92
CA PRO C 425 5.14 -8.41 5.52
C PRO C 425 5.18 -6.97 5.03
N VAL C 426 6.19 -6.64 4.22
CA VAL C 426 6.44 -5.24 3.85
C VAL C 426 5.26 -4.71 3.04
N LEU C 427 5.07 -3.38 3.14
CA LEU C 427 4.05 -2.66 2.39
C LEU C 427 2.66 -3.24 2.66
N GLY C 428 2.39 -3.61 3.90
CA GLY C 428 1.09 -4.12 4.29
C GLY C 428 0.85 -5.55 3.82
N GLY C 429 1.93 -6.26 3.42
CA GLY C 429 1.86 -7.65 3.01
C GLY C 429 1.36 -7.82 1.58
N VAL C 430 1.40 -6.74 0.80
CA VAL C 430 0.98 -6.79 -0.59
C VAL C 430 1.96 -7.62 -1.42
N LEU C 431 3.24 -7.65 -1.03
CA LEU C 431 4.23 -8.30 -1.89
C LEU C 431 4.06 -9.82 -1.79
N GLY C 432 3.75 -10.30 -0.58
CA GLY C 432 3.63 -11.73 -0.36
C GLY C 432 4.95 -12.45 -0.66
N ALA C 433 4.87 -13.59 -1.36
CA ALA C 433 6.07 -14.31 -1.75
C ALA C 433 6.62 -13.69 -3.03
N CYS C 434 7.19 -12.50 -2.89
CA CYS C 434 7.54 -11.69 -4.05
C CYS C 434 8.75 -12.27 -4.75
N HIS C 435 8.98 -11.74 -5.94
CA HIS C 435 10.18 -12.02 -6.71
C HIS C 435 11.43 -11.73 -5.90
N ALA C 436 12.37 -12.73 -5.90
CA ALA C 436 13.70 -12.65 -5.33
C ALA C 436 13.72 -12.84 -3.81
N LEU C 437 12.55 -13.08 -3.21
CA LEU C 437 12.45 -13.19 -1.76
C LEU C 437 13.28 -14.37 -1.27
N GLU C 438 13.37 -15.42 -2.06
CA GLU C 438 14.03 -16.63 -1.63
C GLU C 438 15.55 -16.47 -1.54
N ILE C 439 16.11 -15.46 -2.22
CA ILE C 439 17.55 -15.30 -2.34
C ILE C 439 18.22 -15.25 -0.97
N PRO C 440 17.81 -14.38 -0.02
CA PRO C 440 18.41 -14.39 1.32
C PRO C 440 18.24 -15.71 2.05
N PHE C 441 17.12 -16.41 1.82
CA PHE C 441 16.90 -17.70 2.46
C PHE C 441 17.83 -18.78 1.89
N VAL C 442 18.00 -18.78 0.56
CA VAL C 442 18.81 -19.79 -0.10
C VAL C 442 20.27 -19.65 0.33
N PHE C 443 20.78 -18.43 0.41
CA PHE C 443 22.18 -18.21 0.75
C PHE C 443 22.39 -18.09 2.25
N ASN C 444 21.28 -18.10 3.03
CA ASN C 444 21.26 -17.85 4.47
C ASN C 444 22.00 -16.57 4.80
N THR C 445 21.62 -15.51 4.08
CA THR C 445 22.19 -14.21 4.28
C THR C 445 21.19 -13.30 5.00
N LEU C 446 20.31 -13.86 5.84
CA LEU C 446 19.30 -13.04 6.52
C LEU C 446 19.95 -12.01 7.45
N ASP C 447 21.14 -12.31 7.97
CA ASP C 447 21.86 -11.46 8.90
C ASP C 447 22.47 -10.24 8.19
N ARG C 448 22.53 -10.26 6.86
CA ARG C 448 23.16 -9.20 6.11
C ARG C 448 22.31 -7.95 6.14
N ALA C 449 22.95 -6.78 5.98
CA ALA C 449 22.38 -5.49 6.32
C ALA C 449 21.11 -5.25 5.51
N GLY C 450 20.02 -5.02 6.23
CA GLY C 450 18.76 -4.62 5.64
C GLY C 450 18.05 -5.77 4.92
N ALA C 451 18.50 -7.02 5.13
CA ALA C 451 17.78 -8.18 4.63
C ALA C 451 16.49 -8.34 5.41
N ASP C 452 16.53 -8.05 6.71
CA ASP C 452 15.36 -8.08 7.56
C ASP C 452 14.34 -7.04 7.10
N ARG C 453 14.79 -5.92 6.55
CA ARG C 453 13.89 -4.98 5.90
C ARG C 453 13.15 -5.65 4.73
N PHE C 454 13.88 -6.43 3.93
CA PHE C 454 13.29 -7.16 2.81
C PHE C 454 12.39 -8.28 3.36
N THR C 455 12.85 -8.99 4.39
CA THR C 455 12.21 -10.23 4.81
C THR C 455 11.28 -10.05 6.02
N GLY C 456 11.39 -8.93 6.75
CA GLY C 456 10.69 -8.79 8.02
C GLY C 456 11.46 -9.40 9.20
N THR C 457 10.84 -9.35 10.38
CA THR C 457 11.51 -9.69 11.63
C THR C 457 10.92 -10.96 12.22
N ALA C 458 10.11 -11.70 11.45
CA ALA C 458 9.51 -12.92 11.94
C ALA C 458 10.61 -13.96 12.20
N PRO C 459 10.57 -14.68 13.35
CA PRO C 459 11.58 -15.69 13.66
C PRO C 459 11.48 -16.91 12.76
N GLU C 460 10.28 -17.18 12.25
CA GLU C 460 10.05 -18.37 11.45
C GLU C 460 10.94 -18.41 10.21
N ARG C 461 11.44 -17.25 9.79
CA ARG C 461 12.16 -17.17 8.53
C ARG C 461 13.43 -18.01 8.61
N TYR C 462 14.03 -18.11 9.82
CA TYR C 462 15.26 -18.87 10.02
C TYR C 462 15.02 -20.32 9.62
N ALA C 463 13.88 -20.89 10.04
CA ALA C 463 13.55 -22.28 9.74
C ALA C 463 13.26 -22.45 8.26
N VAL C 464 12.60 -21.46 7.65
CA VAL C 464 12.32 -21.50 6.22
C VAL C 464 13.63 -21.37 5.43
N ALA C 465 14.49 -20.44 5.84
CA ALA C 465 15.80 -20.31 5.20
C ALA C 465 16.58 -21.63 5.24
N GLN C 466 16.62 -22.29 6.40
CA GLN C 466 17.39 -23.51 6.56
C GLN C 466 16.89 -24.60 5.61
N ALA C 467 15.57 -24.75 5.44
CA ALA C 467 15.00 -25.69 4.48
C ALA C 467 15.50 -25.38 3.07
N MET C 468 15.52 -24.09 2.72
CA MET C 468 16.01 -23.73 1.40
C MET C 468 17.51 -23.94 1.37
N HIS C 469 18.18 -23.53 2.48
CA HIS C 469 19.62 -23.55 2.59
C HIS C 469 20.11 -24.99 2.40
N ARG C 470 19.53 -25.94 3.13
CA ARG C 470 20.10 -27.28 3.21
C ARG C 470 19.80 -28.12 1.97
N ALA C 471 18.61 -27.97 1.37
CA ALA C 471 18.27 -28.71 0.17
C ALA C 471 19.04 -28.16 -1.04
N TRP C 472 19.39 -26.86 -1.05
CA TRP C 472 20.28 -26.36 -2.10
C TRP C 472 21.67 -27.00 -1.95
N ILE C 473 22.13 -27.13 -0.70
CA ILE C 473 23.37 -27.80 -0.42
C ILE C 473 23.27 -29.25 -0.88
N ALA C 474 22.18 -29.95 -0.56
CA ALA C 474 22.12 -31.38 -0.80
C ALA C 474 22.02 -31.66 -2.29
N PHE C 475 21.41 -30.77 -3.07
CA PHE C 475 21.34 -30.94 -4.52
C PHE C 475 22.73 -30.87 -5.16
N ALA C 476 23.55 -29.91 -4.75
CA ALA C 476 24.91 -29.82 -5.26
C ALA C 476 25.74 -31.04 -4.86
N ARG C 477 25.69 -31.41 -3.58
CA ARG C 477 26.58 -32.43 -3.05
C ARG C 477 26.11 -33.83 -3.48
N GLU C 478 24.82 -34.10 -3.34
CA GLU C 478 24.33 -35.47 -3.44
C GLU C 478 23.56 -35.68 -4.75
N GLY C 479 23.16 -34.58 -5.41
CA GLY C 479 22.37 -34.66 -6.64
C GLY C 479 20.88 -34.93 -6.40
N ASN C 480 20.47 -34.87 -5.15
CA ASN C 480 19.08 -35.07 -4.79
C ASN C 480 18.74 -34.07 -3.72
N PRO C 481 17.69 -33.26 -3.92
CA PRO C 481 17.33 -32.25 -2.93
C PRO C 481 16.73 -32.78 -1.64
N GLN C 482 16.46 -34.08 -1.57
CA GLN C 482 15.90 -34.66 -0.35
C GLN C 482 16.85 -34.50 0.85
N HIS C 483 16.26 -34.21 2.03
CA HIS C 483 16.97 -34.22 3.31
C HIS C 483 16.00 -34.51 4.44
N ASP C 484 16.51 -34.74 5.65
CA ASP C 484 15.68 -35.30 6.70
C ASP C 484 14.62 -34.32 7.21
N GLY C 485 14.94 -33.03 7.19
CA GLY C 485 13.97 -32.01 7.58
C GLY C 485 12.72 -32.00 6.69
N LEU C 486 12.79 -32.51 5.45
CA LEU C 486 11.67 -32.30 4.55
C LEU C 486 10.84 -33.57 4.49
N PRO C 487 9.52 -33.47 4.20
CA PRO C 487 8.73 -34.64 3.87
C PRO C 487 9.12 -35.20 2.50
N GLU C 488 8.58 -36.39 2.18
CA GLU C 488 8.79 -37.06 0.92
C GLU C 488 8.58 -36.09 -0.24
N TRP C 489 9.64 -35.91 -1.04
CA TRP C 489 9.63 -35.06 -2.21
C TRP C 489 9.66 -35.93 -3.47
N PRO C 490 8.50 -36.16 -4.14
CA PRO C 490 8.55 -36.89 -5.40
C PRO C 490 9.10 -36.06 -6.56
N ARG C 491 9.76 -36.76 -7.49
CA ARG C 491 10.19 -36.17 -8.75
C ARG C 491 9.01 -35.62 -9.51
N TYR C 492 9.21 -34.47 -10.14
CA TYR C 492 8.20 -33.94 -11.01
C TYR C 492 8.04 -34.85 -12.22
N ASP C 493 6.80 -35.24 -12.49
CA ASP C 493 6.44 -36.09 -13.63
C ASP C 493 5.05 -35.67 -14.10
N LEU C 494 4.74 -36.01 -15.35
CA LEU C 494 3.43 -35.67 -15.90
C LEU C 494 2.28 -36.33 -15.14
N GLU C 495 2.53 -37.51 -14.56
CA GLU C 495 1.47 -38.27 -13.91
C GLU C 495 0.95 -37.53 -12.69
N GLU C 496 1.84 -37.17 -11.78
CA GLU C 496 1.41 -36.56 -10.53
C GLU C 496 1.82 -35.09 -10.45
N ARG C 497 2.87 -34.69 -11.19
CA ARG C 497 3.36 -33.32 -11.20
C ARG C 497 3.62 -32.82 -9.78
N ALA C 498 4.30 -33.62 -8.97
CA ALA C 498 4.53 -33.26 -7.58
C ALA C 498 5.50 -32.09 -7.55
N VAL C 499 5.10 -31.06 -6.79
CA VAL C 499 5.97 -29.95 -6.46
C VAL C 499 6.08 -29.76 -4.94
N MET C 500 7.30 -29.58 -4.44
CA MET C 500 7.51 -29.35 -3.03
C MET C 500 7.17 -27.88 -2.76
N VAL C 501 6.38 -27.65 -1.71
CA VAL C 501 5.93 -26.34 -1.37
C VAL C 501 6.69 -25.92 -0.11
N PHE C 502 7.38 -24.79 -0.21
CA PHE C 502 8.08 -24.20 0.90
C PHE C 502 7.11 -23.22 1.58
N ALA C 503 6.94 -23.42 2.89
CA ALA C 503 6.17 -22.55 3.74
C ALA C 503 6.68 -22.72 5.15
N VAL C 504 6.02 -22.15 6.14
CA VAL C 504 6.41 -22.41 7.52
C VAL C 504 6.32 -23.91 7.81
N GLU C 505 5.32 -24.59 7.20
CA GLU C 505 5.19 -26.03 7.30
C GLU C 505 5.36 -26.61 5.90
N PRO C 506 6.48 -27.29 5.57
CA PRO C 506 6.73 -27.74 4.22
C PRO C 506 5.80 -28.88 3.87
N ARG C 507 5.24 -28.80 2.67
CA ARG C 507 4.27 -29.80 2.26
C ARG C 507 4.43 -29.98 0.77
N VAL C 508 4.05 -31.17 0.28
CA VAL C 508 4.04 -31.41 -1.14
C VAL C 508 2.61 -31.23 -1.59
N GLU C 509 2.43 -30.41 -2.64
CA GLU C 509 1.15 -30.23 -3.29
C GLU C 509 1.28 -30.80 -4.69
N ARG C 510 0.29 -31.62 -5.07
CA ARG C 510 0.27 -32.27 -6.37
C ARG C 510 -0.59 -31.48 -7.36
N ASP C 511 -0.01 -31.25 -8.56
CA ASP C 511 -0.62 -30.53 -9.66
C ASP C 511 -1.24 -29.23 -9.16
N PRO C 512 -0.46 -28.36 -8.51
CA PRO C 512 -1.04 -27.23 -7.80
C PRO C 512 -1.65 -26.22 -8.78
N TRP C 513 -1.08 -26.14 -9.99
CA TRP C 513 -1.56 -25.23 -11.03
C TRP C 513 -2.40 -25.93 -12.09
N ARG C 514 -3.06 -27.05 -11.71
CA ARG C 514 -3.81 -27.83 -12.66
C ARG C 514 -4.90 -26.97 -13.30
N ALA C 515 -5.58 -26.17 -12.47
CA ALA C 515 -6.68 -25.31 -12.92
C ALA C 515 -6.15 -24.30 -13.93
N GLU C 516 -5.03 -23.66 -13.60
CA GLU C 516 -4.47 -22.60 -14.43
C GLU C 516 -3.89 -23.17 -15.73
N ARG C 517 -3.31 -24.38 -15.70
CA ARG C 517 -2.75 -24.98 -16.91
C ARG C 517 -3.82 -25.17 -17.99
N GLU C 518 -5.04 -25.56 -17.60
CA GLU C 518 -6.08 -25.87 -18.56
C GLU C 518 -6.37 -24.63 -19.40
N VAL C 519 -6.56 -23.49 -18.70
CA VAL C 519 -7.09 -22.29 -19.32
C VAL C 519 -6.06 -21.71 -20.28
N TRP C 520 -4.76 -21.76 -19.89
CA TRP C 520 -3.73 -21.06 -20.65
C TRP C 520 -3.53 -21.69 -22.02
N ALA C 521 -3.61 -23.01 -22.09
CA ALA C 521 -3.40 -23.72 -23.35
C ALA C 521 -4.44 -23.28 -24.38
N ALA C 522 -5.70 -23.13 -23.98
CA ALA C 522 -6.78 -22.89 -24.94
C ALA C 522 -7.11 -21.39 -25.04
N GLU D 29 15.54 -26.82 63.72
CA GLU D 29 16.99 -27.19 63.73
C GLU D 29 17.60 -27.05 62.34
N LEU D 30 18.85 -26.53 62.30
CA LEU D 30 19.68 -26.47 61.10
C LEU D 30 21.09 -26.88 61.51
N HIS D 31 21.63 -27.95 60.91
CA HIS D 31 22.97 -28.39 61.24
C HIS D 31 23.80 -28.50 59.98
N ASP D 32 25.14 -28.35 60.14
CA ASP D 32 26.03 -28.19 59.00
C ASP D 32 26.24 -29.53 58.31
N VAL D 33 26.27 -29.51 56.95
CA VAL D 33 26.72 -30.65 56.16
C VAL D 33 27.81 -30.17 55.20
N ILE D 34 28.97 -30.86 55.21
CA ILE D 34 30.16 -30.38 54.53
C ILE D 34 30.52 -31.31 53.38
N VAL D 35 30.68 -30.72 52.21
CA VAL D 35 31.06 -31.48 50.99
C VAL D 35 32.26 -30.75 50.38
N GLU D 36 33.16 -31.46 49.71
CA GLU D 36 34.33 -30.72 49.18
C GLU D 36 34.24 -30.59 47.66
N THR D 37 34.20 -29.36 47.16
CA THR D 37 34.24 -29.09 45.71
C THR D 37 35.67 -29.19 45.29
N ARG D 38 35.93 -29.31 43.99
CA ARG D 38 37.33 -29.35 43.48
C ARG D 38 38.10 -28.13 43.99
N TYR D 39 37.41 -26.99 44.15
CA TYR D 39 38.08 -25.74 44.60
C TYR D 39 38.08 -25.65 46.13
N GLY D 40 37.39 -26.55 46.82
CA GLY D 40 37.46 -26.43 48.28
C GLY D 40 36.22 -26.91 49.00
N ALA D 41 36.28 -26.90 50.34
CA ALA D 41 35.17 -27.43 51.16
C ALA D 41 34.14 -26.32 51.40
N VAL D 42 32.86 -26.67 51.50
CA VAL D 42 31.78 -25.71 51.70
C VAL D 42 30.94 -26.16 52.88
N ARG D 43 30.49 -25.19 53.69
CA ARG D 43 29.67 -25.46 54.85
C ARG D 43 28.24 -25.04 54.54
N GLY D 44 27.34 -26.01 54.42
CA GLY D 44 25.95 -25.73 54.20
C GLY D 44 25.14 -26.32 55.33
N ARG D 45 23.80 -26.28 55.18
CA ARG D 45 22.89 -26.57 56.28
C ARG D 45 21.93 -27.66 55.83
N SER D 46 21.68 -28.60 56.72
CA SER D 46 20.76 -29.69 56.45
C SER D 46 19.66 -29.66 57.51
N ASP D 47 18.42 -29.88 57.06
CA ASP D 47 17.26 -30.02 57.90
C ASP D 47 17.03 -31.51 58.20
N GLY D 48 17.94 -32.37 57.72
CA GLY D 48 17.83 -33.83 57.84
C GLY D 48 17.06 -34.45 56.68
N THR D 49 16.49 -33.62 55.80
CA THR D 49 15.82 -34.05 54.57
C THR D 49 16.45 -33.38 53.36
N VAL D 50 16.85 -32.11 53.46
CA VAL D 50 17.44 -31.37 52.34
C VAL D 50 18.65 -30.59 52.85
N CYS D 51 19.71 -30.58 52.03
CA CYS D 51 20.93 -29.84 52.25
C CYS D 51 21.01 -28.69 51.23
N VAL D 52 21.38 -27.51 51.70
CA VAL D 52 21.48 -26.34 50.85
C VAL D 52 22.83 -25.69 51.12
N TRP D 53 23.54 -25.36 50.05
CA TRP D 53 24.74 -24.54 50.06
C TRP D 53 24.43 -23.26 49.31
N LYS D 54 24.72 -22.12 49.94
CA LYS D 54 24.54 -20.83 49.30
C LYS D 54 25.88 -20.16 49.02
N GLY D 55 25.89 -19.32 47.97
CA GLY D 55 27.08 -18.53 47.66
C GLY D 55 28.31 -19.35 47.24
N VAL D 56 28.10 -20.44 46.51
CA VAL D 56 29.21 -21.26 46.04
C VAL D 56 29.71 -20.71 44.70
N PRO D 57 31.00 -20.32 44.58
CA PRO D 57 31.52 -19.73 43.35
C PRO D 57 31.94 -20.72 42.27
N PHE D 58 31.40 -20.55 41.07
CA PHE D 58 31.66 -21.46 39.96
C PHE D 58 32.72 -20.87 39.04
N ALA D 59 33.13 -19.65 39.36
CA ALA D 59 34.11 -18.90 38.60
C ALA D 59 34.71 -17.85 39.52
N ARG D 60 35.94 -17.43 39.20
CA ARG D 60 36.55 -16.35 39.92
C ARG D 60 35.70 -15.10 39.70
N PRO D 61 35.60 -14.22 40.72
CA PRO D 61 34.81 -12.99 40.63
C PRO D 61 35.22 -12.14 39.42
N PRO D 62 34.28 -11.80 38.52
CA PRO D 62 34.62 -11.07 37.30
C PRO D 62 34.67 -9.57 37.58
N VAL D 63 35.69 -9.16 38.36
CA VAL D 63 35.83 -7.77 38.75
C VAL D 63 37.22 -7.27 38.35
N GLY D 64 37.34 -5.94 38.19
CA GLY D 64 38.59 -5.31 37.82
C GLY D 64 39.09 -5.83 36.48
N PRO D 65 40.28 -6.45 36.42
CA PRO D 65 40.76 -7.07 35.18
C PRO D 65 39.83 -8.11 34.56
N LEU D 66 39.17 -8.93 35.41
CA LEU D 66 38.31 -10.00 34.94
C LEU D 66 37.02 -9.43 34.37
N ARG D 67 36.69 -8.17 34.71
CA ARG D 67 35.52 -7.53 34.14
C ARG D 67 35.62 -7.55 32.62
N PHE D 68 34.48 -7.81 31.94
CA PHE D 68 34.40 -7.87 30.49
C PHE D 68 35.30 -8.97 29.92
N ARG D 69 35.53 -10.01 30.73
CA ARG D 69 36.27 -11.19 30.31
C ARG D 69 35.47 -12.44 30.63
N PRO D 70 35.67 -13.54 29.88
CA PRO D 70 34.97 -14.78 30.15
C PRO D 70 35.28 -15.28 31.54
N PRO D 71 34.34 -16.00 32.18
CA PRO D 71 34.50 -16.41 33.56
C PRO D 71 35.69 -17.35 33.67
N GLU D 72 36.38 -17.25 34.81
CA GLU D 72 37.55 -18.09 35.02
C GLU D 72 37.27 -18.97 36.23
N PRO D 73 37.69 -20.26 36.20
CA PRO D 73 37.39 -21.16 37.32
C PRO D 73 37.87 -20.52 38.62
N PRO D 74 37.19 -20.77 39.76
CA PRO D 74 37.59 -20.13 41.01
C PRO D 74 38.94 -20.66 41.46
N GLU D 75 39.69 -19.80 42.14
CA GLU D 75 40.91 -20.24 42.82
C GLU D 75 40.53 -21.17 43.97
N PRO D 76 41.17 -22.36 44.09
CA PRO D 76 40.81 -23.28 45.18
C PRO D 76 41.05 -22.68 46.55
N TRP D 77 40.29 -23.13 47.56
CA TRP D 77 40.44 -22.65 48.92
C TRP D 77 40.62 -23.84 49.87
N SER D 78 41.58 -23.75 50.79
CA SER D 78 41.66 -24.64 51.95
C SER D 78 40.65 -24.19 52.99
N GLY D 79 40.25 -25.11 53.87
CA GLY D 79 39.30 -24.75 54.93
C GLY D 79 37.86 -25.06 54.54
N VAL D 80 36.96 -24.82 55.50
CA VAL D 80 35.53 -24.95 55.29
C VAL D 80 34.96 -23.58 55.00
N ARG D 81 34.50 -23.37 53.76
CA ARG D 81 33.94 -22.11 53.32
C ARG D 81 32.50 -22.00 53.79
N ASP D 82 32.16 -20.81 54.25
CA ASP D 82 30.82 -20.54 54.72
C ASP D 82 29.84 -20.50 53.54
N ALA D 83 28.85 -21.40 53.56
CA ALA D 83 27.82 -21.45 52.52
C ALA D 83 26.44 -21.31 53.16
N THR D 84 26.36 -20.62 54.29
CA THR D 84 25.11 -20.48 55.00
C THR D 84 24.27 -19.34 54.40
N ARG D 85 24.92 -18.35 53.78
CA ARG D 85 24.22 -17.20 53.22
C ARG D 85 24.34 -17.12 51.70
N PHE D 86 23.27 -16.60 51.06
CA PHE D 86 23.24 -16.44 49.61
C PHE D 86 24.31 -15.43 49.18
N GLY D 87 24.86 -15.63 47.98
CA GLY D 87 25.87 -14.74 47.43
C GLY D 87 25.24 -13.49 46.80
N PRO D 88 26.04 -12.44 46.58
CA PRO D 88 25.53 -11.20 46.03
C PRO D 88 25.06 -11.34 44.58
N ALA D 89 23.99 -10.62 44.24
CA ALA D 89 23.45 -10.66 42.89
C ALA D 89 24.34 -9.80 41.99
N SER D 90 24.22 -10.03 40.69
CA SER D 90 24.82 -9.17 39.69
C SER D 90 24.21 -7.77 39.77
N VAL D 91 25.04 -6.76 39.56
CA VAL D 91 24.59 -5.38 39.58
C VAL D 91 23.55 -5.19 38.50
N GLN D 92 22.38 -4.71 38.88
CA GLN D 92 21.21 -4.73 38.04
C GLN D 92 20.30 -3.54 38.39
N PRO D 93 19.45 -3.09 37.45
CA PRO D 93 18.45 -2.08 37.76
C PRO D 93 17.39 -2.56 38.75
N GLU D 94 16.67 -1.59 39.32
CA GLU D 94 15.56 -1.92 40.23
C GLU D 94 14.38 -2.50 39.43
N ASP D 95 13.59 -3.39 40.05
CA ASP D 95 12.38 -3.93 39.39
C ASP D 95 11.17 -3.41 40.14
N ARG D 96 10.21 -2.83 39.42
CA ARG D 96 8.95 -2.39 40.09
C ARG D 96 7.73 -3.16 39.58
N LEU D 97 7.82 -3.81 38.41
CA LEU D 97 6.58 -4.42 37.83
C LEU D 97 6.02 -5.53 38.72
N ILE D 98 6.87 -6.39 39.25
CA ILE D 98 6.40 -7.51 40.10
C ILE D 98 6.86 -7.19 41.51
N SER D 99 7.95 -6.42 41.62
CA SER D 99 8.48 -6.15 42.94
C SER D 99 7.53 -5.25 43.73
N ASN D 100 6.92 -4.27 43.06
CA ASN D 100 5.93 -3.41 43.78
C ASN D 100 4.72 -4.24 44.17
N LEU D 101 4.22 -5.08 43.27
CA LEU D 101 3.02 -5.92 43.54
C LEU D 101 3.28 -6.89 44.69
N THR D 102 4.45 -7.51 44.73
CA THR D 102 4.73 -8.57 45.73
C THR D 102 5.36 -7.97 46.97
N GLY D 103 6.23 -6.97 46.82
CA GLY D 103 6.86 -6.29 47.94
C GLY D 103 8.38 -6.52 48.05
N GLY D 104 9.05 -7.11 47.04
CA GLY D 104 10.49 -7.37 47.11
C GLY D 104 11.34 -6.19 47.65
N ALA D 105 12.35 -6.49 48.50
CA ALA D 105 13.33 -5.48 48.89
C ALA D 105 14.42 -5.35 47.82
N THR D 106 15.25 -4.31 47.91
CA THR D 106 16.30 -4.09 46.93
C THR D 106 17.34 -5.21 47.06
N LEU D 107 17.76 -5.76 45.92
CA LEU D 107 18.65 -6.90 45.94
C LEU D 107 20.07 -6.47 46.30
N PRO D 108 20.79 -7.26 47.14
CA PRO D 108 22.22 -7.04 47.37
C PRO D 108 23.00 -7.33 46.11
N GLN D 109 23.90 -6.42 45.76
CA GLN D 109 24.59 -6.49 44.49
C GLN D 109 26.07 -6.31 44.75
N ASP D 110 26.85 -6.87 43.83
CA ASP D 110 28.26 -6.60 43.76
C ASP D 110 28.69 -7.06 42.38
N GLU D 111 29.77 -6.47 41.87
CA GLU D 111 30.33 -6.89 40.59
C GLU D 111 30.80 -8.33 40.71
N ASP D 112 31.22 -8.71 41.92
CA ASP D 112 31.52 -10.10 42.26
C ASP D 112 30.20 -10.81 42.57
N CYS D 113 29.61 -11.46 41.56
CA CYS D 113 28.28 -12.01 41.68
C CYS D 113 28.18 -13.49 41.29
N LEU D 114 29.28 -14.10 40.86
CA LEU D 114 29.19 -15.44 40.28
C LEU D 114 29.14 -16.52 41.36
N TYR D 115 27.92 -16.88 41.79
CA TYR D 115 27.70 -17.85 42.84
C TYR D 115 26.48 -18.68 42.47
N LEU D 116 26.48 -19.92 42.96
CA LEU D 116 25.38 -20.83 42.74
C LEU D 116 24.96 -21.48 44.05
N ASN D 117 23.70 -21.99 44.05
CA ASN D 117 23.04 -22.52 45.23
C ASN D 117 22.50 -23.89 44.88
N ILE D 118 22.72 -24.87 45.76
CA ILE D 118 22.41 -26.26 45.49
C ILE D 118 21.43 -26.77 46.52
N TRP D 119 20.35 -27.43 46.04
CA TRP D 119 19.46 -28.18 46.89
C TRP D 119 19.53 -29.66 46.53
N SER D 120 19.71 -30.51 47.53
CA SER D 120 19.86 -31.93 47.35
C SER D 120 19.31 -32.62 48.58
N PRO D 121 18.67 -33.79 48.44
CA PRO D 121 18.21 -34.54 49.61
C PRO D 121 19.36 -34.96 50.52
N SER D 122 20.46 -35.42 49.91
CA SER D 122 21.60 -35.92 50.66
C SER D 122 22.82 -35.92 49.76
N PRO D 123 24.02 -35.66 50.29
CA PRO D 123 25.24 -35.78 49.48
C PRO D 123 25.46 -37.22 48.99
N ASP D 124 24.83 -38.16 49.70
CA ASP D 124 24.81 -39.54 49.27
C ASP D 124 23.70 -39.75 48.25
N GLY D 125 23.99 -40.49 47.18
CA GLY D 125 23.00 -40.76 46.15
C GLY D 125 23.42 -40.24 44.76
N ARG D 126 22.66 -40.66 43.75
CA ARG D 126 22.94 -40.34 42.36
C ARG D 126 21.63 -39.86 41.71
N ARG D 127 21.28 -38.61 42.01
CA ARG D 127 20.03 -38.03 41.55
C ARG D 127 20.15 -37.30 40.20
N PRO D 128 19.02 -37.13 39.49
CA PRO D 128 18.96 -36.19 38.37
C PRO D 128 19.09 -34.74 38.83
N VAL D 129 19.58 -33.87 37.95
CA VAL D 129 19.89 -32.49 38.33
C VAL D 129 19.04 -31.55 37.46
N MET D 130 18.45 -30.55 38.11
CA MET D 130 17.68 -29.48 37.46
C MET D 130 18.38 -28.16 37.73
N VAL D 131 18.90 -27.53 36.66
CA VAL D 131 19.59 -26.27 36.81
C VAL D 131 18.75 -25.16 36.21
N TRP D 132 18.56 -24.07 37.00
CA TRP D 132 17.64 -23.00 36.69
C TRP D 132 18.41 -21.76 36.27
N ILE D 133 18.03 -21.21 35.12
CA ILE D 133 18.57 -19.96 34.63
C ILE D 133 17.44 -18.94 34.61
N HIS D 134 17.56 -17.97 35.52
CA HIS D 134 16.51 -17.02 35.82
C HIS D 134 16.34 -16.00 34.68
N GLY D 135 15.12 -15.44 34.61
CA GLY D 135 14.83 -14.35 33.68
C GLY D 135 15.09 -12.98 34.30
N GLY D 136 14.62 -11.95 33.64
CA GLY D 136 14.96 -10.59 34.04
C GLY D 136 15.54 -9.79 32.88
N ALA D 137 15.32 -10.26 31.64
CA ALA D 137 15.69 -9.59 30.41
C ALA D 137 17.19 -9.26 30.27
N TYR D 138 18.05 -10.08 30.89
CA TYR D 138 19.50 -9.99 30.81
C TYR D 138 20.06 -8.82 31.61
N LEU D 139 19.20 -8.12 32.37
CA LEU D 139 19.56 -6.92 33.09
C LEU D 139 19.33 -7.08 34.58
N THR D 140 18.38 -7.97 34.98
CA THR D 140 17.96 -8.07 36.36
C THR D 140 17.81 -9.55 36.73
N GLY D 141 17.50 -9.81 38.01
CA GLY D 141 17.17 -11.13 38.53
C GLY D 141 18.36 -11.76 39.29
N ALA D 142 18.11 -12.91 39.91
CA ALA D 142 19.11 -13.75 40.55
C ALA D 142 18.55 -15.17 40.80
N GLY D 143 19.43 -16.14 40.95
CA GLY D 143 19.05 -17.49 41.31
C GLY D 143 18.56 -17.61 42.76
N SER D 144 18.93 -16.64 43.60
CA SER D 144 18.66 -16.68 45.03
C SER D 144 17.24 -16.24 45.35
N ILE D 145 16.46 -15.82 44.35
CA ILE D 145 15.13 -15.30 44.63
C ILE D 145 14.29 -16.44 45.21
N PRO D 146 13.50 -16.23 46.30
CA PRO D 146 12.71 -17.28 46.95
C PRO D 146 11.78 -18.11 46.06
N TRP D 147 11.17 -17.53 44.98
CA TRP D 147 10.26 -18.31 44.15
C TRP D 147 10.97 -19.49 43.47
N TYR D 148 12.29 -19.41 43.24
CA TYR D 148 13.02 -20.46 42.56
C TYR D 148 13.55 -21.49 43.57
N ASP D 149 13.15 -21.33 44.85
CA ASP D 149 13.64 -22.19 45.91
C ASP D 149 13.45 -23.68 45.56
N GLY D 150 14.53 -24.44 45.68
CA GLY D 150 14.60 -25.79 45.11
C GLY D 150 14.26 -26.84 46.15
N THR D 151 13.91 -26.40 47.38
CA THR D 151 13.70 -27.31 48.49
C THR D 151 12.63 -28.34 48.14
N ALA D 152 11.42 -27.86 47.75
CA ALA D 152 10.28 -28.75 47.51
C ALA D 152 10.58 -29.74 46.38
N LEU D 153 11.26 -29.31 45.32
CA LEU D 153 11.57 -30.18 44.20
C LEU D 153 12.47 -31.32 44.68
N ALA D 154 13.53 -31.02 45.42
CA ALA D 154 14.45 -32.05 45.93
C ALA D 154 13.70 -32.98 46.89
N ARG D 155 12.92 -32.40 47.81
CA ARG D 155 12.24 -33.18 48.82
C ARG D 155 11.19 -34.08 48.13
N GLU D 156 10.43 -33.49 47.20
CA GLU D 156 9.40 -34.23 46.49
C GLU D 156 10.00 -35.17 45.45
N GLY D 157 11.01 -34.67 44.71
CA GLY D 157 11.45 -35.33 43.48
C GLY D 157 12.79 -36.07 43.59
N ASP D 158 13.54 -35.95 44.70
CA ASP D 158 14.84 -36.60 44.82
C ASP D 158 15.77 -36.15 43.70
N VAL D 159 15.89 -34.83 43.54
CA VAL D 159 16.64 -34.27 42.43
C VAL D 159 17.54 -33.23 43.01
N VAL D 160 18.59 -32.89 42.26
CA VAL D 160 19.46 -31.80 42.65
C VAL D 160 19.03 -30.54 41.90
N VAL D 161 18.88 -29.44 42.65
CA VAL D 161 18.43 -28.18 42.10
C VAL D 161 19.56 -27.16 42.26
N VAL D 162 19.95 -26.53 41.16
CA VAL D 162 20.95 -25.47 41.17
C VAL D 162 20.30 -24.23 40.55
N THR D 163 20.44 -23.09 41.23
CA THR D 163 20.14 -21.79 40.67
C THR D 163 21.40 -20.92 40.71
N LEU D 164 21.60 -20.06 39.69
CA LEU D 164 22.89 -19.39 39.54
C LEU D 164 22.68 -17.92 39.21
N ASN D 165 23.74 -17.15 39.46
CA ASN D 165 23.87 -15.74 39.04
C ASN D 165 24.78 -15.64 37.82
N TYR D 166 24.39 -14.79 36.87
CA TYR D 166 25.20 -14.50 35.70
C TYR D 166 25.23 -13.00 35.62
N ARG D 167 26.37 -12.50 35.11
CA ARG D 167 26.58 -11.06 34.93
C ARG D 167 25.46 -10.50 34.05
N LEU D 168 24.93 -9.37 34.47
CA LEU D 168 23.75 -8.76 33.89
C LEU D 168 24.13 -7.39 33.34
N GLY D 169 23.27 -6.89 32.44
CA GLY D 169 23.44 -5.56 31.90
C GLY D 169 24.73 -5.41 31.10
N ALA D 170 25.30 -4.22 31.24
CA ALA D 170 26.46 -3.76 30.48
C ALA D 170 27.62 -4.77 30.57
N LEU D 171 27.87 -5.33 31.75
CA LEU D 171 29.00 -6.25 31.93
C LEU D 171 28.68 -7.60 31.28
N GLY D 172 27.40 -7.97 31.21
CA GLY D 172 27.02 -9.29 30.76
C GLY D 172 27.04 -9.43 29.23
N PHE D 173 26.46 -8.47 28.52
CA PHE D 173 26.07 -8.71 27.13
C PHE D 173 26.50 -7.60 26.18
N LEU D 174 27.40 -6.71 26.61
CA LEU D 174 27.89 -5.67 25.70
C LEU D 174 28.82 -6.31 24.66
N TYR D 175 28.56 -6.03 23.36
CA TYR D 175 29.41 -6.53 22.29
C TYR D 175 30.47 -5.49 21.96
N LEU D 176 31.71 -5.77 22.41
CA LEU D 176 32.81 -4.82 22.27
C LEU D 176 33.84 -5.30 21.25
N GLU D 177 33.55 -6.31 20.43
CA GLU D 177 34.54 -6.83 19.50
C GLU D 177 34.83 -5.80 18.42
N ASP D 178 33.79 -5.10 17.97
CA ASP D 178 34.00 -4.01 16.99
C ASP D 178 34.54 -2.78 17.73
N ALA D 179 33.87 -2.37 18.81
CA ALA D 179 34.26 -1.15 19.56
C ALA D 179 35.65 -1.23 20.21
N PHE D 180 36.02 -2.38 20.79
CA PHE D 180 37.30 -2.41 21.56
C PHE D 180 38.29 -3.38 20.94
N GLY D 181 37.95 -4.01 19.82
CA GLY D 181 38.91 -4.84 19.10
C GLY D 181 38.95 -6.28 19.60
N PRO D 182 39.96 -7.07 19.18
CA PRO D 182 39.95 -8.52 19.39
C PRO D 182 39.97 -8.98 20.84
N GLU D 183 40.42 -8.13 21.76
CA GLU D 183 40.60 -8.56 23.13
C GLU D 183 39.23 -8.83 23.77
N PHE D 184 38.20 -8.14 23.29
CA PHE D 184 36.86 -8.26 23.86
C PHE D 184 35.94 -9.12 22.99
N THR D 185 36.50 -10.02 22.18
CA THR D 185 35.65 -10.90 21.38
C THR D 185 34.81 -11.76 22.31
N GLY D 186 33.51 -11.89 21.99
CA GLY D 186 32.61 -12.71 22.76
C GLY D 186 32.06 -11.98 23.99
N SER D 187 32.40 -10.70 24.17
CA SER D 187 31.94 -9.96 25.34
C SER D 187 30.41 -9.86 25.34
N GLY D 188 29.83 -9.91 24.13
CA GLY D 188 28.39 -9.82 23.96
C GLY D 188 27.65 -10.92 24.68
N ASN D 189 28.33 -12.05 24.96
CA ASN D 189 27.70 -13.25 25.50
C ASN D 189 28.33 -13.68 26.83
N LEU D 190 28.91 -12.75 27.58
CA LEU D 190 29.54 -13.12 28.85
C LEU D 190 28.54 -13.78 29.80
N GLY D 191 27.31 -13.23 29.84
CA GLY D 191 26.25 -13.81 30.65
C GLY D 191 26.00 -15.25 30.24
N ILE D 192 25.96 -15.49 28.94
CA ILE D 192 25.85 -16.85 28.41
C ILE D 192 27.09 -17.66 28.78
N LEU D 193 28.27 -17.02 28.72
CA LEU D 193 29.51 -17.65 29.12
C LEU D 193 29.51 -17.96 30.64
N ASP D 194 28.89 -17.10 31.47
CA ASP D 194 28.77 -17.33 32.89
C ASP D 194 27.95 -18.58 33.17
N GLN D 195 26.82 -18.73 32.46
CA GLN D 195 26.00 -19.92 32.57
C GLN D 195 26.78 -21.17 32.18
N ILE D 196 27.61 -21.08 31.14
CA ILE D 196 28.35 -22.25 30.67
C ILE D 196 29.34 -22.70 31.75
N ALA D 197 29.99 -21.72 32.38
CA ALA D 197 30.97 -22.00 33.40
C ALA D 197 30.34 -22.81 34.52
N ALA D 198 29.12 -22.43 34.92
CA ALA D 198 28.38 -23.11 35.97
C ALA D 198 28.00 -24.52 35.56
N LEU D 199 27.67 -24.70 34.28
CA LEU D 199 27.30 -26.02 33.80
C LEU D 199 28.50 -26.94 33.84
N ARG D 200 29.70 -26.42 33.53
CA ARG D 200 30.95 -27.20 33.59
C ARG D 200 31.25 -27.58 35.03
N TRP D 201 31.10 -26.62 35.93
CA TRP D 201 31.25 -26.81 37.35
C TRP D 201 30.29 -27.91 37.79
N VAL D 202 29.08 -27.90 37.26
CA VAL D 202 28.09 -28.92 37.60
C VAL D 202 28.55 -30.29 37.09
N ARG D 203 29.07 -30.33 35.85
CA ARG D 203 29.51 -31.59 35.31
C ARG D 203 30.57 -32.22 36.22
N GLU D 204 31.58 -31.44 36.61
CA GLU D 204 32.75 -31.94 37.31
C GLU D 204 32.47 -32.23 38.77
N ASN D 205 31.65 -31.39 39.44
CA ASN D 205 31.55 -31.41 40.90
C ASN D 205 30.19 -31.87 41.42
N ILE D 206 29.19 -32.08 40.56
CA ILE D 206 27.85 -32.23 41.11
C ILE D 206 27.70 -33.55 41.85
N ALA D 207 28.52 -34.58 41.50
CA ALA D 207 28.40 -35.87 42.15
C ALA D 207 28.68 -35.78 43.65
N ALA D 208 29.50 -34.78 44.04
CA ALA D 208 29.84 -34.49 45.43
C ALA D 208 28.63 -34.04 46.22
N PHE D 209 27.66 -33.41 45.54
CA PHE D 209 26.49 -32.93 46.22
C PHE D 209 25.31 -33.87 46.02
N GLY D 210 25.57 -35.11 45.56
CA GLY D 210 24.56 -36.15 45.49
C GLY D 210 23.75 -36.15 44.19
N GLY D 211 24.29 -35.59 43.11
CA GLY D 211 23.64 -35.65 41.81
C GLY D 211 24.43 -36.45 40.77
N ASP D 212 23.73 -36.76 39.70
CA ASP D 212 24.28 -37.45 38.54
C ASP D 212 24.57 -36.41 37.47
N PRO D 213 25.85 -36.25 37.01
CA PRO D 213 26.22 -35.28 35.98
C PRO D 213 25.61 -35.52 34.60
N ASP D 214 25.21 -36.75 34.26
CA ASP D 214 24.75 -37.03 32.92
C ASP D 214 23.22 -36.96 32.81
N ARG D 215 22.54 -36.86 33.97
CA ARG D 215 21.08 -36.72 34.00
C ARG D 215 20.78 -35.31 34.52
N VAL D 216 21.10 -34.33 33.67
CA VAL D 216 20.91 -32.92 33.96
C VAL D 216 19.89 -32.35 32.99
N THR D 217 18.88 -31.69 33.58
CA THR D 217 17.88 -30.94 32.81
C THR D 217 18.09 -29.47 33.10
N ILE D 218 18.19 -28.67 32.06
CA ILE D 218 18.22 -27.21 32.22
C ILE D 218 16.82 -26.65 32.00
N PHE D 219 16.47 -25.63 32.81
CA PHE D 219 15.14 -25.05 32.66
C PHE D 219 15.30 -23.58 32.98
N GLY D 220 14.56 -22.75 32.22
CA GLY D 220 14.62 -21.29 32.38
C GLY D 220 13.31 -20.65 31.96
N GLU D 221 13.04 -19.45 32.50
CA GLU D 221 11.84 -18.70 32.23
C GLU D 221 12.20 -17.32 31.69
N ALA D 222 11.39 -16.88 30.70
CA ALA D 222 11.49 -15.58 30.06
C ALA D 222 12.87 -15.47 29.43
N ALA D 223 13.68 -14.46 29.82
CA ALA D 223 15.04 -14.35 29.33
C ALA D 223 15.86 -15.59 29.69
N GLY D 224 15.55 -16.18 30.86
CA GLY D 224 16.15 -17.44 31.25
C GLY D 224 15.91 -18.54 30.21
N ALA D 225 14.65 -18.62 29.75
CA ALA D 225 14.31 -19.57 28.72
C ALA D 225 15.05 -19.24 27.43
N GLY D 226 15.29 -17.94 27.22
CA GLY D 226 16.09 -17.51 26.09
C GLY D 226 17.52 -18.03 26.19
N SER D 227 18.08 -17.95 27.41
CA SER D 227 19.41 -18.47 27.66
C SER D 227 19.44 -19.96 27.35
N VAL D 228 18.44 -20.70 27.78
CA VAL D 228 18.42 -22.13 27.49
C VAL D 228 18.40 -22.33 25.96
N GLY D 229 17.57 -21.55 25.27
CA GLY D 229 17.46 -21.66 23.83
C GLY D 229 18.78 -21.31 23.16
N VAL D 230 19.36 -20.19 23.57
CA VAL D 230 20.65 -19.76 23.06
C VAL D 230 21.73 -20.81 23.35
N LEU D 231 21.75 -21.40 24.55
CA LEU D 231 22.77 -22.37 24.89
C LEU D 231 22.75 -23.58 23.95
N LEU D 232 21.55 -23.99 23.52
CA LEU D 232 21.37 -25.01 22.49
C LEU D 232 22.12 -24.61 21.20
N ALA D 233 22.21 -23.33 20.89
CA ALA D 233 22.91 -22.88 19.67
C ALA D 233 24.42 -22.87 19.93
N ALA D 234 24.85 -22.49 21.14
CA ALA D 234 26.26 -22.40 21.48
C ALA D 234 26.92 -23.78 21.53
N PRO D 235 28.08 -24.00 20.87
CA PRO D 235 28.72 -25.33 20.89
C PRO D 235 29.18 -25.84 22.26
N ALA D 236 29.66 -24.95 23.11
CA ALA D 236 30.24 -25.41 24.36
C ALA D 236 29.16 -26.00 25.29
N ALA D 237 27.90 -25.59 25.14
CA ALA D 237 26.88 -26.04 26.10
C ALA D 237 26.53 -27.52 25.88
N ARG D 238 26.97 -28.11 24.75
CA ARG D 238 26.55 -29.45 24.37
C ARG D 238 27.07 -30.45 25.39
N GLY D 239 26.19 -31.36 25.79
CA GLY D 239 26.53 -32.37 26.78
C GLY D 239 26.51 -31.88 28.23
N LEU D 240 26.26 -30.58 28.50
CA LEU D 240 26.11 -30.08 29.87
C LEU D 240 24.68 -30.23 30.39
N PHE D 241 23.79 -30.67 29.50
CA PHE D 241 22.40 -30.92 29.83
C PHE D 241 21.95 -32.04 28.89
N HIS D 242 20.96 -32.82 29.33
CA HIS D 242 20.35 -33.87 28.52
C HIS D 242 18.92 -33.50 28.10
N ARG D 243 18.30 -32.55 28.82
CA ARG D 243 16.92 -32.16 28.59
C ARG D 243 16.82 -30.68 28.89
N ALA D 244 15.84 -30.00 28.28
CA ALA D 244 15.68 -28.56 28.46
C ALA D 244 14.19 -28.23 28.57
N ILE D 245 13.88 -27.29 29.46
CA ILE D 245 12.55 -26.67 29.52
C ILE D 245 12.65 -25.18 29.27
N LEU D 246 11.82 -24.67 28.36
CA LEU D 246 11.81 -23.25 28.01
C LEU D 246 10.41 -22.72 28.33
N GLN D 247 10.35 -21.85 29.36
CA GLN D 247 9.10 -21.33 29.86
C GLN D 247 8.97 -19.85 29.53
N SER D 248 7.99 -19.50 28.68
CA SER D 248 7.70 -18.12 28.38
C SER D 248 8.92 -17.40 27.86
N GLY D 249 9.76 -18.11 27.13
CA GLY D 249 10.79 -17.45 26.38
C GLY D 249 11.41 -18.38 25.39
N SER D 250 12.32 -17.86 24.60
CA SER D 250 12.75 -18.58 23.41
C SER D 250 14.09 -18.05 22.97
N GLY D 251 14.79 -18.83 22.14
CA GLY D 251 16.01 -18.41 21.45
C GLY D 251 15.90 -17.07 20.70
N ALA D 252 14.72 -16.68 20.19
CA ALA D 252 14.56 -15.38 19.54
C ALA D 252 14.49 -14.25 20.56
N LEU D 253 13.94 -14.55 21.75
CA LEU D 253 13.62 -13.56 22.79
C LEU D 253 14.86 -12.85 23.29
N GLY D 254 15.02 -11.57 22.90
CA GLY D 254 16.07 -10.73 23.44
C GLY D 254 17.37 -10.84 22.68
N VAL D 255 17.46 -11.77 21.73
CA VAL D 255 18.74 -11.99 21.05
C VAL D 255 18.96 -10.91 19.98
N ARG D 256 20.20 -10.38 19.94
CA ARG D 256 20.53 -9.26 19.08
C ARG D 256 21.64 -9.64 18.09
N THR D 257 21.59 -9.03 16.88
CA THR D 257 22.60 -9.28 15.85
C THR D 257 23.86 -8.50 16.23
N ALA D 258 24.97 -8.85 15.59
CA ALA D 258 26.25 -8.25 15.92
C ALA D 258 26.18 -6.75 15.70
N ALA D 259 25.49 -6.32 14.62
CA ALA D 259 25.35 -4.89 14.32
C ALA D 259 24.42 -4.22 15.33
N SER D 260 23.28 -4.87 15.64
CA SER D 260 22.29 -4.32 16.57
C SER D 260 22.90 -4.15 17.94
N ALA D 261 23.63 -5.17 18.43
CA ALA D 261 24.30 -5.08 19.73
C ALA D 261 25.36 -3.98 19.67
N ALA D 262 26.07 -3.90 18.53
CA ALA D 262 27.02 -2.82 18.29
C ALA D 262 26.32 -1.46 18.31
N ARG D 263 25.08 -1.39 17.80
CA ARG D 263 24.30 -0.16 17.86
C ARG D 263 24.07 0.22 19.32
N VAL D 264 23.62 -0.75 20.11
CA VAL D 264 23.30 -0.51 21.52
C VAL D 264 24.59 -0.24 22.28
N ALA D 265 25.65 -0.99 21.98
CA ALA D 265 26.93 -0.81 22.65
C ALA D 265 27.48 0.61 22.43
N ALA D 266 27.35 1.10 21.18
CA ALA D 266 27.75 2.46 20.85
C ALA D 266 26.92 3.47 21.63
N ARG D 267 25.61 3.23 21.75
CA ARG D 267 24.73 4.09 22.54
C ARG D 267 25.13 4.00 24.02
N VAL D 268 25.48 2.78 24.45
CA VAL D 268 25.84 2.52 25.83
C VAL D 268 27.16 3.21 26.14
N LEU D 269 28.12 3.10 25.21
CA LEU D 269 29.44 3.68 25.40
C LEU D 269 29.36 5.21 25.47
N GLN D 270 28.51 5.81 24.64
CA GLN D 270 28.34 7.26 24.66
C GLN D 270 27.75 7.70 25.99
N HIS D 271 26.71 7.01 26.46
CA HIS D 271 26.11 7.32 27.75
C HIS D 271 27.10 7.07 28.88
N ALA D 272 27.88 5.99 28.78
CA ALA D 272 28.83 5.65 29.83
C ALA D 272 29.96 6.68 29.95
N GLY D 273 30.33 7.31 28.84
CA GLY D 273 31.49 8.18 28.80
C GLY D 273 32.77 7.38 28.58
N VAL D 274 32.63 6.16 28.04
CA VAL D 274 33.78 5.32 27.72
C VAL D 274 34.06 5.51 26.23
N GLU D 275 35.26 6.00 25.94
CA GLU D 275 35.74 6.05 24.56
C GLU D 275 36.06 4.63 24.10
N PRO D 276 35.67 4.25 22.85
CA PRO D 276 36.11 2.97 22.28
C PRO D 276 37.64 2.85 22.29
N GLY D 277 38.12 1.69 22.76
CA GLY D 277 39.55 1.43 22.88
C GLY D 277 40.15 1.95 24.18
N ASP D 278 39.36 2.61 25.05
CA ASP D 278 39.87 3.09 26.35
C ASP D 278 39.58 2.05 27.43
N ARG D 279 40.54 1.16 27.66
CA ARG D 279 40.33 0.08 28.62
C ARG D 279 40.22 0.63 30.03
N GLU D 280 40.98 1.69 30.34
CA GLU D 280 40.98 2.27 31.66
C GLU D 280 39.55 2.74 32.02
N ALA D 281 38.88 3.41 31.08
CA ALA D 281 37.52 3.87 31.30
C ALA D 281 36.59 2.67 31.46
N LEU D 282 36.84 1.60 30.68
CA LEU D 282 36.01 0.39 30.72
C LEU D 282 36.10 -0.30 32.08
N ARG D 283 37.32 -0.46 32.59
CA ARG D 283 37.54 -1.10 33.88
C ARG D 283 37.13 -0.20 35.05
N SER D 284 37.45 1.11 34.96
CA SER D 284 37.29 1.99 36.09
C SER D 284 35.81 2.24 36.39
N LEU D 285 34.96 2.27 35.37
CA LEU D 285 33.60 2.74 35.58
C LEU D 285 32.92 1.92 36.69
N PRO D 286 32.17 2.55 37.63
CA PRO D 286 31.38 1.80 38.61
C PRO D 286 30.29 0.94 37.97
N ALA D 287 30.02 -0.21 38.61
CA ALA D 287 28.98 -1.11 38.13
C ALA D 287 27.61 -0.43 38.07
N ARG D 288 27.30 0.41 39.07
CA ARG D 288 26.04 1.11 39.06
C ARG D 288 26.01 2.06 37.87
N ALA D 289 27.17 2.68 37.55
CA ALA D 289 27.27 3.59 36.43
C ALA D 289 27.00 2.84 35.14
N TRP D 290 27.45 1.58 35.08
CA TRP D 290 27.08 0.68 33.98
C TRP D 290 25.57 0.46 33.94
N ALA D 291 24.98 0.21 35.12
CA ALA D 291 23.53 0.08 35.23
C ALA D 291 22.83 1.42 34.90
N ASN D 292 23.40 2.55 35.35
CA ASN D 292 22.79 3.84 35.10
C ASN D 292 22.80 4.21 33.62
N ALA D 293 23.92 3.87 32.93
CA ALA D 293 24.06 4.14 31.52
C ALA D 293 23.02 3.37 30.73
N VAL D 294 22.74 2.13 31.13
CA VAL D 294 21.81 1.29 30.40
C VAL D 294 20.39 1.82 30.57
N ALA D 295 20.05 2.26 31.78
CA ALA D 295 18.72 2.77 32.05
C ALA D 295 18.42 3.96 31.14
N ALA D 296 19.45 4.80 30.92
CA ALA D 296 19.30 6.05 30.18
C ALA D 296 18.93 5.80 28.71
N LEU D 297 19.23 4.60 28.20
CA LEU D 297 18.92 4.25 26.82
C LEU D 297 17.42 4.30 26.59
N GLY D 298 16.65 3.91 27.62
CA GLY D 298 15.20 3.98 27.55
C GLY D 298 14.54 2.62 27.67
N PRO D 299 13.19 2.58 27.66
CA PRO D 299 12.44 1.32 27.78
C PRO D 299 12.85 0.27 26.75
N GLY D 300 12.82 -1.00 27.22
CA GLY D 300 12.86 -2.18 26.36
C GLY D 300 13.87 -3.23 26.82
N LEU D 301 14.47 -3.89 25.84
CA LEU D 301 15.51 -4.88 26.02
C LEU D 301 16.74 -4.42 25.25
N PRO D 302 17.51 -3.41 25.74
CA PRO D 302 18.71 -2.95 25.02
C PRO D 302 19.78 -4.02 24.88
N LEU D 303 19.98 -4.80 25.93
CA LEU D 303 21.03 -5.79 25.98
C LEU D 303 20.45 -7.21 25.94
N GLY D 304 21.21 -8.08 25.26
CA GLY D 304 20.80 -9.44 25.07
C GLY D 304 21.91 -10.26 24.44
N PRO D 305 21.67 -11.57 24.25
CA PRO D 305 22.64 -12.43 23.63
C PRO D 305 22.96 -11.92 22.22
N VAL D 306 24.22 -12.05 21.81
CA VAL D 306 24.70 -11.57 20.53
C VAL D 306 25.19 -12.74 19.71
N VAL D 307 24.87 -12.72 18.42
CA VAL D 307 25.44 -13.65 17.47
C VAL D 307 26.84 -13.17 17.05
N ASP D 308 27.81 -13.35 17.95
CA ASP D 308 29.14 -12.76 17.76
C ASP D 308 29.95 -13.55 16.75
N GLY D 309 29.53 -14.78 16.44
CA GLY D 309 30.23 -15.62 15.47
C GLY D 309 31.26 -16.54 16.13
N THR D 310 31.42 -16.44 17.45
CA THR D 310 32.29 -17.33 18.21
C THR D 310 31.40 -18.16 19.14
N VAL D 311 30.90 -17.51 20.21
CA VAL D 311 30.09 -18.20 21.19
C VAL D 311 28.81 -18.69 20.52
N LEU D 312 28.18 -17.80 19.72
CA LEU D 312 26.94 -18.10 19.00
C LEU D 312 27.22 -18.13 17.49
N PRO D 313 27.48 -19.30 16.88
CA PRO D 313 27.77 -19.34 15.46
C PRO D 313 26.54 -19.00 14.62
N GLU D 314 25.35 -19.38 15.09
CA GLU D 314 24.11 -19.29 14.34
C GLU D 314 22.95 -18.89 15.27
N HIS D 315 21.81 -18.51 14.66
CA HIS D 315 20.63 -18.19 15.42
C HIS D 315 20.10 -19.47 16.05
N PRO D 316 19.61 -19.42 17.32
CA PRO D 316 19.11 -20.65 17.96
C PRO D 316 18.03 -21.40 17.20
N MET D 317 17.12 -20.65 16.54
CA MET D 317 16.12 -21.27 15.70
C MET D 317 16.76 -21.88 14.44
N ALA D 318 17.79 -21.20 13.90
CA ALA D 318 18.60 -21.78 12.82
C ALA D 318 19.36 -23.03 13.32
N ALA D 319 19.87 -22.98 14.56
CA ALA D 319 20.61 -24.10 15.11
C ALA D 319 19.67 -25.27 15.30
N LEU D 320 18.46 -25.01 15.81
CA LEU D 320 17.44 -26.05 15.91
C LEU D 320 17.09 -26.55 14.51
N ALA D 321 16.90 -25.63 13.54
CA ALA D 321 16.48 -26.05 12.21
C ALA D 321 17.58 -26.91 11.55
N ARG D 322 18.84 -26.59 11.85
CA ARG D 322 19.94 -27.35 11.30
C ARG D 322 20.02 -28.73 11.96
N GLY D 323 19.45 -28.86 13.16
CA GLY D 323 19.42 -30.15 13.82
C GLY D 323 20.42 -30.28 14.95
N ALA D 324 21.04 -29.17 15.37
CA ALA D 324 22.06 -29.17 16.41
C ALA D 324 21.58 -29.83 17.70
N ALA D 325 20.29 -29.71 18.06
CA ALA D 325 19.78 -30.28 19.30
C ALA D 325 18.79 -31.40 19.01
N ARG D 326 18.99 -32.13 17.92
CA ARG D 326 18.07 -33.16 17.49
C ARG D 326 17.95 -34.29 18.51
N ASP D 327 19.02 -34.58 19.22
CA ASP D 327 19.01 -35.59 20.25
C ASP D 327 18.42 -35.03 21.55
N VAL D 328 18.48 -33.72 21.80
CA VAL D 328 17.97 -33.14 23.06
C VAL D 328 16.45 -33.16 23.06
N ALA D 329 15.87 -33.68 24.15
CA ALA D 329 14.43 -33.69 24.35
C ALA D 329 13.99 -32.42 25.09
N VAL D 330 12.93 -31.76 24.60
CA VAL D 330 12.54 -30.44 25.08
C VAL D 330 11.09 -30.48 25.58
N LEU D 331 10.83 -29.78 26.70
CA LEU D 331 9.47 -29.40 27.12
C LEU D 331 9.31 -27.87 27.06
N VAL D 332 8.28 -27.39 26.33
CA VAL D 332 8.14 -25.96 26.08
C VAL D 332 6.67 -25.55 26.21
N GLY D 333 6.43 -24.35 26.73
CA GLY D 333 5.07 -23.85 26.90
C GLY D 333 5.01 -22.36 27.16
N VAL D 334 3.76 -21.86 27.23
CA VAL D 334 3.44 -20.49 27.57
C VAL D 334 2.23 -20.42 28.50
N ASN D 335 2.05 -19.23 29.09
CA ASN D 335 0.83 -18.90 29.81
C ASN D 335 -0.19 -18.24 28.87
N LYS D 336 -1.47 -18.27 29.26
CA LYS D 336 -2.60 -17.81 28.42
C LYS D 336 -2.59 -16.31 28.18
N ASP D 337 -2.30 -15.52 29.23
CA ASP D 337 -2.28 -14.07 29.07
C ASP D 337 -0.92 -13.50 29.44
N GLU D 338 0.15 -13.89 28.74
CA GLU D 338 1.51 -13.50 29.11
C GLU D 338 1.62 -11.97 29.24
N TYR D 339 1.19 -11.21 28.22
CA TYR D 339 1.50 -9.79 28.15
C TYR D 339 0.65 -8.98 29.13
N ASN D 340 -0.39 -9.58 29.76
CA ASN D 340 -1.21 -8.88 30.72
C ASN D 340 -0.41 -8.33 31.89
N LEU D 341 0.72 -8.97 32.23
CA LEU D 341 1.57 -8.42 33.27
C LEU D 341 1.87 -6.95 32.97
N PHE D 342 2.07 -6.63 31.70
CA PHE D 342 2.51 -5.29 31.31
C PHE D 342 1.42 -4.24 31.51
N ALA D 343 0.14 -4.65 31.64
CA ALA D 343 -0.94 -3.73 31.98
C ALA D 343 -0.65 -2.93 33.25
N LEU D 344 0.08 -3.53 34.17
CA LEU D 344 0.50 -2.86 35.38
C LEU D 344 1.45 -1.73 35.04
N GLN D 345 2.33 -1.95 34.04
CA GLN D 345 3.23 -0.91 33.57
C GLN D 345 2.45 0.13 32.76
N ASP D 346 1.63 -0.33 31.81
CA ASP D 346 0.97 0.55 30.84
C ASP D 346 -0.52 0.25 30.80
N PRO D 347 -1.38 1.19 31.26
CA PRO D 347 -2.83 0.92 31.35
C PRO D 347 -3.59 0.96 30.04
N ALA D 348 -2.90 1.35 28.96
CA ALA D 348 -3.51 1.41 27.63
C ALA D 348 -4.09 0.07 27.24
N TRP D 349 -3.41 -1.02 27.68
CA TRP D 349 -3.85 -2.37 27.40
C TRP D 349 -5.18 -2.67 28.03
N LEU D 350 -5.60 -1.88 29.01
CA LEU D 350 -6.98 -1.89 29.50
C LEU D 350 -7.82 -0.85 28.76
N GLY D 351 -7.17 0.15 28.15
CA GLY D 351 -7.87 1.29 27.58
C GLY D 351 -8.33 1.09 26.13
N ASP D 352 -9.25 1.95 25.66
CA ASP D 352 -9.78 1.91 24.31
C ASP D 352 -9.11 2.91 23.35
N ASP D 353 -7.96 3.48 23.76
CA ASP D 353 -7.23 4.40 22.89
C ASP D 353 -6.55 3.63 21.77
N GLU D 354 -7.10 3.75 20.56
CA GLU D 354 -6.60 2.99 19.42
C GLU D 354 -5.22 3.48 18.95
N ALA D 355 -5.02 4.79 18.92
CA ALA D 355 -3.82 5.34 18.35
C ALA D 355 -2.61 4.95 19.21
N ALA D 356 -2.77 4.95 20.53
CA ALA D 356 -1.65 4.66 21.41
C ALA D 356 -1.31 3.18 21.32
N LEU D 357 -2.35 2.34 21.29
CA LEU D 357 -2.14 0.88 21.27
C LEU D 357 -1.49 0.48 19.94
N ARG D 358 -1.93 1.10 18.85
CA ARG D 358 -1.40 0.72 17.51
C ARG D 358 0.10 1.00 17.48
N GLN D 359 0.52 2.13 18.05
CA GLN D 359 1.96 2.50 18.00
C GLN D 359 2.81 1.46 18.75
N ARG D 360 2.34 1.01 19.91
CA ARG D 360 3.10 -0.02 20.66
C ARG D 360 3.15 -1.31 19.83
N VAL D 361 2.03 -1.71 19.23
CA VAL D 361 1.99 -2.91 18.36
C VAL D 361 2.87 -2.68 17.12
N GLU D 362 2.80 -1.49 16.54
CA GLU D 362 3.53 -1.23 15.27
C GLU D 362 5.04 -1.34 15.50
N ALA D 363 5.52 -0.81 16.62
CA ALA D 363 6.98 -0.83 16.89
C ALA D 363 7.48 -2.26 16.82
N VAL D 364 6.63 -3.21 17.19
CA VAL D 364 7.06 -4.60 17.25
C VAL D 364 7.00 -5.27 15.88
N VAL D 365 5.86 -5.15 15.19
CA VAL D 365 5.59 -5.96 14.01
C VAL D 365 5.65 -5.13 12.72
N GLY D 366 5.86 -3.81 12.83
CA GLY D 366 6.11 -2.95 11.69
C GLY D 366 4.97 -3.01 10.66
N PRO D 367 5.29 -3.35 9.39
CA PRO D 367 4.28 -3.32 8.32
C PRO D 367 3.12 -4.29 8.53
N ALA D 368 3.36 -5.36 9.31
CA ALA D 368 2.37 -6.41 9.50
C ALA D 368 1.26 -6.00 10.48
N ALA D 369 1.45 -4.86 11.17
CA ALA D 369 0.59 -4.47 12.29
C ALA D 369 -0.90 -4.44 11.90
N GLY D 370 -1.21 -3.73 10.82
CA GLY D 370 -2.59 -3.43 10.45
C GLY D 370 -3.47 -4.65 10.29
N ARG D 371 -3.02 -5.63 9.51
CA ARG D 371 -3.83 -6.81 9.22
C ARG D 371 -4.08 -7.65 10.49
N LEU D 372 -3.05 -7.85 11.30
CA LEU D 372 -3.16 -8.72 12.47
C LEU D 372 -4.13 -8.13 13.50
N ILE D 373 -4.10 -6.81 13.66
CA ILE D 373 -4.99 -6.12 14.58
C ILE D 373 -6.43 -6.30 14.16
N GLU D 374 -6.69 -6.29 12.84
CA GLU D 374 -8.02 -6.58 12.31
C GLU D 374 -8.41 -8.01 12.70
N PHE D 375 -7.47 -8.94 12.56
CA PHE D 375 -7.72 -10.33 12.92
C PHE D 375 -7.94 -10.42 14.43
N TYR D 376 -7.09 -9.73 15.21
CA TYR D 376 -7.17 -9.80 16.67
C TYR D 376 -8.43 -9.12 17.20
N ARG D 377 -8.78 -7.96 16.58
CA ARG D 377 -10.00 -7.23 16.91
C ARG D 377 -11.21 -8.08 16.58
N SER D 378 -11.12 -8.84 15.46
CA SER D 378 -12.24 -9.70 15.09
C SER D 378 -12.51 -10.74 16.17
N ARG D 379 -11.44 -11.32 16.72
CA ARG D 379 -11.57 -12.30 17.80
C ARG D 379 -11.72 -11.60 19.15
N GLY D 380 -12.15 -12.37 20.15
CA GLY D 380 -12.11 -11.83 21.52
C GLY D 380 -13.31 -11.05 22.01
N GLU D 381 -13.23 -10.59 23.26
CA GLU D 381 -14.33 -9.84 23.88
C GLU D 381 -13.71 -8.72 24.73
N GLY D 382 -14.48 -7.69 25.06
CA GLY D 382 -13.97 -6.65 25.97
C GLY D 382 -13.20 -5.54 25.29
N SER D 383 -12.54 -4.72 26.10
CA SER D 383 -11.83 -3.50 25.61
C SER D 383 -10.87 -3.74 24.43
N LEU D 384 -10.57 -2.67 23.72
CA LEU D 384 -9.63 -2.69 22.59
C LEU D 384 -8.24 -3.17 23.00
N GLY D 385 -7.75 -2.67 24.13
CA GLY D 385 -6.45 -3.09 24.62
C GLY D 385 -6.45 -4.57 25.00
N ARG D 386 -7.56 -5.01 25.59
CA ARG D 386 -7.73 -6.40 25.97
C ARG D 386 -7.62 -7.30 24.74
N ARG D 387 -8.16 -6.87 23.62
CA ARG D 387 -8.10 -7.65 22.39
C ARG D 387 -6.70 -7.57 21.79
N LEU D 388 -5.98 -6.45 22.00
CA LEU D 388 -4.61 -6.34 21.50
C LEU D 388 -3.55 -7.03 22.39
N LEU D 389 -3.87 -7.36 23.65
CA LEU D 389 -2.89 -8.02 24.50
C LEU D 389 -2.45 -9.39 23.99
N PRO D 390 -3.35 -10.29 23.51
CA PRO D 390 -2.89 -11.55 22.89
C PRO D 390 -2.00 -11.39 21.64
N LEU D 391 -2.14 -10.25 20.95
CA LEU D 391 -1.28 -9.91 19.82
C LEU D 391 0.17 -9.88 20.30
N MET D 392 0.39 -9.18 21.42
CA MET D 392 1.72 -9.07 21.98
C MET D 392 2.18 -10.42 22.57
N SER D 393 1.28 -11.19 23.17
CA SER D 393 1.64 -12.50 23.69
C SER D 393 2.14 -13.40 22.56
N TYR D 394 1.44 -13.42 21.43
CA TYR D 394 1.80 -14.31 20.34
C TYR D 394 3.09 -13.85 19.69
N ALA D 395 3.21 -12.55 19.44
CA ALA D 395 4.40 -12.06 18.76
C ALA D 395 5.61 -12.31 19.63
N VAL D 396 5.53 -11.99 20.91
CA VAL D 396 6.71 -12.01 21.76
C VAL D 396 6.92 -13.43 22.28
N PHE D 397 5.85 -14.14 22.63
CA PHE D 397 5.97 -15.38 23.40
C PHE D 397 5.51 -16.61 22.62
N VAL D 398 4.27 -16.61 22.15
CA VAL D 398 3.69 -17.83 21.63
C VAL D 398 4.43 -18.28 20.36
N ARG D 399 4.77 -17.35 19.46
CA ARG D 399 5.40 -17.73 18.21
C ARG D 399 6.80 -18.30 18.47
N GLY D 400 7.55 -17.70 19.41
CA GLY D 400 8.85 -18.25 19.79
C GLY D 400 8.74 -19.69 20.33
N MET D 401 7.73 -19.97 21.18
CA MET D 401 7.53 -21.31 21.72
C MET D 401 7.32 -22.26 20.55
N LEU D 402 6.40 -21.87 19.66
CA LEU D 402 6.00 -22.71 18.54
C LEU D 402 7.17 -22.97 17.59
N ALA D 403 8.02 -21.96 17.34
CA ALA D 403 9.16 -22.16 16.46
C ALA D 403 10.15 -23.17 17.05
N THR D 404 10.39 -23.07 18.35
CA THR D 404 11.23 -24.04 19.03
C THR D 404 10.56 -25.41 18.96
N ALA D 405 9.29 -25.48 19.39
CA ALA D 405 8.62 -26.76 19.43
C ALA D 405 8.54 -27.37 18.03
N ASP D 406 8.26 -26.55 17.01
CA ASP D 406 8.04 -27.09 15.66
C ASP D 406 9.37 -27.57 15.09
N ALA D 407 10.47 -26.86 15.41
CA ALA D 407 11.80 -27.26 14.97
C ALA D 407 12.17 -28.60 15.61
N GLN D 408 11.84 -28.78 16.91
CA GLN D 408 12.21 -29.97 17.64
C GLN D 408 11.55 -31.21 17.06
N ALA D 409 10.26 -31.09 16.70
CA ALA D 409 9.51 -32.22 16.20
C ALA D 409 10.05 -32.67 14.84
N ARG D 410 10.54 -31.71 14.04
CA ARG D 410 11.00 -31.97 12.68
C ARG D 410 12.26 -32.82 12.66
N VAL D 411 13.26 -32.47 13.50
CA VAL D 411 14.50 -33.25 13.63
C VAL D 411 14.30 -34.61 14.33
N GLY D 412 13.12 -34.86 14.93
CA GLY D 412 12.82 -36.13 15.61
C GLY D 412 13.17 -36.08 17.10
N ALA D 413 13.43 -34.89 17.63
CA ALA D 413 13.64 -34.74 19.07
C ALA D 413 12.31 -34.92 19.79
N PRO D 414 12.22 -35.62 20.93
CA PRO D 414 10.96 -35.66 21.71
C PRO D 414 10.63 -34.29 22.27
N VAL D 415 9.42 -33.80 22.00
CA VAL D 415 9.03 -32.48 22.44
C VAL D 415 7.63 -32.55 23.01
N TRP D 416 7.42 -31.71 24.02
CA TRP D 416 6.12 -31.58 24.65
C TRP D 416 5.74 -30.11 24.80
N ALA D 417 4.44 -29.86 24.69
CA ALA D 417 3.90 -28.51 24.74
C ALA D 417 2.85 -28.46 25.84
N TYR D 418 2.82 -27.34 26.57
CA TYR D 418 1.79 -27.10 27.57
C TYR D 418 1.23 -25.69 27.44
N ARG D 419 0.05 -25.49 28.05
CA ARG D 419 -0.46 -24.16 28.30
C ARG D 419 -1.00 -24.04 29.73
N PHE D 420 -0.62 -22.94 30.41
CA PHE D 420 -1.05 -22.67 31.78
C PHE D 420 -2.16 -21.64 31.74
N ASP D 421 -3.39 -22.04 32.13
CA ASP D 421 -4.59 -21.21 32.02
C ASP D 421 -5.08 -20.69 33.36
N PHE D 422 -4.46 -21.05 34.47
CA PHE D 422 -4.87 -20.55 35.78
C PHE D 422 -4.69 -19.02 35.81
N GLU D 423 -5.74 -18.31 36.24
CA GLU D 423 -5.71 -16.85 36.20
C GLU D 423 -5.61 -16.30 37.62
N THR D 424 -4.76 -15.30 37.81
CA THR D 424 -4.75 -14.59 39.07
C THR D 424 -5.98 -13.65 39.12
N PRO D 425 -6.76 -13.64 40.23
CA PRO D 425 -7.84 -12.65 40.42
C PRO D 425 -7.43 -11.30 41.01
N VAL D 426 -6.16 -11.08 41.25
CA VAL D 426 -5.73 -9.80 41.83
C VAL D 426 -6.03 -8.63 40.88
N LEU D 427 -6.27 -7.44 41.43
CA LEU D 427 -6.63 -6.25 40.64
C LEU D 427 -7.75 -6.58 39.62
N GLY D 428 -8.81 -7.27 40.08
CA GLY D 428 -10.02 -7.48 39.30
C GLY D 428 -9.91 -8.63 38.28
N GLY D 429 -8.86 -9.44 38.37
CA GLY D 429 -8.65 -10.54 37.43
C GLY D 429 -8.13 -10.10 36.06
N VAL D 430 -7.70 -8.85 35.88
CA VAL D 430 -7.31 -8.29 34.59
C VAL D 430 -5.99 -8.88 34.14
N LEU D 431 -5.19 -9.35 35.10
CA LEU D 431 -3.91 -9.97 34.76
C LEU D 431 -4.09 -11.35 34.18
N GLY D 432 -5.09 -12.11 34.64
CA GLY D 432 -5.31 -13.50 34.24
C GLY D 432 -4.08 -14.39 34.40
N ALA D 433 -3.81 -15.23 33.39
CA ALA D 433 -2.64 -16.11 33.40
C ALA D 433 -1.44 -15.38 32.83
N CYS D 434 -0.91 -14.44 33.61
CA CYS D 434 0.12 -13.53 33.15
C CYS D 434 1.49 -14.21 33.06
N HIS D 435 2.39 -13.51 32.36
CA HIS D 435 3.79 -13.87 32.26
C HIS D 435 4.40 -14.02 33.66
N ALA D 436 5.12 -15.13 33.87
CA ALA D 436 5.86 -15.49 35.07
C ALA D 436 4.99 -16.08 36.18
N LEU D 437 3.69 -16.22 35.94
CA LEU D 437 2.83 -16.68 37.01
C LEU D 437 3.16 -18.14 37.31
N GLU D 438 3.63 -18.87 36.32
CA GLU D 438 3.81 -20.30 36.54
C GLU D 438 5.01 -20.57 37.47
N ILE D 439 5.92 -19.58 37.64
CA ILE D 439 7.17 -19.80 38.35
C ILE D 439 6.92 -20.39 39.74
N PRO D 440 6.08 -19.80 40.63
CA PRO D 440 5.81 -20.42 41.94
C PRO D 440 5.14 -21.78 41.78
N PHE D 441 4.39 -21.95 40.69
CA PHE D 441 3.71 -23.20 40.46
C PHE D 441 4.69 -24.31 40.09
N VAL D 442 5.65 -23.96 39.25
CA VAL D 442 6.66 -24.89 38.82
C VAL D 442 7.47 -25.39 40.03
N PHE D 443 7.86 -24.48 40.94
CA PHE D 443 8.72 -24.78 42.07
C PHE D 443 7.91 -25.24 43.28
N ASN D 444 6.61 -25.06 43.26
CA ASN D 444 5.77 -25.25 44.44
C ASN D 444 6.27 -24.39 45.61
N THR D 445 6.62 -23.12 45.30
CA THR D 445 7.08 -22.15 46.29
C THR D 445 6.04 -21.04 46.51
N LEU D 446 4.75 -21.37 46.37
CA LEU D 446 3.65 -20.44 46.52
C LEU D 446 3.63 -19.76 47.91
N ASP D 447 4.06 -20.49 48.96
CA ASP D 447 4.13 -19.90 50.29
C ASP D 447 5.40 -19.03 50.47
N ARG D 448 6.35 -19.04 49.52
CA ARG D 448 7.53 -18.20 49.67
C ARG D 448 7.18 -16.72 49.61
N ALA D 449 7.99 -15.92 50.26
CA ALA D 449 7.73 -14.51 50.44
C ALA D 449 7.27 -13.88 49.13
N GLY D 450 6.08 -13.24 49.16
CA GLY D 450 5.64 -12.41 48.06
C GLY D 450 4.92 -13.18 46.97
N ALA D 451 4.83 -14.51 47.03
CA ALA D 451 4.23 -15.30 45.93
C ALA D 451 2.70 -15.30 45.97
N ASP D 452 2.11 -15.32 47.17
CA ASP D 452 0.63 -15.38 47.32
C ASP D 452 0.01 -14.12 46.69
N ARG D 453 0.67 -12.99 46.85
CA ARG D 453 0.16 -11.72 46.29
C ARG D 453 0.07 -11.83 44.77
N PHE D 454 1.06 -12.47 44.14
CA PHE D 454 1.07 -12.63 42.66
C PHE D 454 0.05 -13.65 42.21
N THR D 455 -0.17 -14.71 42.99
CA THR D 455 -1.03 -15.79 42.51
C THR D 455 -2.43 -15.70 43.07
N GLY D 456 -2.66 -14.84 44.07
CA GLY D 456 -3.91 -14.92 44.82
C GLY D 456 -3.90 -16.05 45.85
N THR D 457 -5.01 -16.21 46.58
CA THR D 457 -5.09 -17.10 47.71
C THR D 457 -6.14 -18.17 47.48
N ALA D 458 -6.45 -18.46 46.23
CA ALA D 458 -7.47 -19.45 45.99
C ALA D 458 -6.91 -20.82 46.35
N PRO D 459 -7.72 -21.72 46.96
CA PRO D 459 -7.30 -23.11 47.21
C PRO D 459 -6.90 -23.94 46.00
N GLU D 460 -7.46 -23.63 44.84
CA GLU D 460 -7.21 -24.40 43.64
C GLU D 460 -5.74 -24.29 43.18
N ARG D 461 -4.99 -23.25 43.61
CA ARG D 461 -3.62 -23.10 43.13
C ARG D 461 -2.76 -24.30 43.51
N TYR D 462 -2.94 -24.86 44.70
CA TYR D 462 -2.11 -25.97 45.16
C TYR D 462 -2.32 -27.21 44.27
N ALA D 463 -3.58 -27.50 43.89
CA ALA D 463 -3.87 -28.68 43.09
C ALA D 463 -3.24 -28.53 41.70
N VAL D 464 -3.31 -27.32 41.15
CA VAL D 464 -2.70 -27.07 39.86
C VAL D 464 -1.18 -27.12 40.01
N ALA D 465 -0.67 -26.54 41.10
CA ALA D 465 0.75 -26.52 41.36
C ALA D 465 1.29 -27.96 41.50
N GLN D 466 0.62 -28.80 42.28
CA GLN D 466 1.12 -30.16 42.46
C GLN D 466 1.36 -30.88 41.13
N ALA D 467 0.41 -30.78 40.19
CA ALA D 467 0.59 -31.40 38.89
C ALA D 467 1.70 -30.70 38.10
N MET D 468 1.78 -29.37 38.21
CA MET D 468 2.82 -28.62 37.54
C MET D 468 4.18 -28.82 38.22
N HIS D 469 4.21 -28.78 39.55
CA HIS D 469 5.45 -29.01 40.26
C HIS D 469 6.03 -30.40 39.88
N ARG D 470 5.17 -31.44 39.84
CA ARG D 470 5.60 -32.79 39.58
C ARG D 470 5.97 -33.05 38.11
N ALA D 471 5.30 -32.38 37.16
CA ALA D 471 5.61 -32.56 35.75
C ALA D 471 7.06 -32.18 35.41
N TRP D 472 7.59 -31.14 36.04
CA TRP D 472 8.97 -30.79 35.77
C TRP D 472 9.92 -31.87 36.33
N ILE D 473 9.62 -32.31 37.57
CA ILE D 473 10.38 -33.37 38.21
C ILE D 473 10.46 -34.58 37.28
N ALA D 474 9.31 -35.06 36.78
CA ALA D 474 9.25 -36.29 35.97
C ALA D 474 9.99 -36.16 34.64
N PHE D 475 9.96 -34.99 34.04
CA PHE D 475 10.68 -34.78 32.78
C PHE D 475 12.19 -34.81 33.03
N ALA D 476 12.65 -34.13 34.07
CA ALA D 476 14.10 -34.10 34.35
C ALA D 476 14.61 -35.52 34.59
N ARG D 477 13.92 -36.33 35.50
CA ARG D 477 14.35 -37.68 35.82
C ARG D 477 14.25 -38.58 34.60
N GLU D 478 13.09 -38.54 33.83
CA GLU D 478 12.82 -39.58 32.81
C GLU D 478 12.73 -39.06 31.37
N GLY D 479 12.83 -37.75 31.17
CA GLY D 479 12.63 -37.24 29.81
C GLY D 479 11.17 -37.21 29.36
N ASN D 480 10.25 -37.45 30.30
CA ASN D 480 8.84 -37.44 30.01
C ASN D 480 8.15 -36.73 31.17
N PRO D 481 7.38 -35.63 30.95
CA PRO D 481 6.67 -34.97 32.03
C PRO D 481 5.43 -35.69 32.52
N GLN D 482 5.02 -36.76 31.83
CA GLN D 482 3.84 -37.51 32.28
C GLN D 482 3.98 -37.98 33.74
N HIS D 483 2.86 -37.84 34.49
CA HIS D 483 2.69 -38.48 35.79
C HIS D 483 1.20 -38.63 36.08
N ASP D 484 0.89 -39.30 37.18
CA ASP D 484 -0.49 -39.73 37.43
C ASP D 484 -1.41 -38.56 37.72
N GLY D 485 -0.86 -37.49 38.29
CA GLY D 485 -1.65 -36.33 38.66
C GLY D 485 -2.11 -35.57 37.42
N LEU D 486 -1.66 -36.04 36.25
CA LEU D 486 -2.08 -35.50 34.97
C LEU D 486 -2.71 -36.59 34.12
N PRO D 487 -3.64 -36.23 33.21
CA PRO D 487 -4.16 -37.20 32.24
C PRO D 487 -3.07 -37.54 31.25
N GLU D 488 -3.33 -38.56 30.45
CA GLU D 488 -2.37 -38.95 29.43
C GLU D 488 -2.02 -37.74 28.57
N TRP D 489 -0.72 -37.43 28.48
CA TRP D 489 -0.20 -36.19 27.93
C TRP D 489 0.54 -36.53 26.65
N PRO D 490 -0.06 -36.32 25.46
CA PRO D 490 0.57 -36.73 24.21
C PRO D 490 1.78 -35.87 23.86
N ARG D 491 2.76 -36.48 23.18
CA ARG D 491 3.86 -35.70 22.64
C ARG D 491 3.35 -34.69 21.63
N TYR D 492 3.90 -33.47 21.71
CA TYR D 492 3.63 -32.47 20.68
C TYR D 492 4.31 -32.89 19.37
N ASP D 493 3.52 -32.87 18.29
CA ASP D 493 4.02 -33.10 16.95
C ASP D 493 3.22 -32.25 15.98
N LEU D 494 3.76 -32.08 14.77
CA LEU D 494 3.13 -31.24 13.76
C LEU D 494 1.78 -31.82 13.32
N GLU D 495 1.69 -33.15 13.35
CA GLU D 495 0.50 -33.87 12.92
C GLU D 495 -0.69 -33.49 13.81
N GLU D 496 -0.53 -33.56 15.13
CA GLU D 496 -1.65 -33.36 16.06
C GLU D 496 -1.56 -32.04 16.82
N ARG D 497 -0.33 -31.56 17.11
CA ARG D 497 -0.14 -30.27 17.77
C ARG D 497 -0.81 -30.29 19.16
N ALA D 498 -0.67 -31.44 19.82
CA ALA D 498 -1.24 -31.65 21.13
C ALA D 498 -0.50 -30.78 22.17
N VAL D 499 -1.28 -30.12 23.02
CA VAL D 499 -0.80 -29.21 24.04
C VAL D 499 -1.58 -29.49 25.32
N MET D 500 -0.87 -29.82 26.40
CA MET D 500 -1.48 -30.03 27.70
C MET D 500 -1.83 -28.68 28.31
N VAL D 501 -3.07 -28.54 28.79
CA VAL D 501 -3.51 -27.32 29.45
C VAL D 501 -3.55 -27.56 30.96
N PHE D 502 -2.81 -26.74 31.69
CA PHE D 502 -2.84 -26.77 33.14
C PHE D 502 -3.94 -25.84 33.60
N ALA D 503 -4.87 -26.42 34.38
CA ALA D 503 -6.06 -25.70 34.83
C ALA D 503 -6.56 -26.35 36.09
N VAL D 504 -7.63 -25.80 36.68
CA VAL D 504 -8.25 -26.47 37.82
C VAL D 504 -8.63 -27.91 37.41
N GLU D 505 -9.25 -28.08 36.25
CA GLU D 505 -9.26 -29.38 35.58
C GLU D 505 -8.36 -29.31 34.33
N PRO D 506 -7.16 -29.93 34.38
CA PRO D 506 -6.26 -29.89 33.23
C PRO D 506 -6.76 -30.75 32.10
N ARG D 507 -6.59 -30.26 30.86
CA ARG D 507 -7.11 -30.96 29.69
C ARG D 507 -6.12 -30.79 28.55
N VAL D 508 -6.14 -31.76 27.63
CA VAL D 508 -5.41 -31.63 26.39
C VAL D 508 -6.28 -30.99 25.32
N GLU D 509 -5.76 -29.90 24.73
CA GLU D 509 -6.42 -29.27 23.59
C GLU D 509 -5.48 -29.35 22.40
N ARG D 510 -6.02 -29.71 21.21
CA ARG D 510 -5.23 -29.84 20.00
C ARG D 510 -5.28 -28.55 19.17
N ASP D 511 -4.06 -28.07 18.80
CA ASP D 511 -3.86 -26.94 17.91
C ASP D 511 -4.66 -25.77 18.47
N PRO D 512 -4.43 -25.37 19.74
CA PRO D 512 -5.20 -24.31 20.36
C PRO D 512 -4.92 -22.98 19.66
N TRP D 513 -3.73 -22.82 19.07
CA TRP D 513 -3.40 -21.56 18.39
C TRP D 513 -3.63 -21.64 16.88
N ARG D 514 -4.54 -22.52 16.43
CA ARG D 514 -4.68 -22.82 15.01
C ARG D 514 -4.87 -21.56 14.15
N ALA D 515 -5.77 -20.67 14.62
CA ALA D 515 -6.15 -19.48 13.89
C ALA D 515 -4.94 -18.57 13.73
N GLU D 516 -4.18 -18.41 14.81
CA GLU D 516 -3.01 -17.50 14.77
C GLU D 516 -1.92 -18.06 13.84
N ARG D 517 -1.67 -19.37 13.89
CA ARG D 517 -0.55 -19.93 13.08
C ARG D 517 -0.84 -19.69 11.59
N GLU D 518 -2.09 -19.88 11.17
CA GLU D 518 -2.48 -19.67 9.76
C GLU D 518 -2.43 -18.18 9.42
N VAL D 519 -3.10 -17.36 10.21
CA VAL D 519 -3.19 -15.93 9.91
C VAL D 519 -1.80 -15.31 9.91
N TRP D 520 -0.95 -15.67 10.88
CA TRP D 520 0.39 -15.12 10.93
C TRP D 520 1.24 -15.52 9.72
N ALA D 521 1.02 -16.74 9.20
CA ALA D 521 1.75 -17.27 8.06
C ALA D 521 1.18 -16.66 6.80
N ALA D 522 -0.15 -16.60 6.73
CA ALA D 522 -0.86 -16.40 5.48
C ALA D 522 -1.39 -14.97 5.41
N ALA D 523 -2.09 -14.64 4.32
CA ALA D 523 -2.74 -13.34 4.11
C ALA D 523 -4.09 -13.58 3.44
S SO4 E . -42.08 -14.56 4.82
O1 SO4 E . -42.76 -15.87 5.05
O2 SO4 E . -42.84 -13.72 3.82
O3 SO4 E . -42.00 -13.88 6.11
O4 SO4 E . -40.71 -14.80 4.33
N01 A1D5F F . 8.95 -2.54 -16.13
C02 A1D5F F . 9.35 -3.93 -16.05
C03 A1D5F F . 10.65 -4.36 -15.74
C04 A1D5F F . 10.93 -5.73 -15.72
C05 A1D5F F . 8.38 -4.84 -16.31
C06 A1D5F F . 8.66 -6.19 -16.29
C07 A1D5F F . 9.92 -6.66 -15.98
C08 A1D5F F . 10.04 -8.24 -16.00
C09 A1D5F F . 11.24 -8.89 -15.26
C10 A1D5F F . 11.61 -10.13 -15.67
C11 A1D5F F . 12.67 -10.79 -15.05
C12 A1D5F F . 13.38 -10.16 -14.03
N13 A1D5F F . 14.48 -10.86 -13.43
C14 A1D5F F . 15.36 -10.18 -12.51
O15 A1D5F F . 15.31 -10.50 -11.18
C16 A1D5F F . 15.62 -9.44 -10.30
C17 A1D5F F . 14.41 -8.43 -10.21
C18 A1D5F F . 14.78 -7.05 -10.76
C19 A1D5F F . 15.71 -6.34 -9.75
O20 A1D5F F . 16.63 -5.64 -10.53
O21 A1D5F F . 16.07 -9.38 -12.88
C22 A1D5F F . 13.02 -8.94 -13.62
C23 A1D5F F . 11.96 -8.30 -14.23
#